data_8VV0
#
_entry.id   8VV0
#
_cell.length_a   1.00
_cell.length_b   1.00
_cell.length_c   1.00
_cell.angle_alpha   90.00
_cell.angle_beta   90.00
_cell.angle_gamma   90.00
#
_symmetry.space_group_name_H-M   'P 1'
#
loop_
_entity.id
_entity.type
_entity.pdbx_description
1 polymer 'Gamma-aminobutyric acid receptor subunit pi'
2 branched alpha-D-mannopyranose-(1-4)-beta-D-mannopyranose-(1-4)-2-acetamido-2-deoxy-beta-D-glucopyranose-(1-4)-2-acetamido-2-deoxy-beta-D-glucopyranose
3 non-polymer 2-acetamido-2-deoxy-beta-D-glucopyranose
4 non-polymer 'GAMMA-AMINO-BUTANOIC ACID'
#
_entity_poly.entity_id   1
_entity_poly.type   'polypeptide(L)'
_entity_poly.pdbx_seq_one_letter_code
;SQFNVEVGRSDKLSLPGFENLTAGYNKFLRPNFGGEPVQIALTLDIASISSISESNMDYTATIYLRQRWMDQRLVFEGNK
SFTLDARLVEFLWVPDTYIVESKKSFLHEVTVGNRLIRLFSNGTVLYALRITTTVACNMDLSKYPMDTQTCKLQLESWGY
DGNDVEFTWLRGNDSVRGLEHLRLAQYTIERYFTLVTRSQQETGNYTRLVLQFELRRNVLYFILETYVPSTFLVVLSWVS
FWISLDSVPARTCIGVTTVLSMTTLMIGSRTSLPNTNCFIKAIDVYLGICFSFVFGALLEYAVAHYSSLSQPARAANVDH
YSKLLFPLIFMLANVFYWAYYMYFEFGGSRGSAWSHPQFEKGGGSGGGSGGSAWSHPQFEK
;
_entity_poly.pdbx_strand_id   A,B,C,D,E
#
loop_
_chem_comp.id
_chem_comp.type
_chem_comp.name
_chem_comp.formula
ABU non-polymer 'GAMMA-AMINO-BUTANOIC ACID' 'C4 H9 N O2'
BMA D-saccharide, beta linking beta-D-mannopyranose 'C6 H12 O6'
MAN D-saccharide, alpha linking alpha-D-mannopyranose 'C6 H12 O6'
NAG D-saccharide, beta linking 2-acetamido-2-deoxy-beta-D-glucopyranose 'C8 H15 N O6'
#
# COMPACT_ATOMS: atom_id res chain seq x y z
N THR A 22 -11.44 8.59 -50.58
CA THR A 22 -10.34 8.27 -49.69
C THR A 22 -10.81 7.43 -48.51
N ALA A 23 -9.98 7.35 -47.47
CA ALA A 23 -10.28 6.56 -46.27
C ALA A 23 -11.13 7.40 -45.32
N GLY A 24 -12.37 7.65 -45.73
CA GLY A 24 -13.31 8.37 -44.91
C GLY A 24 -13.78 7.54 -43.73
N TYR A 25 -14.49 6.45 -44.02
CA TYR A 25 -14.88 5.46 -43.01
C TYR A 25 -13.99 4.23 -43.03
N ASN A 26 -12.89 4.28 -43.76
CA ASN A 26 -11.96 3.15 -43.89
C ASN A 26 -10.92 3.12 -42.78
N LYS A 27 -11.01 4.01 -41.80
CA LYS A 27 -10.10 3.97 -40.67
C LYS A 27 -10.24 2.66 -39.88
N PHE A 28 -11.40 2.01 -39.98
CA PHE A 28 -11.55 0.67 -39.41
C PHE A 28 -10.90 -0.40 -40.27
N LEU A 29 -10.62 -0.10 -41.54
CA LEU A 29 -10.00 -1.05 -42.45
C LEU A 29 -8.48 -0.87 -42.41
N ARG A 30 -7.77 -1.98 -42.21
CA ARG A 30 -6.32 -1.94 -42.24
C ARG A 30 -5.83 -1.65 -43.66
N PRO A 31 -4.62 -1.12 -43.81
CA PRO A 31 -4.08 -0.88 -45.16
C PRO A 31 -4.02 -2.19 -45.94
N ASN A 32 -4.33 -2.09 -47.23
CA ASN A 32 -4.46 -3.25 -48.11
C ASN A 32 -5.45 -4.26 -47.52
N PHE A 33 -6.67 -3.79 -47.31
CA PHE A 33 -7.72 -4.59 -46.69
C PHE A 33 -8.13 -5.69 -47.67
N GLY A 34 -7.60 -6.90 -47.46
CA GLY A 34 -7.82 -7.99 -48.37
C GLY A 34 -6.64 -8.20 -49.30
N GLY A 35 -5.80 -9.18 -48.98
CA GLY A 35 -4.61 -9.44 -49.78
C GLY A 35 -3.35 -9.52 -48.94
N GLU A 36 -2.31 -8.81 -49.38
CA GLU A 36 -1.05 -8.83 -48.64
C GLU A 36 -1.21 -8.15 -47.30
N PRO A 37 -0.59 -8.67 -46.24
CA PRO A 37 -0.70 -8.04 -44.92
C PRO A 37 0.16 -6.78 -44.83
N VAL A 38 0.00 -6.08 -43.72
CA VAL A 38 0.75 -4.87 -43.44
C VAL A 38 2.04 -5.24 -42.71
N GLN A 39 3.16 -4.80 -43.26
CA GLN A 39 4.48 -5.06 -42.66
C GLN A 39 4.81 -3.88 -41.75
N ILE A 40 4.71 -4.09 -40.44
CA ILE A 40 4.97 -3.06 -39.45
C ILE A 40 6.34 -3.32 -38.83
N ALA A 41 7.24 -2.36 -38.97
CA ALA A 41 8.57 -2.41 -38.37
C ALA A 41 8.53 -1.78 -36.99
N LEU A 42 9.11 -2.47 -36.01
CA LEU A 42 9.06 -2.05 -34.61
C LEU A 42 10.40 -1.55 -34.13
N THR A 43 10.37 -0.60 -33.22
CA THR A 43 11.56 -0.08 -32.54
C THR A 43 11.22 0.15 -31.08
N LEU A 44 12.09 -0.31 -30.19
CA LEU A 44 11.86 -0.18 -28.76
C LEU A 44 12.98 0.65 -28.13
N ASP A 45 12.60 1.42 -27.12
CA ASP A 45 13.55 2.27 -26.40
C ASP A 45 13.12 2.28 -24.94
N ILE A 46 13.72 1.40 -24.14
CA ILE A 46 13.38 1.30 -22.72
C ILE A 46 14.02 2.49 -22.01
N ALA A 47 13.18 3.47 -21.66
CA ALA A 47 13.69 4.65 -20.96
C ALA A 47 14.17 4.29 -19.57
N SER A 48 13.42 3.45 -18.86
CA SER A 48 13.77 3.03 -17.51
C SER A 48 12.89 1.86 -17.11
N ILE A 49 13.52 0.87 -16.47
CA ILE A 49 12.79 -0.23 -15.85
C ILE A 49 12.49 0.21 -14.42
N SER A 50 11.24 0.61 -14.18
CA SER A 50 10.90 1.28 -12.92
C SER A 50 11.10 0.35 -11.74
N SER A 51 10.69 -0.91 -11.83
CA SER A 51 10.81 -1.81 -10.71
C SER A 51 10.85 -3.25 -11.20
N ILE A 52 11.38 -4.14 -10.36
CA ILE A 52 11.40 -5.58 -10.62
C ILE A 52 10.94 -6.24 -9.32
N SER A 53 9.67 -6.64 -9.26
CA SER A 53 9.09 -7.20 -8.05
C SER A 53 9.12 -8.72 -8.14
N GLU A 54 9.93 -9.35 -7.28
CA GLU A 54 9.95 -10.80 -7.19
C GLU A 54 8.74 -11.36 -6.44
N SER A 55 8.21 -10.60 -5.49
CA SER A 55 7.02 -11.05 -4.77
C SER A 55 5.83 -11.17 -5.70
N ASN A 56 5.62 -10.19 -6.56
CA ASN A 56 4.57 -10.25 -7.58
C ASN A 56 5.05 -10.88 -8.87
N MET A 57 6.35 -11.13 -9.01
CA MET A 57 6.93 -11.80 -10.18
C MET A 57 6.60 -11.03 -11.47
N ASP A 58 7.02 -9.77 -11.49
CA ASP A 58 6.79 -8.92 -12.65
C ASP A 58 7.83 -7.81 -12.66
N TYR A 59 7.77 -6.96 -13.70
CA TYR A 59 8.64 -5.81 -13.80
C TYR A 59 7.89 -4.67 -14.49
N THR A 60 8.03 -3.47 -13.93
CA THR A 60 7.43 -2.27 -14.47
C THR A 60 8.49 -1.44 -15.15
N ALA A 61 8.27 -1.11 -16.42
CA ALA A 61 9.24 -0.40 -17.23
C ALA A 61 8.54 0.54 -18.19
N THR A 62 9.20 1.65 -18.53
CA THR A 62 8.67 2.62 -19.48
C THR A 62 9.39 2.43 -20.82
N ILE A 63 8.63 2.33 -21.90
CA ILE A 63 9.17 2.06 -23.21
C ILE A 63 8.67 3.11 -24.20
N TYR A 64 9.50 3.37 -25.21
CA TYR A 64 9.18 4.27 -26.31
C TYR A 64 8.89 3.40 -27.52
N LEU A 65 7.63 2.99 -27.66
CA LEU A 65 7.22 2.08 -28.72
C LEU A 65 7.10 2.86 -30.02
N ARG A 66 7.85 2.46 -31.05
CA ARG A 66 7.81 3.10 -32.36
C ARG A 66 7.40 2.07 -33.40
N GLN A 67 6.40 2.41 -34.21
CA GLN A 67 5.92 1.54 -35.26
C GLN A 67 5.92 2.28 -36.59
N ARG A 68 6.33 1.58 -37.64
CA ARG A 68 6.40 2.15 -38.99
C ARG A 68 5.72 1.20 -39.96
N TRP A 69 4.66 1.65 -40.61
CA TRP A 69 3.98 0.89 -41.65
C TRP A 69 3.72 1.80 -42.84
N MET A 70 3.09 1.25 -43.87
CA MET A 70 2.79 1.97 -45.10
C MET A 70 1.29 1.98 -45.32
N ASP A 71 0.71 3.17 -45.39
CA ASP A 71 -0.71 3.35 -45.67
C ASP A 71 -0.83 3.95 -47.06
N GLN A 72 -1.30 3.14 -48.02
CA GLN A 72 -1.41 3.62 -49.40
C GLN A 72 -2.46 4.72 -49.54
N ARG A 73 -3.48 4.70 -48.69
CA ARG A 73 -4.52 5.72 -48.74
C ARG A 73 -4.09 7.03 -48.10
N LEU A 74 -2.97 7.06 -47.38
CA LEU A 74 -2.50 8.25 -46.68
C LEU A 74 -1.33 8.91 -47.37
N VAL A 75 -1.10 8.61 -48.65
CA VAL A 75 0.01 9.18 -49.40
C VAL A 75 -0.37 10.56 -49.90
N PHE A 76 0.64 11.38 -50.16
CA PHE A 76 0.45 12.71 -50.70
C PHE A 76 1.63 13.06 -51.60
N GLU A 77 1.53 14.21 -52.26
CA GLU A 77 2.59 14.68 -53.14
C GLU A 77 3.52 15.63 -52.38
N GLY A 78 4.80 15.30 -52.35
CA GLY A 78 5.76 16.11 -51.63
C GLY A 78 7.11 15.43 -51.60
N ASN A 79 7.98 15.97 -50.73
CA ASN A 79 9.33 15.43 -50.60
C ASN A 79 9.70 15.25 -49.13
N LYS A 80 9.06 16.00 -48.24
CA LYS A 80 9.38 15.98 -46.82
C LYS A 80 8.24 15.37 -46.02
N SER A 81 8.55 15.00 -44.78
CA SER A 81 7.59 14.44 -43.85
C SER A 81 7.01 15.55 -42.97
N PHE A 82 5.87 15.25 -42.35
CA PHE A 82 5.19 16.22 -41.50
C PHE A 82 4.74 15.55 -40.22
N THR A 83 5.02 16.20 -39.09
CA THR A 83 4.61 15.73 -37.77
C THR A 83 3.22 16.28 -37.48
N LEU A 84 2.25 15.40 -37.28
CA LEU A 84 0.89 15.84 -37.01
C LEU A 84 0.58 15.70 -35.53
N ASP A 85 -0.52 16.32 -35.11
CA ASP A 85 -0.93 16.28 -33.71
C ASP A 85 -1.36 14.87 -33.32
N ALA A 86 -1.24 14.58 -32.03
CA ALA A 86 -1.66 13.28 -31.50
C ALA A 86 -3.15 13.03 -31.69
N ARG A 87 -3.96 14.08 -31.66
CA ARG A 87 -5.41 13.93 -31.85
C ARG A 87 -5.77 13.41 -33.23
N LEU A 88 -4.86 13.50 -34.20
CA LEU A 88 -5.10 12.88 -35.50
C LEU A 88 -5.09 11.37 -35.45
N VAL A 89 -4.53 10.77 -34.39
CA VAL A 89 -4.50 9.31 -34.27
C VAL A 89 -5.91 8.75 -34.25
N GLU A 90 -6.85 9.47 -33.65
CA GLU A 90 -8.24 9.03 -33.62
C GLU A 90 -8.89 8.99 -35.00
N PHE A 91 -8.27 9.61 -36.02
CA PHE A 91 -8.83 9.64 -37.36
C PHE A 91 -8.13 8.68 -38.32
N LEU A 92 -7.00 8.10 -37.94
CA LEU A 92 -6.24 7.21 -38.80
C LEU A 92 -6.29 5.78 -38.25
N TRP A 93 -5.70 4.87 -39.03
CA TRP A 93 -5.59 3.47 -38.61
C TRP A 93 -4.22 3.24 -37.98
N VAL A 94 -4.23 2.64 -36.80
CA VAL A 94 -2.98 2.32 -36.10
C VAL A 94 -3.01 0.85 -35.71
N PRO A 95 -1.86 0.17 -35.68
CA PRO A 95 -1.86 -1.25 -35.32
C PRO A 95 -2.29 -1.45 -33.87
N ASP A 96 -2.95 -2.57 -33.62
CA ASP A 96 -3.40 -2.93 -32.28
C ASP A 96 -2.32 -3.68 -31.51
N THR A 97 -1.14 -3.08 -31.42
CA THR A 97 -0.04 -3.68 -30.69
C THR A 97 -0.40 -3.79 -29.20
N TYR A 98 0.05 -4.87 -28.58
CA TYR A 98 -0.27 -5.12 -27.18
C TYR A 98 0.82 -6.00 -26.57
N ILE A 99 1.10 -5.75 -25.29
CA ILE A 99 2.06 -6.57 -24.57
C ILE A 99 1.37 -7.86 -24.12
N VAL A 100 2.00 -9.00 -24.44
CA VAL A 100 1.34 -10.29 -24.28
C VAL A 100 1.04 -10.56 -22.80
N GLU A 101 2.00 -10.28 -21.92
CA GLU A 101 1.89 -10.58 -20.51
C GLU A 101 1.82 -9.31 -19.65
N SER A 102 1.06 -8.32 -20.12
CA SER A 102 0.90 -7.07 -19.38
C SER A 102 -0.22 -7.22 -18.36
N LYS A 103 0.07 -6.85 -17.11
CA LYS A 103 -0.92 -6.85 -16.05
C LYS A 103 -1.60 -5.49 -15.92
N LYS A 104 -0.86 -4.40 -16.13
CA LYS A 104 -1.40 -3.06 -16.04
C LYS A 104 -0.49 -2.12 -16.81
N SER A 105 -1.05 -1.44 -17.81
CA SER A 105 -0.28 -0.52 -18.63
C SER A 105 -1.13 0.71 -18.91
N PHE A 106 -0.47 1.82 -19.22
CA PHE A 106 -1.16 3.05 -19.52
C PHE A 106 -0.27 3.94 -20.39
N LEU A 107 -0.88 4.55 -21.40
CA LEU A 107 -0.18 5.58 -22.17
C LEU A 107 -0.11 6.86 -21.35
N HIS A 108 1.07 7.47 -21.32
CA HIS A 108 1.27 8.64 -20.47
C HIS A 108 0.51 9.83 -21.00
N GLU A 109 -0.21 10.52 -20.11
CA GLU A 109 -0.89 11.78 -20.40
C GLU A 109 -0.39 12.81 -19.40
N VAL A 110 0.73 13.45 -19.73
CA VAL A 110 1.37 14.41 -18.84
C VAL A 110 0.77 15.79 -19.07
N THR A 111 0.89 16.30 -20.30
CA THR A 111 0.20 17.51 -20.73
C THR A 111 -0.81 17.21 -21.81
N VAL A 112 -0.43 16.45 -22.84
CA VAL A 112 -1.33 15.90 -23.82
C VAL A 112 -1.04 14.40 -23.92
N GLY A 113 -1.77 13.72 -24.81
CA GLY A 113 -1.50 12.32 -25.06
C GLY A 113 -0.13 12.14 -25.67
N ASN A 114 0.70 11.31 -25.03
CA ASN A 114 2.08 11.09 -25.47
C ASN A 114 2.07 10.21 -26.72
N ARG A 115 1.62 10.82 -27.83
CA ARG A 115 1.56 10.15 -29.12
C ARG A 115 2.24 11.01 -30.17
N LEU A 116 3.19 10.42 -30.87
CA LEU A 116 3.84 11.01 -32.03
C LEU A 116 3.30 10.35 -33.28
N ILE A 117 2.71 11.14 -34.17
CA ILE A 117 2.28 10.66 -35.48
C ILE A 117 3.00 11.48 -36.54
N ARG A 118 3.62 10.79 -37.49
CA ARG A 118 4.44 11.45 -38.50
C ARG A 118 4.09 10.83 -39.85
N LEU A 119 3.58 11.66 -40.77
CA LEU A 119 3.19 11.20 -42.08
C LEU A 119 4.29 11.52 -43.09
N PHE A 120 4.55 10.57 -43.99
CA PHE A 120 5.63 10.68 -44.96
C PHE A 120 5.07 10.71 -46.38
N SER A 121 5.92 11.12 -47.31
CA SER A 121 5.49 11.29 -48.70
C SER A 121 5.14 9.95 -49.34
N ASN A 122 5.96 8.93 -49.11
CA ASN A 122 5.73 7.66 -49.78
C ASN A 122 4.70 6.79 -49.09
N GLY A 123 4.13 7.25 -47.97
CA GLY A 123 3.14 6.49 -47.23
C GLY A 123 3.60 5.97 -45.89
N THR A 124 4.87 6.16 -45.53
CA THR A 124 5.35 5.70 -44.23
C THR A 124 4.68 6.49 -43.11
N VAL A 125 4.28 5.77 -42.07
CA VAL A 125 3.63 6.36 -40.90
C VAL A 125 4.45 6.00 -39.66
N LEU A 126 4.93 7.01 -38.96
CA LEU A 126 5.68 6.82 -37.73
C LEU A 126 4.74 7.06 -36.54
N TYR A 127 4.65 6.06 -35.65
CA TYR A 127 3.74 6.09 -34.51
C TYR A 127 4.55 5.77 -33.25
N ALA A 128 4.74 6.77 -32.40
CA ALA A 128 5.54 6.62 -31.19
C ALA A 128 4.68 6.86 -29.95
N LEU A 129 4.85 6.01 -28.95
CA LEU A 129 4.07 6.08 -27.71
C LEU A 129 4.98 5.85 -26.51
N ARG A 130 4.68 6.54 -25.41
CA ARG A 130 5.34 6.32 -24.14
C ARG A 130 4.43 5.43 -23.30
N ILE A 131 4.84 4.19 -23.08
CA ILE A 131 4.00 3.21 -22.40
C ILE A 131 4.72 2.72 -21.16
N THR A 132 4.11 2.92 -19.99
CA THR A 132 4.59 2.34 -18.75
C THR A 132 3.84 1.03 -18.54
N THR A 133 4.54 -0.08 -18.69
CA THR A 133 3.94 -1.40 -18.69
C THR A 133 4.47 -2.24 -17.52
N THR A 134 3.67 -3.21 -17.12
CA THR A 134 4.01 -4.14 -16.03
C THR A 134 3.90 -5.56 -16.57
N VAL A 135 5.02 -6.10 -17.01
CA VAL A 135 5.04 -7.42 -17.64
C VAL A 135 5.42 -8.46 -16.60
N ALA A 136 4.67 -9.56 -16.56
CA ALA A 136 4.91 -10.64 -15.62
C ALA A 136 5.81 -11.67 -16.28
N CYS A 137 7.03 -11.81 -15.76
CA CYS A 137 7.96 -12.85 -16.18
C CYS A 137 8.18 -13.80 -15.00
N ASN A 138 8.02 -15.09 -15.24
CA ASN A 138 8.17 -16.08 -14.19
C ASN A 138 9.61 -16.09 -13.68
N MET A 139 9.76 -16.11 -12.35
CA MET A 139 11.06 -16.05 -11.71
C MET A 139 11.31 -17.32 -10.91
N ASP A 140 12.47 -17.94 -11.13
CA ASP A 140 12.89 -19.11 -10.38
C ASP A 140 13.97 -18.68 -9.39
N LEU A 141 13.61 -18.64 -8.11
CA LEU A 141 14.49 -18.14 -7.06
C LEU A 141 15.23 -19.26 -6.34
N SER A 142 15.55 -20.36 -7.04
CA SER A 142 16.29 -21.44 -6.41
C SER A 142 17.70 -21.00 -6.03
N LYS A 143 18.42 -20.40 -6.98
CA LYS A 143 19.73 -19.82 -6.70
C LYS A 143 19.60 -18.32 -6.45
N TYR A 144 18.82 -17.98 -5.42
CA TYR A 144 18.37 -16.61 -5.21
C TYR A 144 19.49 -15.58 -5.15
N PRO A 145 20.59 -15.77 -4.40
CA PRO A 145 21.64 -14.74 -4.41
C PRO A 145 22.27 -14.53 -5.78
N MET A 146 22.39 -15.57 -6.60
CA MET A 146 23.00 -15.46 -7.92
C MET A 146 22.05 -15.85 -9.05
N ASP A 147 20.74 -15.66 -8.86
CA ASP A 147 19.79 -16.05 -9.90
C ASP A 147 19.88 -15.12 -11.09
N THR A 148 19.71 -15.69 -12.27
CA THR A 148 19.62 -14.94 -13.52
C THR A 148 18.22 -15.18 -14.11
N GLN A 149 17.44 -14.12 -14.20
CA GLN A 149 16.08 -14.23 -14.72
C GLN A 149 16.02 -13.75 -16.16
N THR A 150 15.55 -14.62 -17.05
CA THR A 150 15.41 -14.27 -18.47
C THR A 150 14.00 -13.74 -18.68
N CYS A 151 13.85 -12.43 -18.46
CA CYS A 151 12.53 -11.81 -18.56
C CYS A 151 12.31 -11.27 -19.97
N LYS A 152 11.08 -11.43 -20.45
CA LYS A 152 10.74 -11.13 -21.83
C LYS A 152 9.70 -10.02 -21.90
N LEU A 153 9.78 -9.23 -22.97
CA LEU A 153 8.76 -8.25 -23.32
C LEU A 153 8.30 -8.62 -24.73
N GLN A 154 7.05 -9.06 -24.83
CA GLN A 154 6.51 -9.56 -26.09
C GLN A 154 5.41 -8.63 -26.59
N LEU A 155 5.52 -8.24 -27.86
CA LEU A 155 4.55 -7.38 -28.51
C LEU A 155 3.86 -8.17 -29.61
N GLU A 156 2.54 -8.08 -29.66
CA GLU A 156 1.76 -8.85 -30.61
C GLU A 156 0.55 -8.04 -31.04
N SER A 157 -0.04 -8.42 -32.16
CA SER A 157 -1.28 -7.81 -32.61
C SER A 157 -2.45 -8.54 -31.97
N TRP A 158 -3.29 -7.81 -31.25
CA TRP A 158 -4.38 -8.44 -30.52
C TRP A 158 -5.45 -8.97 -31.46
N GLY A 159 -5.76 -8.23 -32.52
CA GLY A 159 -6.85 -8.61 -33.40
C GLY A 159 -6.43 -9.17 -34.73
N TYR A 160 -5.41 -8.59 -35.34
CA TYR A 160 -5.00 -8.96 -36.69
C TYR A 160 -3.96 -10.07 -36.62
N ASP A 161 -4.24 -11.17 -37.31
CA ASP A 161 -3.34 -12.33 -37.28
C ASP A 161 -2.20 -12.11 -38.27
N GLY A 162 -1.41 -13.16 -38.51
CA GLY A 162 -0.27 -13.06 -39.41
C GLY A 162 -0.64 -12.80 -40.85
N ASN A 163 -1.88 -13.11 -41.24
CA ASN A 163 -2.36 -12.83 -42.59
C ASN A 163 -2.85 -11.41 -42.76
N ASP A 164 -2.89 -10.62 -41.69
CA ASP A 164 -3.31 -9.22 -41.74
C ASP A 164 -2.23 -8.26 -41.29
N VAL A 165 -1.50 -8.59 -40.22
CA VAL A 165 -0.43 -7.75 -39.70
C VAL A 165 0.78 -8.64 -39.44
N GLU A 166 1.92 -8.27 -40.02
CA GLU A 166 3.20 -8.96 -39.80
C GLU A 166 4.12 -8.01 -39.06
N PHE A 167 4.42 -8.34 -37.81
CA PHE A 167 5.31 -7.51 -37.00
C PHE A 167 6.76 -7.91 -37.26
N THR A 168 7.62 -6.91 -37.46
CA THR A 168 9.02 -7.13 -37.76
C THR A 168 9.86 -6.12 -36.98
N TRP A 169 11.09 -6.52 -36.70
CA TRP A 169 12.06 -5.64 -36.04
C TRP A 169 12.76 -4.79 -37.10
N LEU A 170 12.86 -3.48 -36.83
CA LEU A 170 13.40 -2.56 -37.83
C LEU A 170 14.87 -2.83 -38.11
N ARG A 171 15.67 -3.08 -37.08
CA ARG A 171 17.11 -3.21 -37.23
C ARG A 171 17.65 -4.41 -36.45
N GLY A 172 16.83 -5.45 -36.33
CA GLY A 172 17.30 -6.67 -35.65
C GLY A 172 17.54 -6.41 -34.19
N ASN A 173 18.78 -6.55 -33.73
CA ASN A 173 19.06 -6.37 -32.29
C ASN A 173 19.51 -4.93 -32.04
N ASP A 174 19.58 -4.13 -33.10
CA ASP A 174 19.85 -2.67 -33.00
C ASP A 174 18.55 -1.94 -32.67
N SER A 175 17.40 -2.53 -33.01
CA SER A 175 16.11 -1.87 -32.83
C SER A 175 15.89 -1.45 -31.39
N VAL A 176 16.26 -2.29 -30.43
CA VAL A 176 16.06 -2.01 -29.02
C VAL A 176 17.25 -1.23 -28.48
N ARG A 177 16.98 -0.10 -27.84
CA ARG A 177 18.02 0.77 -27.30
C ARG A 177 17.71 1.08 -25.84
N GLY A 178 18.77 1.35 -25.08
CA GLY A 178 18.67 1.67 -23.68
C GLY A 178 18.91 0.51 -22.74
N LEU A 179 18.80 -0.73 -23.23
CA LEU A 179 19.02 -1.89 -22.38
C LEU A 179 20.49 -2.09 -22.07
N GLU A 180 21.37 -1.77 -23.03
CA GLU A 180 22.80 -1.97 -22.82
C GLU A 180 23.34 -1.08 -21.71
N HIS A 181 22.89 0.18 -21.66
CA HIS A 181 23.38 1.14 -20.68
C HIS A 181 22.53 1.18 -19.41
N LEU A 182 21.50 0.34 -19.31
CA LEU A 182 20.67 0.32 -18.11
C LEU A 182 21.38 -0.43 -16.99
N ARG A 183 21.46 0.21 -15.82
CA ARG A 183 22.02 -0.39 -14.61
C ARG A 183 21.00 -0.22 -13.50
N LEU A 184 20.28 -1.29 -13.19
CA LEU A 184 19.25 -1.24 -12.16
C LEU A 184 19.87 -1.25 -10.77
N ALA A 185 19.02 -1.18 -9.75
CA ALA A 185 19.50 -1.17 -8.38
C ALA A 185 20.15 -2.49 -8.02
N GLN A 186 19.48 -3.61 -8.29
CA GLN A 186 19.98 -4.93 -7.91
C GLN A 186 20.41 -5.80 -9.08
N TYR A 187 19.88 -5.57 -10.27
CA TYR A 187 20.14 -6.42 -11.42
C TYR A 187 21.06 -5.72 -12.40
N THR A 188 21.41 -6.43 -13.47
CA THR A 188 22.27 -5.90 -14.52
C THR A 188 22.04 -6.72 -15.79
N ILE A 189 21.64 -6.06 -16.87
CA ILE A 189 21.40 -6.73 -18.13
C ILE A 189 22.72 -6.96 -18.85
N GLU A 190 23.00 -8.22 -19.19
CA GLU A 190 24.23 -8.59 -19.88
C GLU A 190 24.00 -9.16 -21.27
N ARG A 191 22.86 -9.80 -21.51
CA ARG A 191 22.54 -10.39 -22.81
C ARG A 191 21.06 -10.20 -23.09
N TYR A 192 20.75 -9.38 -24.09
CA TYR A 192 19.38 -9.16 -24.52
C TYR A 192 19.32 -9.33 -26.03
N PHE A 193 18.22 -9.90 -26.52
CA PHE A 193 18.08 -10.08 -27.96
C PHE A 193 16.61 -10.13 -28.34
N THR A 194 16.36 -9.90 -29.63
CA THR A 194 15.03 -9.78 -30.20
C THR A 194 14.79 -10.94 -31.17
N LEU A 195 13.59 -11.51 -31.11
CA LEU A 195 13.20 -12.63 -31.94
C LEU A 195 11.82 -12.37 -32.54
N VAL A 196 11.59 -12.97 -33.71
CA VAL A 196 10.30 -12.92 -34.40
C VAL A 196 9.72 -14.33 -34.31
N THR A 197 8.89 -14.56 -33.30
CA THR A 197 8.27 -15.86 -33.11
C THR A 197 6.89 -15.89 -33.78
N ARG A 198 6.34 -17.09 -33.94
CA ARG A 198 5.02 -17.26 -34.55
C ARG A 198 4.13 -17.94 -33.51
N SER A 199 3.26 -17.15 -32.88
CA SER A 199 2.36 -17.70 -31.88
C SER A 199 1.14 -18.32 -32.56
N GLN A 200 0.79 -19.53 -32.14
CA GLN A 200 -0.36 -20.26 -32.69
C GLN A 200 -1.47 -20.25 -31.66
N GLN A 201 -2.52 -19.48 -31.92
CA GLN A 201 -3.68 -19.40 -31.06
C GLN A 201 -4.90 -19.97 -31.78
N GLU A 202 -6.00 -20.10 -31.03
CA GLU A 202 -7.23 -20.63 -31.61
C GLU A 202 -7.76 -19.71 -32.71
N THR A 203 -7.71 -18.40 -32.49
CA THR A 203 -8.22 -17.46 -33.49
C THR A 203 -7.37 -17.50 -34.76
N GLY A 204 -6.05 -17.53 -34.62
CA GLY A 204 -5.20 -17.56 -35.78
C GLY A 204 -3.74 -17.52 -35.38
N ASN A 205 -2.89 -17.39 -36.39
CA ASN A 205 -1.44 -17.34 -36.21
C ASN A 205 -0.97 -15.89 -36.22
N TYR A 206 -0.12 -15.53 -35.25
CA TYR A 206 0.32 -14.16 -35.07
C TYR A 206 1.84 -14.08 -35.10
N THR A 207 2.36 -12.95 -35.55
CA THR A 207 3.80 -12.68 -35.54
C THR A 207 4.11 -11.88 -34.29
N ARG A 208 4.81 -12.51 -33.34
CA ARG A 208 5.12 -11.89 -32.05
C ARG A 208 6.57 -11.45 -32.04
N LEU A 209 6.81 -10.25 -31.53
CA LEU A 209 8.18 -9.72 -31.39
C LEU A 209 8.58 -9.79 -29.92
N VAL A 210 9.58 -10.61 -29.64
CA VAL A 210 9.99 -10.91 -28.26
C VAL A 210 11.37 -10.32 -28.02
N LEU A 211 11.47 -9.35 -27.12
CA LEU A 211 12.76 -8.86 -26.65
C LEU A 211 13.00 -9.46 -25.28
N GLN A 212 13.95 -10.39 -25.19
CA GLN A 212 14.22 -11.09 -23.94
C GLN A 212 15.59 -10.67 -23.43
N PHE A 213 15.68 -10.40 -22.14
CA PHE A 213 16.89 -9.92 -21.51
C PHE A 213 17.13 -10.68 -20.21
N GLU A 214 18.40 -10.97 -19.95
CA GLU A 214 18.81 -11.72 -18.77
C GLU A 214 19.26 -10.75 -17.69
N LEU A 215 18.51 -10.69 -16.60
CA LEU A 215 18.82 -9.85 -15.45
C LEU A 215 19.58 -10.69 -14.42
N ARG A 216 20.81 -10.28 -14.12
CA ARG A 216 21.66 -10.99 -13.17
C ARG A 216 21.87 -10.11 -11.95
N ARG A 217 21.50 -10.62 -10.79
CA ARG A 217 21.66 -9.86 -9.56
C ARG A 217 23.12 -9.79 -9.15
N ASN A 218 23.49 -8.68 -8.50
CA ASN A 218 24.86 -8.51 -8.03
C ASN A 218 25.21 -9.57 -6.98
N VAL A 219 26.47 -9.98 -6.98
CA VAL A 219 26.91 -11.11 -6.18
C VAL A 219 27.60 -10.65 -4.90
N LEU A 220 28.25 -9.49 -4.95
CA LEU A 220 29.08 -9.02 -3.85
C LEU A 220 28.28 -8.50 -2.66
N TYR A 221 27.13 -7.86 -2.91
CA TYR A 221 26.38 -7.24 -1.82
C TYR A 221 25.92 -8.29 -0.80
N PHE A 222 25.29 -9.36 -1.27
CA PHE A 222 24.81 -10.39 -0.36
C PHE A 222 25.95 -11.13 0.33
N ILE A 223 27.10 -11.27 -0.32
CA ILE A 223 28.24 -11.93 0.30
C ILE A 223 28.79 -11.05 1.43
N LEU A 224 28.98 -9.76 1.17
CA LEU A 224 29.58 -8.89 2.17
C LEU A 224 28.61 -8.45 3.25
N GLU A 225 27.30 -8.60 3.04
CA GLU A 225 26.32 -8.16 4.02
C GLU A 225 25.59 -9.29 4.72
N THR A 226 25.52 -10.48 4.13
CA THR A 226 24.85 -11.61 4.75
C THR A 226 25.77 -12.79 4.96
N TYR A 227 26.57 -13.16 3.95
CA TYR A 227 27.44 -14.32 4.08
C TYR A 227 28.60 -14.05 5.04
N VAL A 228 29.15 -12.83 5.01
CA VAL A 228 30.25 -12.49 5.92
C VAL A 228 29.81 -12.53 7.38
N PRO A 229 28.67 -11.96 7.78
CA PRO A 229 28.23 -12.14 9.18
C PRO A 229 28.03 -13.59 9.57
N SER A 230 27.52 -14.42 8.66
CA SER A 230 27.37 -15.84 8.95
C SER A 230 28.73 -16.50 9.16
N THR A 231 29.71 -16.16 8.33
CA THR A 231 31.05 -16.68 8.49
C THR A 231 31.66 -16.25 9.83
N PHE A 232 31.41 -15.00 10.21
CA PHE A 232 31.90 -14.52 11.51
C PHE A 232 31.23 -15.25 12.65
N LEU A 233 29.93 -15.55 12.52
CA LEU A 233 29.24 -16.35 13.52
C LEU A 233 29.84 -17.74 13.64
N VAL A 234 30.15 -18.37 12.51
CA VAL A 234 30.77 -19.70 12.54
C VAL A 234 32.17 -19.63 13.15
N VAL A 235 32.89 -18.55 12.88
CA VAL A 235 34.21 -18.36 13.50
C VAL A 235 34.08 -18.23 15.01
N LEU A 236 33.08 -17.47 15.47
CA LEU A 236 32.86 -17.35 16.91
C LEU A 236 32.47 -18.69 17.52
N SER A 237 31.68 -19.49 16.80
CA SER A 237 31.35 -20.83 17.28
C SER A 237 32.59 -21.69 17.39
N TRP A 238 33.51 -21.57 16.42
CA TRP A 238 34.79 -22.27 16.52
C TRP A 238 35.58 -21.83 17.74
N VAL A 239 35.62 -20.52 17.99
CA VAL A 239 36.35 -19.99 19.13
C VAL A 239 35.74 -20.48 20.44
N SER A 240 34.42 -20.73 20.44
CA SER A 240 33.76 -21.21 21.65
C SER A 240 34.36 -22.51 22.16
N PHE A 241 34.99 -23.30 21.29
CA PHE A 241 35.63 -24.54 21.72
C PHE A 241 36.82 -24.28 22.64
N TRP A 242 37.58 -23.22 22.38
CA TRP A 242 38.78 -22.95 23.17
C TRP A 242 38.43 -22.65 24.62
N ILE A 243 37.36 -21.91 24.86
CA ILE A 243 36.94 -21.58 26.21
C ILE A 243 36.40 -22.83 26.89
N SER A 244 36.91 -23.13 28.08
CA SER A 244 36.52 -24.33 28.81
C SER A 244 35.37 -24.03 29.76
N LEU A 245 34.90 -25.07 30.44
CA LEU A 245 33.77 -24.94 31.36
C LEU A 245 34.16 -24.27 32.67
N ASP A 246 35.46 -24.17 32.97
CA ASP A 246 35.88 -23.55 34.22
C ASP A 246 35.48 -22.08 34.26
N SER A 247 35.52 -21.39 33.13
CA SER A 247 35.11 -19.98 33.04
C SER A 247 33.68 -19.95 32.50
N VAL A 248 32.73 -20.24 33.38
CA VAL A 248 31.31 -20.24 33.03
C VAL A 248 30.82 -18.87 32.55
N PRO A 249 31.27 -17.72 33.10
CA PRO A 249 30.76 -16.44 32.55
C PRO A 249 31.12 -16.25 31.09
N ALA A 250 32.37 -16.49 30.71
CA ALA A 250 32.78 -16.29 29.32
C ALA A 250 32.04 -17.24 28.39
N ARG A 251 31.91 -18.51 28.78
CA ARG A 251 31.18 -19.47 27.96
C ARG A 251 29.72 -19.08 27.80
N THR A 252 29.08 -18.66 28.89
CA THR A 252 27.68 -18.24 28.82
C THR A 252 27.53 -17.03 27.89
N CYS A 253 28.42 -16.05 28.03
CA CYS A 253 28.33 -14.86 27.19
C CYS A 253 28.54 -15.19 25.72
N ILE A 254 29.54 -16.01 25.41
CA ILE A 254 29.82 -16.30 24.00
C ILE A 254 28.70 -17.14 23.41
N GLY A 255 28.14 -18.09 24.17
CA GLY A 255 27.03 -18.85 23.66
C GLY A 255 25.79 -18.00 23.42
N VAL A 256 25.49 -17.11 24.37
CA VAL A 256 24.34 -16.23 24.22
C VAL A 256 24.52 -15.34 22.99
N THR A 257 25.71 -14.77 22.82
CA THR A 257 25.96 -13.90 21.68
C THR A 257 25.81 -14.68 20.37
N THR A 258 26.38 -15.88 20.30
CA THR A 258 26.29 -16.67 19.07
C THR A 258 24.84 -17.00 18.74
N VAL A 259 24.08 -17.49 19.73
CA VAL A 259 22.70 -17.89 19.47
C VAL A 259 21.85 -16.69 19.08
N LEU A 260 21.99 -15.58 19.81
CA LEU A 260 21.20 -14.39 19.50
C LEU A 260 21.56 -13.82 18.14
N SER A 261 22.85 -13.79 17.79
CA SER A 261 23.25 -13.27 16.49
C SER A 261 22.74 -14.15 15.36
N MET A 262 22.80 -15.48 15.54
CA MET A 262 22.30 -16.36 14.49
C MET A 262 20.79 -16.22 14.33
N THR A 263 20.05 -16.10 15.44
CA THR A 263 18.60 -15.89 15.33
C THR A 263 18.29 -14.57 14.63
N THR A 264 19.02 -13.50 14.98
CA THR A 264 18.77 -12.21 14.33
C THR A 264 19.11 -12.25 12.85
N LEU A 265 20.19 -12.95 12.49
CA LEU A 265 20.55 -13.09 11.08
C LEU A 265 19.48 -13.88 10.32
N MET A 266 18.96 -14.95 10.93
CA MET A 266 17.90 -15.71 10.29
C MET A 266 16.65 -14.85 10.10
N ILE A 267 16.31 -14.05 11.11
CA ILE A 267 15.14 -13.17 11.01
C ILE A 267 15.35 -12.14 9.92
N GLY A 268 16.54 -11.54 9.85
CA GLY A 268 16.80 -10.54 8.82
C GLY A 268 16.79 -11.13 7.42
N SER A 269 17.28 -12.35 7.27
CA SER A 269 17.25 -13.01 5.97
C SER A 269 15.82 -13.36 5.57
N ARG A 270 15.00 -13.80 6.53
CA ARG A 270 13.63 -14.19 6.22
C ARG A 270 12.72 -13.00 6.00
N THR A 271 13.08 -11.81 6.49
CA THR A 271 12.25 -10.62 6.31
C THR A 271 12.60 -9.84 5.05
N SER A 272 13.67 -10.21 4.34
CA SER A 272 14.04 -9.51 3.11
C SER A 272 13.00 -9.74 2.03
N LEU A 273 12.56 -10.99 1.87
CA LEU A 273 11.57 -11.34 0.85
C LEU A 273 10.30 -11.84 1.52
N PRO A 274 9.14 -11.30 1.15
CA PRO A 274 7.88 -11.74 1.77
C PRO A 274 7.60 -13.20 1.49
N ASN A 275 6.71 -13.78 2.31
CA ASN A 275 6.34 -15.19 2.21
C ASN A 275 5.46 -15.41 0.98
N THR A 276 6.08 -15.33 -0.19
CA THR A 276 5.39 -15.55 -1.46
C THR A 276 5.97 -16.67 -2.29
N ASN A 277 7.28 -16.86 -2.27
CA ASN A 277 7.90 -17.95 -3.02
C ASN A 277 7.70 -19.28 -2.31
N CYS A 278 7.64 -20.35 -3.09
CA CYS A 278 7.47 -21.71 -2.59
C CYS A 278 8.53 -22.63 -3.17
N PHE A 279 9.77 -22.16 -3.19
CA PHE A 279 10.91 -22.91 -3.71
C PHE A 279 12.00 -22.99 -2.65
N ILE A 280 12.97 -23.87 -2.89
CA ILE A 280 14.12 -24.03 -2.01
C ILE A 280 15.20 -23.07 -2.49
N LYS A 281 15.47 -22.04 -1.69
CA LYS A 281 16.41 -21.01 -2.07
C LYS A 281 17.85 -21.46 -1.82
N ALA A 282 18.80 -20.58 -2.09
CA ALA A 282 20.22 -20.85 -1.86
C ALA A 282 20.76 -20.18 -0.61
N ILE A 283 20.37 -18.93 -0.35
CA ILE A 283 20.79 -18.26 0.87
C ILE A 283 20.17 -18.94 2.09
N ASP A 284 18.94 -19.42 1.94
CA ASP A 284 18.29 -20.15 3.03
C ASP A 284 19.06 -21.44 3.35
N VAL A 285 19.51 -22.15 2.31
CA VAL A 285 20.25 -23.38 2.52
C VAL A 285 21.57 -23.10 3.25
N TYR A 286 22.28 -22.05 2.83
CA TYR A 286 23.56 -21.73 3.47
C TYR A 286 23.36 -21.30 4.92
N LEU A 287 22.34 -20.48 5.19
CA LEU A 287 22.08 -20.07 6.56
C LEU A 287 21.62 -21.24 7.42
N GLY A 288 20.84 -22.16 6.85
CA GLY A 288 20.49 -23.37 7.58
C GLY A 288 21.69 -24.24 7.88
N ILE A 289 22.64 -24.31 6.94
CA ILE A 289 23.87 -25.04 7.18
C ILE A 289 24.65 -24.41 8.33
N CYS A 290 24.74 -23.07 8.34
CA CYS A 290 25.44 -22.40 9.43
C CYS A 290 24.75 -22.64 10.78
N PHE A 291 23.42 -22.55 10.80
CA PHE A 291 22.67 -22.79 12.02
C PHE A 291 22.85 -24.23 12.51
N SER A 292 22.83 -25.19 11.57
CA SER A 292 23.05 -26.58 11.94
C SER A 292 24.46 -26.79 12.47
N PHE A 293 25.45 -26.10 11.90
CA PHE A 293 26.81 -26.19 12.41
C PHE A 293 26.90 -25.66 13.84
N VAL A 294 26.24 -24.53 14.11
CA VAL A 294 26.27 -23.96 15.46
C VAL A 294 25.59 -24.91 16.44
N PHE A 295 24.43 -25.44 16.05
CA PHE A 295 23.69 -26.37 16.91
C PHE A 295 24.50 -27.63 17.17
N GLY A 296 25.16 -28.16 16.13
CA GLY A 296 25.99 -29.33 16.31
C GLY A 296 27.20 -29.07 17.18
N ALA A 297 27.78 -27.87 17.09
CA ALA A 297 28.88 -27.51 17.96
C ALA A 297 28.43 -27.48 19.42
N LEU A 298 27.28 -26.86 19.68
CA LEU A 298 26.76 -26.83 21.04
C LEU A 298 26.44 -28.23 21.55
N LEU A 299 25.83 -29.06 20.71
CA LEU A 299 25.49 -30.43 21.11
C LEU A 299 26.75 -31.24 21.37
N GLU A 300 27.79 -31.07 20.55
CA GLU A 300 29.04 -31.78 20.77
C GLU A 300 29.72 -31.33 22.05
N TYR A 301 29.68 -30.03 22.35
CA TYR A 301 30.22 -29.57 23.62
C TYR A 301 29.47 -30.18 24.79
N ALA A 302 28.14 -30.23 24.71
CA ALA A 302 27.36 -30.84 25.78
C ALA A 302 27.67 -32.32 25.94
N VAL A 303 27.80 -33.03 24.81
CA VAL A 303 28.10 -34.46 24.86
C VAL A 303 29.49 -34.72 25.42
N ALA A 304 30.46 -33.88 25.04
CA ALA A 304 31.81 -34.01 25.60
C ALA A 304 31.82 -33.76 27.10
N HIS A 305 31.06 -32.75 27.55
CA HIS A 305 30.97 -32.49 28.98
C HIS A 305 30.32 -33.66 29.71
N TYR A 306 29.27 -34.24 29.13
CA TYR A 306 28.61 -35.38 29.75
C TYR A 306 29.54 -36.59 29.82
N SER A 307 30.28 -36.85 28.75
CA SER A 307 31.19 -37.99 28.73
C SER A 307 32.35 -37.80 29.71
N SER A 308 32.88 -36.58 29.81
CA SER A 308 33.96 -36.32 30.74
C SER A 308 33.51 -36.51 32.18
N LEU A 309 32.31 -36.06 32.52
CA LEU A 309 31.78 -36.19 33.87
C LEU A 309 30.89 -37.43 33.98
N ASN A 317 40.52 -34.21 24.31
CA ASN A 317 40.37 -35.44 23.54
C ASN A 317 39.47 -35.23 22.32
N VAL A 318 38.15 -35.35 22.51
CA VAL A 318 37.21 -35.14 21.41
C VAL A 318 37.26 -33.70 20.94
N ASP A 319 37.29 -32.75 21.88
CA ASP A 319 37.33 -31.34 21.51
C ASP A 319 38.62 -30.99 20.79
N HIS A 320 39.75 -31.54 21.25
CA HIS A 320 41.02 -31.26 20.59
C HIS A 320 41.04 -31.80 19.17
N TYR A 321 40.51 -33.01 18.96
CA TYR A 321 40.43 -33.56 17.62
C TYR A 321 39.48 -32.74 16.74
N SER A 322 38.37 -32.28 17.32
CA SER A 322 37.43 -31.46 16.55
C SER A 322 38.05 -30.13 16.15
N LYS A 323 38.90 -29.56 17.00
CA LYS A 323 39.52 -28.29 16.69
C LYS A 323 40.32 -28.35 15.41
N LEU A 324 40.80 -29.53 15.02
CA LEU A 324 41.50 -29.73 13.76
C LEU A 324 40.62 -30.29 12.66
N LEU A 325 39.61 -31.10 13.02
CA LEU A 325 38.76 -31.71 12.00
C LEU A 325 37.78 -30.69 11.41
N PHE A 326 37.20 -29.83 12.24
CA PHE A 326 36.17 -28.90 11.77
C PHE A 326 36.64 -27.95 10.68
N PRO A 327 37.80 -27.29 10.79
CA PRO A 327 38.16 -26.32 9.73
C PRO A 327 38.28 -26.94 8.35
N LEU A 328 38.96 -28.07 8.22
CA LEU A 328 39.18 -28.67 6.91
C LEU A 328 37.86 -29.12 6.28
N ILE A 329 37.04 -29.85 7.05
CA ILE A 329 35.78 -30.35 6.51
C ILE A 329 34.84 -29.19 6.18
N PHE A 330 34.79 -28.18 7.06
CA PHE A 330 33.92 -27.03 6.81
C PHE A 330 34.36 -26.29 5.55
N MET A 331 35.66 -26.06 5.37
CA MET A 331 36.14 -25.38 4.18
C MET A 331 35.86 -26.20 2.91
N LEU A 332 36.05 -27.52 2.99
CA LEU A 332 35.76 -28.37 1.84
C LEU A 332 34.28 -28.33 1.48
N ALA A 333 33.41 -28.37 2.49
CA ALA A 333 31.97 -28.30 2.24
C ALA A 333 31.58 -26.96 1.64
N ASN A 334 32.18 -25.87 2.13
CA ASN A 334 31.90 -24.55 1.56
C ASN A 334 32.34 -24.46 0.11
N VAL A 335 33.52 -25.02 -0.19
CA VAL A 335 34.01 -25.01 -1.58
C VAL A 335 33.09 -25.85 -2.46
N PHE A 336 32.63 -27.00 -1.95
CA PHE A 336 31.71 -27.82 -2.72
C PHE A 336 30.40 -27.09 -3.00
N TYR A 337 29.86 -26.40 -1.99
CA TYR A 337 28.64 -25.63 -2.19
C TYR A 337 28.84 -24.52 -3.21
N TRP A 338 29.97 -23.81 -3.13
CA TRP A 338 30.26 -22.75 -4.08
C TRP A 338 30.39 -23.30 -5.49
N ALA A 339 31.11 -24.40 -5.66
CA ALA A 339 31.26 -25.00 -6.98
C ALA A 339 29.92 -25.49 -7.52
N TYR A 340 29.06 -25.99 -6.63
CA TYR A 340 27.74 -26.44 -7.06
C TYR A 340 26.89 -25.27 -7.55
N TYR A 341 26.92 -24.15 -6.85
CA TYR A 341 26.02 -23.05 -7.14
C TYR A 341 26.59 -22.00 -8.09
N MET A 342 27.86 -22.11 -8.49
CA MET A 342 28.41 -21.26 -9.54
C MET A 342 28.54 -21.95 -10.89
N TYR A 343 28.99 -23.20 -10.93
CA TYR A 343 29.33 -23.86 -12.18
C TYR A 343 28.35 -24.96 -12.55
N PHE A 344 28.15 -25.95 -11.68
CA PHE A 344 27.27 -27.06 -12.00
C PHE A 344 26.72 -27.74 -10.76
N THR B 22 -9.76 30.22 -41.48
CA THR B 22 -8.99 30.19 -40.24
C THR B 22 -8.58 28.77 -39.89
N ALA B 23 -8.16 28.57 -38.64
CA ALA B 23 -7.70 27.26 -38.17
C ALA B 23 -8.91 26.44 -37.73
N GLY B 24 -9.72 26.04 -38.71
CA GLY B 24 -10.86 25.19 -38.44
C GLY B 24 -10.45 23.77 -38.09
N TYR B 25 -9.83 23.08 -39.06
CA TYR B 25 -9.25 21.77 -38.83
C TYR B 25 -7.74 21.83 -38.67
N ASN B 26 -7.18 23.02 -38.53
CA ASN B 26 -5.74 23.22 -38.40
C ASN B 26 -5.27 23.13 -36.96
N LYS B 27 -6.15 22.79 -36.02
CA LYS B 27 -5.72 22.59 -34.64
C LYS B 27 -4.72 21.44 -34.52
N PHE B 28 -4.72 20.51 -35.48
CA PHE B 28 -3.68 19.49 -35.54
C PHE B 28 -2.37 20.04 -36.09
N LEU B 29 -2.41 21.17 -36.79
CA LEU B 29 -1.23 21.77 -37.36
C LEU B 29 -0.63 22.77 -36.38
N ARG B 30 0.67 22.64 -36.12
CA ARG B 30 1.37 23.58 -35.26
C ARG B 30 1.45 24.94 -35.95
N PRO B 31 1.60 26.02 -35.17
CA PRO B 31 1.75 27.34 -35.78
C PRO B 31 2.96 27.38 -36.71
N ASN B 32 2.80 28.08 -37.83
CA ASN B 32 3.80 28.11 -38.89
C ASN B 32 4.14 26.68 -39.34
N PHE B 33 3.11 25.98 -39.78
CA PHE B 33 3.25 24.58 -40.19
C PHE B 33 4.05 24.53 -41.48
N GLY B 34 5.34 24.23 -41.36
CA GLY B 34 6.24 24.25 -42.49
C GLY B 34 7.07 25.51 -42.53
N GLY B 35 8.31 25.42 -42.07
CA GLY B 35 9.18 26.59 -42.02
C GLY B 35 9.83 26.80 -40.67
N GLU B 36 9.76 28.02 -40.16
CA GLU B 36 10.36 28.31 -38.87
C GLU B 36 9.59 27.60 -37.76
N PRO B 37 10.29 27.07 -36.75
CA PRO B 37 9.61 26.38 -35.65
C PRO B 37 8.94 27.37 -34.71
N VAL B 38 8.19 26.81 -33.77
CA VAL B 38 7.49 27.59 -32.76
C VAL B 38 8.41 27.77 -31.55
N GLN B 39 8.63 29.02 -31.16
CA GLN B 39 9.47 29.33 -29.99
C GLN B 39 8.55 29.42 -28.77
N ILE B 40 8.61 28.39 -27.92
CA ILE B 40 7.78 28.32 -26.72
C ILE B 40 8.64 28.65 -25.52
N ALA B 41 8.26 29.71 -24.80
CA ALA B 41 8.94 30.12 -23.57
C ALA B 41 8.28 29.43 -22.38
N LEU B 42 9.10 28.86 -21.50
CA LEU B 42 8.63 28.07 -20.38
C LEU B 42 8.84 28.79 -19.06
N THR B 43 7.94 28.55 -18.12
CA THR B 43 8.05 29.06 -16.76
C THR B 43 7.59 27.97 -15.81
N LEU B 44 8.35 27.73 -14.75
CA LEU B 44 8.05 26.70 -13.79
C LEU B 44 7.84 27.31 -12.41
N ASP B 45 6.91 26.72 -11.66
CA ASP B 45 6.61 27.18 -10.30
C ASP B 45 6.29 25.94 -9.46
N ILE B 46 7.31 25.42 -8.77
CA ILE B 46 7.14 24.24 -7.95
C ILE B 46 6.37 24.63 -6.70
N ALA B 47 5.08 24.29 -6.65
CA ALA B 47 4.28 24.62 -5.48
C ALA B 47 4.74 23.85 -4.25
N SER B 48 5.05 22.57 -4.42
CA SER B 48 5.50 21.72 -3.33
C SER B 48 6.05 20.42 -3.90
N ILE B 49 7.18 19.98 -3.35
CA ILE B 49 7.73 18.66 -3.64
C ILE B 49 7.10 17.70 -2.63
N SER B 50 6.12 16.93 -3.09
CA SER B 50 5.29 16.15 -2.16
C SER B 50 6.12 15.11 -1.41
N SER B 51 7.01 14.40 -2.12
CA SER B 51 7.78 13.35 -1.47
C SER B 51 9.07 13.12 -2.23
N ILE B 52 10.05 12.54 -1.55
CA ILE B 52 11.32 12.12 -2.14
C ILE B 52 11.59 10.71 -1.64
N SER B 53 11.31 9.71 -2.48
CA SER B 53 11.41 8.31 -2.10
C SER B 53 12.75 7.77 -2.58
N GLU B 54 13.64 7.45 -1.64
CA GLU B 54 14.91 6.81 -1.99
C GLU B 54 14.73 5.33 -2.32
N SER B 55 13.75 4.67 -1.71
CA SER B 55 13.50 3.26 -2.02
C SER B 55 13.08 3.09 -3.47
N ASN B 56 12.18 3.93 -3.95
CA ASN B 56 11.77 3.94 -5.35
C ASN B 56 12.64 4.83 -6.22
N MET B 57 13.52 5.63 -5.61
CA MET B 57 14.45 6.51 -6.32
C MET B 57 13.71 7.47 -7.25
N ASP B 58 12.83 8.26 -6.65
CA ASP B 58 12.04 9.24 -7.40
C ASP B 58 11.60 10.36 -6.46
N TYR B 59 10.91 11.35 -7.02
CA TYR B 59 10.35 12.43 -6.24
C TYR B 59 9.05 12.88 -6.87
N THR B 60 8.05 13.08 -6.02
CA THR B 60 6.73 13.56 -6.43
C THR B 60 6.58 15.03 -6.05
N ALA B 61 6.26 15.86 -7.04
CA ALA B 61 6.19 17.30 -6.85
C ALA B 61 5.08 17.87 -7.72
N THR B 62 4.48 18.96 -7.25
CA THR B 62 3.44 19.68 -7.99
C THR B 62 4.05 20.93 -8.60
N ILE B 63 3.82 21.13 -9.90
CA ILE B 63 4.41 22.23 -10.63
C ILE B 63 3.32 23.00 -11.36
N TYR B 64 3.56 24.30 -11.53
CA TYR B 64 2.69 25.20 -12.27
C TYR B 64 3.39 25.47 -13.60
N LEU B 65 3.12 24.62 -14.59
CA LEU B 65 3.77 24.69 -15.89
C LEU B 65 3.12 25.80 -16.70
N ARG B 66 3.91 26.78 -17.13
CA ARG B 66 3.41 27.89 -17.94
C ARG B 66 4.16 27.91 -19.27
N GLN B 67 3.42 27.97 -20.37
CA GLN B 67 4.00 28.00 -21.70
C GLN B 67 3.45 29.19 -22.47
N ARG B 68 4.32 29.86 -23.21
CA ARG B 68 3.95 31.03 -24.00
C ARG B 68 4.50 30.87 -25.40
N TRP B 69 3.62 30.82 -26.40
CA TRP B 69 4.01 30.78 -27.80
C TRP B 69 3.17 31.78 -28.58
N MET B 70 3.40 31.84 -29.89
CA MET B 70 2.70 32.77 -30.77
C MET B 70 1.96 31.99 -31.83
N ASP B 71 0.64 32.15 -31.89
CA ASP B 71 -0.20 31.53 -32.90
C ASP B 71 -0.70 32.62 -33.83
N GLN B 72 -0.17 32.64 -35.06
CA GLN B 72 -0.54 33.68 -36.01
C GLN B 72 -2.00 33.57 -36.43
N ARG B 73 -2.56 32.36 -36.42
CA ARG B 73 -3.96 32.15 -36.78
C ARG B 73 -4.92 32.54 -35.67
N LEU B 74 -4.43 32.76 -34.45
CA LEU B 74 -5.27 33.08 -33.30
C LEU B 74 -5.20 34.55 -32.91
N VAL B 75 -4.75 35.41 -33.82
CA VAL B 75 -4.64 36.83 -33.54
C VAL B 75 -5.99 37.50 -33.74
N PHE B 76 -6.19 38.64 -33.08
CA PHE B 76 -7.40 39.42 -33.22
C PHE B 76 -7.05 40.90 -33.07
N GLU B 77 -8.06 41.74 -33.28
CA GLU B 77 -7.89 43.18 -33.17
C GLU B 77 -8.29 43.64 -31.77
N GLY B 78 -7.37 44.29 -31.07
CA GLY B 78 -7.64 44.75 -29.72
C GLY B 78 -6.38 45.30 -29.08
N ASN B 79 -6.46 45.48 -27.77
CA ASN B 79 -5.34 46.01 -27.00
C ASN B 79 -5.09 45.19 -25.75
N LYS B 80 -6.11 44.50 -25.25
CA LYS B 80 -6.04 43.75 -24.01
C LYS B 80 -6.11 42.25 -24.28
N SER B 81 -5.71 41.48 -23.27
CA SER B 81 -5.77 40.03 -23.32
C SER B 81 -7.07 39.54 -22.70
N PHE B 82 -7.43 38.29 -23.01
CA PHE B 82 -8.66 37.70 -22.50
C PHE B 82 -8.38 36.29 -22.01
N THR B 83 -8.88 35.98 -20.81
CA THR B 83 -8.76 34.65 -20.23
C THR B 83 -9.95 33.82 -20.67
N LEU B 84 -9.68 32.72 -21.37
CA LEU B 84 -10.75 31.86 -21.86
C LEU B 84 -10.88 30.62 -20.97
N ASP B 85 -11.99 29.91 -21.15
CA ASP B 85 -12.25 28.72 -20.37
C ASP B 85 -11.27 27.61 -20.74
N ALA B 86 -11.04 26.70 -19.79
CA ALA B 86 -10.16 25.56 -20.04
C ALA B 86 -10.67 24.66 -21.15
N ARG B 87 -11.99 24.56 -21.30
CA ARG B 87 -12.57 23.72 -22.35
C ARG B 87 -12.21 24.20 -23.75
N LEU B 88 -11.77 25.44 -23.91
CA LEU B 88 -11.28 25.92 -25.19
C LEU B 88 -9.96 25.27 -25.59
N VAL B 89 -9.23 24.67 -24.64
CA VAL B 89 -7.97 24.01 -24.96
C VAL B 89 -8.18 22.89 -25.96
N GLU B 90 -9.32 22.19 -25.87
CA GLU B 90 -9.63 21.12 -26.82
C GLU B 90 -9.83 21.62 -28.23
N PHE B 91 -9.99 22.93 -28.44
CA PHE B 91 -10.20 23.49 -29.77
C PHE B 91 -8.97 24.17 -30.34
N LEU B 92 -7.93 24.39 -29.54
CA LEU B 92 -6.73 25.08 -29.98
C LEU B 92 -5.55 24.10 -30.02
N TRP B 93 -4.42 24.60 -30.52
CA TRP B 93 -3.19 23.83 -30.55
C TRP B 93 -2.35 24.17 -29.32
N VAL B 94 -1.89 23.13 -28.62
CA VAL B 94 -1.05 23.32 -27.44
C VAL B 94 0.18 22.44 -27.60
N PRO B 95 1.34 22.86 -27.09
CA PRO B 95 2.54 22.04 -27.23
C PRO B 95 2.42 20.73 -26.46
N ASP B 96 3.04 19.69 -27.01
CA ASP B 96 3.05 18.37 -26.39
C ASP B 96 4.18 18.23 -25.39
N THR B 97 4.24 19.15 -24.43
CA THR B 97 5.27 19.10 -23.40
C THR B 97 5.09 17.85 -22.55
N TYR B 98 6.21 17.28 -22.12
CA TYR B 98 6.17 16.04 -21.34
C TYR B 98 7.43 15.96 -20.50
N ILE B 99 7.28 15.38 -19.30
CA ILE B 99 8.42 15.16 -18.43
C ILE B 99 9.17 13.91 -18.89
N VAL B 100 10.48 14.05 -19.08
CA VAL B 100 11.27 13.00 -19.72
C VAL B 100 11.25 11.73 -18.89
N GLU B 101 11.43 11.86 -17.57
CA GLU B 101 11.55 10.72 -16.67
C GLU B 101 10.36 10.63 -15.72
N SER B 102 9.16 10.87 -16.23
CA SER B 102 7.95 10.79 -15.41
C SER B 102 7.45 9.35 -15.36
N LYS B 103 7.20 8.86 -14.15
CA LYS B 103 6.64 7.53 -13.96
C LYS B 103 5.11 7.56 -13.88
N LYS B 104 4.56 8.61 -13.27
CA LYS B 104 3.11 8.77 -13.14
C LYS B 104 2.82 10.23 -12.89
N SER B 105 2.01 10.83 -13.77
CA SER B 105 1.64 12.23 -13.65
C SER B 105 0.17 12.39 -14.02
N PHE B 106 -0.43 13.46 -13.52
CA PHE B 106 -1.83 13.73 -13.80
C PHE B 106 -2.10 15.21 -13.66
N LEU B 107 -2.86 15.77 -14.60
CA LEU B 107 -3.35 17.13 -14.45
C LEU B 107 -4.48 17.15 -13.43
N HIS B 108 -4.43 18.12 -12.52
CA HIS B 108 -5.38 18.16 -11.42
C HIS B 108 -6.78 18.52 -11.94
N GLU B 109 -7.78 17.77 -11.48
CA GLU B 109 -9.18 18.05 -11.75
C GLU B 109 -9.90 18.11 -10.41
N VAL B 110 -9.87 19.29 -9.80
CA VAL B 110 -10.43 19.49 -8.47
C VAL B 110 -11.91 19.84 -8.59
N THR B 111 -12.21 20.93 -9.28
CA THR B 111 -13.57 21.29 -9.67
C THR B 111 -13.75 21.24 -11.17
N VAL B 112 -12.84 21.86 -11.92
CA VAL B 112 -12.74 21.73 -13.37
C VAL B 112 -11.30 21.36 -13.70
N GLY B 113 -11.03 21.22 -14.99
CA GLY B 113 -9.65 20.98 -15.43
C GLY B 113 -8.78 22.18 -15.10
N ASN B 114 -7.69 21.93 -14.37
CA ASN B 114 -6.79 23.01 -13.94
C ASN B 114 -5.95 23.46 -15.13
N ARG B 115 -6.62 24.16 -16.04
CA ARG B 115 -6.00 24.71 -17.24
C ARG B 115 -6.34 26.19 -17.36
N LEU B 116 -5.30 27.01 -17.48
CA LEU B 116 -5.43 28.42 -17.79
C LEU B 116 -5.04 28.65 -19.24
N ILE B 117 -5.97 29.19 -20.02
CA ILE B 117 -5.68 29.60 -21.39
C ILE B 117 -5.97 31.10 -21.51
N ARG B 118 -5.00 31.83 -22.04
CA ARG B 118 -5.10 33.28 -22.11
C ARG B 118 -4.65 33.72 -23.50
N LEU B 119 -5.56 34.35 -24.25
CA LEU B 119 -5.27 34.78 -25.60
C LEU B 119 -4.94 36.27 -25.59
N PHE B 120 -3.92 36.65 -26.37
CA PHE B 120 -3.43 38.01 -26.42
C PHE B 120 -3.63 38.61 -27.80
N SER B 121 -3.52 39.94 -27.86
CA SER B 121 -3.80 40.66 -29.11
C SER B 121 -2.77 40.33 -30.18
N ASN B 122 -1.48 40.25 -29.82
CA ASN B 122 -0.46 40.04 -30.84
C ASN B 122 -0.27 38.58 -31.19
N GLY B 123 -1.02 37.67 -30.56
CA GLY B 123 -0.90 36.25 -30.83
C GLY B 123 -0.31 35.43 -29.71
N THR B 124 0.14 36.06 -28.63
CA THR B 124 0.70 35.32 -27.51
C THR B 124 -0.39 34.47 -26.84
N VAL B 125 -0.03 33.23 -26.51
CA VAL B 125 -0.95 32.30 -25.85
C VAL B 125 -0.30 31.84 -24.56
N LEU B 126 -0.98 32.08 -23.44
CA LEU B 126 -0.53 31.65 -22.13
C LEU B 126 -1.27 30.38 -21.74
N TYR B 127 -0.50 29.33 -21.43
CA TYR B 127 -1.07 28.00 -21.12
C TYR B 127 -0.47 27.54 -19.79
N ALA B 128 -1.29 27.50 -18.75
CA ALA B 128 -0.84 27.12 -17.42
C ALA B 128 -1.56 25.87 -16.95
N LEU B 129 -0.80 24.96 -16.35
CA LEU B 129 -1.32 23.69 -15.86
C LEU B 129 -0.74 23.35 -14.49
N ARG B 130 -1.57 22.72 -13.65
CA ARG B 130 -1.13 22.19 -12.37
C ARG B 130 -0.86 20.71 -12.55
N ILE B 131 0.40 20.31 -12.52
CA ILE B 131 0.79 18.93 -12.80
C ILE B 131 1.49 18.36 -11.58
N THR B 132 0.95 17.28 -11.02
CA THR B 132 1.61 16.52 -9.98
C THR B 132 2.35 15.38 -10.65
N THR B 133 3.68 15.45 -10.67
CA THR B 133 4.51 14.53 -11.42
C THR B 133 5.42 13.76 -10.48
N THR B 134 5.85 12.58 -10.93
CA THR B 134 6.74 11.70 -10.19
C THR B 134 7.95 11.41 -11.07
N VAL B 135 9.01 12.18 -10.89
CA VAL B 135 10.19 12.07 -11.71
C VAL B 135 11.22 11.19 -11.02
N ALA B 136 11.79 10.24 -11.77
CA ALA B 136 12.80 9.34 -11.24
C ALA B 136 14.18 9.91 -11.49
N CYS B 137 14.87 10.27 -10.41
CA CYS B 137 16.26 10.70 -10.46
C CYS B 137 17.11 9.68 -9.73
N ASN B 138 18.17 9.21 -10.39
CA ASN B 138 19.03 8.20 -9.79
C ASN B 138 19.72 8.75 -8.56
N MET B 139 19.73 7.95 -7.50
CA MET B 139 20.29 8.37 -6.20
C MET B 139 21.46 7.47 -5.85
N ASP B 140 22.58 8.09 -5.49
CA ASP B 140 23.76 7.37 -5.02
C ASP B 140 23.86 7.56 -3.51
N LEU B 141 23.56 6.51 -2.76
CA LEU B 141 23.51 6.56 -1.30
C LEU B 141 24.80 6.09 -0.64
N SER B 142 25.95 6.30 -1.30
CA SER B 142 27.21 5.91 -0.70
C SER B 142 27.51 6.72 0.56
N LYS B 143 27.41 8.04 0.47
CA LYS B 143 27.54 8.91 1.64
C LYS B 143 26.16 9.28 2.18
N TYR B 144 25.42 8.24 2.57
CA TYR B 144 23.99 8.38 2.86
C TYR B 144 23.66 9.46 3.88
N PRO B 145 24.32 9.57 5.03
CA PRO B 145 23.95 10.66 5.96
C PRO B 145 24.17 12.06 5.39
N MET B 146 25.20 12.24 4.55
CA MET B 146 25.48 13.55 3.96
C MET B 146 25.41 13.55 2.44
N ASP B 147 24.58 12.68 1.85
CA ASP B 147 24.51 12.61 0.39
C ASP B 147 23.83 13.85 -0.18
N THR B 148 24.32 14.30 -1.33
CA THR B 148 23.70 15.38 -2.09
C THR B 148 23.26 14.79 -3.43
N GLN B 149 21.95 14.81 -3.67
CA GLN B 149 21.39 14.25 -4.90
C GLN B 149 21.04 15.37 -5.86
N THR B 150 21.62 15.32 -7.06
CA THR B 150 21.34 16.30 -8.10
C THR B 150 20.19 15.78 -8.95
N CYS B 151 18.97 16.07 -8.50
CA CYS B 151 17.79 15.58 -9.19
C CYS B 151 17.30 16.59 -10.21
N LYS B 152 16.85 16.08 -11.35
CA LYS B 152 16.51 16.90 -12.50
C LYS B 152 15.04 16.76 -12.86
N LEU B 153 14.47 17.84 -13.37
CA LEU B 153 13.13 17.85 -13.95
C LEU B 153 13.31 18.33 -15.39
N GLN B 154 13.08 17.44 -16.35
CA GLN B 154 13.32 17.74 -17.76
C GLN B 154 12.00 17.77 -18.51
N LEU B 155 11.80 18.84 -19.28
CA LEU B 155 10.61 19.02 -20.10
C LEU B 155 11.02 18.99 -21.57
N GLU B 156 10.29 18.23 -22.37
CA GLU B 156 10.63 18.07 -23.78
C GLU B 156 9.35 17.93 -24.58
N SER B 157 9.46 18.15 -25.88
CA SER B 157 8.34 17.93 -26.78
C SER B 157 8.36 16.46 -27.21
N TRP B 158 7.25 15.76 -26.97
CA TRP B 158 7.21 14.33 -27.27
C TRP B 158 7.19 14.07 -28.77
N GLY B 159 6.46 14.90 -29.53
CA GLY B 159 6.31 14.64 -30.94
C GLY B 159 7.09 15.56 -31.86
N TYR B 160 7.13 16.84 -31.52
CA TYR B 160 7.73 17.84 -32.39
C TYR B 160 9.21 17.99 -32.04
N ASP B 161 10.08 17.83 -33.03
CA ASP B 161 11.52 17.90 -32.82
C ASP B 161 11.97 19.36 -32.78
N GLY B 162 13.28 19.58 -32.80
CA GLY B 162 13.81 20.93 -32.76
C GLY B 162 13.49 21.76 -33.98
N ASN B 163 13.18 21.12 -35.10
CA ASN B 163 12.78 21.83 -36.31
C ASN B 163 11.31 22.22 -36.32
N ASP B 164 10.55 21.80 -35.32
CA ASP B 164 9.14 22.15 -35.20
C ASP B 164 8.81 22.92 -33.93
N VAL B 165 9.39 22.53 -32.80
CA VAL B 165 9.17 23.20 -31.52
C VAL B 165 10.52 23.42 -30.87
N GLU B 166 10.81 24.67 -30.50
CA GLU B 166 12.02 25.03 -29.77
C GLU B 166 11.62 25.50 -28.38
N PHE B 167 11.96 24.73 -27.37
CA PHE B 167 11.65 25.09 -25.99
C PHE B 167 12.72 26.00 -25.43
N THR B 168 12.29 27.08 -24.77
CA THR B 168 13.21 28.06 -24.22
C THR B 168 12.71 28.48 -22.84
N TRP B 169 13.64 28.90 -22.00
CA TRP B 169 13.32 29.42 -20.68
C TRP B 169 13.00 30.92 -20.79
N LEU B 170 11.91 31.33 -20.15
CA LEU B 170 11.44 32.72 -20.31
C LEU B 170 12.42 33.71 -19.71
N ARG B 171 12.97 33.42 -18.53
CA ARG B 171 13.81 34.36 -17.81
C ARG B 171 15.06 33.70 -17.26
N GLY B 172 15.55 32.64 -17.91
CA GLY B 172 16.75 31.96 -17.39
C GLY B 172 16.48 31.38 -16.01
N ASN B 173 17.31 31.69 -15.03
CA ASN B 173 17.19 31.02 -13.72
C ASN B 173 16.04 31.65 -12.92
N ASP B 174 15.58 32.83 -13.36
CA ASP B 174 14.38 33.48 -12.80
C ASP B 174 13.15 32.64 -13.11
N SER B 175 13.10 32.02 -14.30
CA SER B 175 11.88 31.36 -14.75
C SER B 175 11.30 30.44 -13.70
N VAL B 176 12.15 29.69 -13.00
CA VAL B 176 11.71 28.74 -11.99
C VAL B 176 11.61 29.45 -10.65
N ARG B 177 10.45 29.32 -10.00
CA ARG B 177 10.19 29.95 -8.72
C ARG B 177 9.68 28.92 -7.73
N GLY B 178 9.92 29.18 -6.45
CA GLY B 178 9.51 28.32 -5.37
C GLY B 178 10.57 27.37 -4.87
N LEU B 179 11.62 27.13 -5.67
CA LEU B 179 12.67 26.22 -5.23
C LEU B 179 13.57 26.86 -4.17
N GLU B 180 13.78 28.18 -4.26
CA GLU B 180 14.66 28.84 -3.30
C GLU B 180 14.08 28.81 -1.90
N HIS B 181 12.77 29.01 -1.77
CA HIS B 181 12.12 29.05 -0.46
C HIS B 181 11.58 27.70 -0.02
N LEU B 182 11.79 26.65 -0.81
CA LEU B 182 11.32 25.32 -0.42
C LEU B 182 12.24 24.72 0.62
N ARG B 183 11.66 24.25 1.73
CA ARG B 183 12.39 23.55 2.78
C ARG B 183 11.66 22.23 3.05
N LEU B 184 12.20 21.13 2.53
CA LEU B 184 11.58 19.83 2.69
C LEU B 184 11.80 19.30 4.10
N ALA B 185 11.26 18.11 4.36
CA ALA B 185 11.40 17.50 5.68
C ALA B 185 12.86 17.13 5.96
N GLN B 186 13.50 16.44 5.02
CA GLN B 186 14.86 15.95 5.23
C GLN B 186 15.90 16.64 4.35
N TYR B 187 15.51 17.20 3.22
CA TYR B 187 16.46 17.78 2.27
C TYR B 187 16.37 19.30 2.30
N THR B 188 17.23 19.94 1.50
CA THR B 188 17.26 21.40 1.39
C THR B 188 17.94 21.75 0.08
N ILE B 189 17.24 22.50 -0.78
CA ILE B 189 17.78 22.90 -2.06
C ILE B 189 18.68 24.11 -1.85
N GLU B 190 19.93 24.00 -2.31
CA GLU B 190 20.90 25.08 -2.20
C GLU B 190 21.37 25.63 -3.53
N ARG B 191 21.37 24.81 -4.59
CA ARG B 191 21.80 25.23 -5.91
C ARG B 191 20.92 24.57 -6.96
N TYR B 192 20.13 25.38 -7.65
CA TYR B 192 19.28 24.90 -8.74
C TYR B 192 19.48 25.81 -9.94
N PHE B 193 19.48 25.21 -11.14
CA PHE B 193 19.65 26.00 -12.34
C PHE B 193 18.98 25.32 -13.53
N THR B 194 18.74 26.12 -14.56
CA THR B 194 18.02 25.71 -15.75
C THR B 194 18.95 25.73 -16.96
N LEU B 195 18.85 24.70 -17.79
CA LEU B 195 19.68 24.55 -18.98
C LEU B 195 18.81 24.20 -20.19
N VAL B 196 19.29 24.58 -21.35
CA VAL B 196 18.64 24.26 -22.63
C VAL B 196 19.56 23.27 -23.33
N THR B 197 19.29 21.98 -23.14
CA THR B 197 20.09 20.94 -23.76
C THR B 197 19.47 20.51 -25.08
N ARG B 198 20.24 19.79 -25.89
CA ARG B 198 19.77 19.30 -27.18
C ARG B 198 19.85 17.77 -27.15
N SER B 199 18.70 17.13 -26.98
CA SER B 199 18.66 15.67 -26.94
C SER B 199 18.63 15.10 -28.36
N GLN B 200 19.48 14.12 -28.61
CA GLN B 200 19.58 13.47 -29.91
C GLN B 200 18.95 12.08 -29.80
N GLN B 201 17.78 11.93 -30.41
CA GLN B 201 17.07 10.65 -30.44
C GLN B 201 17.00 10.14 -31.88
N GLU B 202 16.52 8.90 -32.02
CA GLU B 202 16.40 8.30 -33.34
C GLU B 202 15.42 9.08 -34.22
N THR B 203 14.29 9.50 -33.65
CA THR B 203 13.29 10.22 -34.42
C THR B 203 13.82 11.58 -34.87
N GLY B 204 14.49 12.30 -33.97
CA GLY B 204 15.02 13.61 -34.33
C GLY B 204 15.70 14.27 -33.14
N ASN B 205 16.07 15.52 -33.35
CA ASN B 205 16.74 16.32 -32.32
C ASN B 205 15.72 17.21 -31.63
N TYR B 206 15.77 17.25 -30.30
CA TYR B 206 14.79 17.97 -29.50
C TYR B 206 15.48 18.97 -28.58
N THR B 207 14.79 20.06 -28.28
CA THR B 207 15.27 21.05 -27.33
C THR B 207 14.66 20.74 -25.96
N ARG B 208 15.48 20.29 -25.03
CA ARG B 208 15.03 19.88 -23.70
C ARG B 208 15.36 20.97 -22.70
N LEU B 209 14.42 21.26 -21.81
CA LEU B 209 14.62 22.24 -20.74
C LEU B 209 14.80 21.49 -19.43
N VAL B 210 15.98 21.59 -18.85
CA VAL B 210 16.35 20.81 -17.67
C VAL B 210 16.52 21.76 -16.48
N LEU B 211 15.67 21.62 -15.48
CA LEU B 211 15.85 22.30 -14.21
C LEU B 211 16.41 21.30 -13.22
N GLN B 212 17.68 21.45 -12.86
CA GLN B 212 18.34 20.51 -11.97
C GLN B 212 18.63 21.20 -10.64
N PHE B 213 18.35 20.50 -9.55
CA PHE B 213 18.50 21.03 -8.21
C PHE B 213 19.20 20.01 -7.32
N GLU B 214 20.07 20.51 -6.44
CA GLU B 214 20.84 19.67 -5.53
C GLU B 214 20.16 19.64 -4.17
N LEU B 215 19.66 18.45 -3.80
CA LEU B 215 19.02 18.24 -2.51
C LEU B 215 20.07 17.68 -1.55
N ARG B 216 20.31 18.42 -0.47
CA ARG B 216 21.28 18.03 0.55
C ARG B 216 20.54 17.71 1.84
N ARG B 217 20.72 16.49 2.35
CA ARG B 217 20.06 16.08 3.58
C ARG B 217 20.71 16.76 4.78
N ASN B 218 19.90 17.00 5.80
CA ASN B 218 20.40 17.63 7.02
C ASN B 218 21.41 16.72 7.70
N VAL B 219 22.40 17.33 8.35
CA VAL B 219 23.55 16.60 8.88
C VAL B 219 23.41 16.38 10.38
N LEU B 220 22.74 17.30 11.07
CA LEU B 220 22.68 17.27 12.52
C LEU B 220 21.74 16.20 13.08
N TYR B 221 20.64 15.90 12.39
CA TYR B 221 19.66 14.96 12.92
C TYR B 221 20.26 13.57 13.11
N PHE B 222 20.91 13.04 12.06
CA PHE B 222 21.51 11.72 12.14
C PHE B 222 22.67 11.67 13.13
N ILE B 223 23.41 12.77 13.30
CA ILE B 223 24.50 12.79 14.26
C ILE B 223 23.96 12.74 15.68
N LEU B 224 22.95 13.57 15.98
CA LEU B 224 22.43 13.64 17.34
C LEU B 224 21.50 12.49 17.69
N GLU B 225 20.99 11.75 16.70
CA GLU B 225 20.06 10.67 16.97
C GLU B 225 20.63 9.27 16.73
N THR B 226 21.65 9.14 15.89
CA THR B 226 22.26 7.85 15.62
C THR B 226 23.73 7.80 15.99
N TYR B 227 24.51 8.82 15.60
CA TYR B 227 25.94 8.81 15.89
C TYR B 227 26.21 9.00 17.37
N VAL B 228 25.44 9.86 18.05
CA VAL B 228 25.63 10.08 19.48
C VAL B 228 25.36 8.82 20.30
N PRO B 229 24.27 8.08 20.07
CA PRO B 229 24.12 6.80 20.80
C PRO B 229 25.24 5.82 20.55
N SER B 230 25.77 5.77 19.31
CA SER B 230 26.90 4.90 19.04
C SER B 230 28.14 5.34 19.81
N THR B 231 28.38 6.65 19.88
CA THR B 231 29.50 7.16 20.66
C THR B 231 29.33 6.83 22.14
N PHE B 232 28.11 6.93 22.65
CA PHE B 232 27.85 6.58 24.05
C PHE B 232 28.08 5.08 24.28
N LEU B 233 27.71 4.25 23.31
CA LEU B 233 27.99 2.81 23.41
C LEU B 233 29.49 2.54 23.45
N VAL B 234 30.26 3.24 22.61
CA VAL B 234 31.70 3.06 22.62
C VAL B 234 32.30 3.56 23.93
N VAL B 235 31.75 4.63 24.50
CA VAL B 235 32.21 5.12 25.78
C VAL B 235 31.93 4.09 26.88
N LEU B 236 30.75 3.47 26.84
CA LEU B 236 30.45 2.42 27.81
C LEU B 236 31.37 1.23 27.64
N SER B 237 31.71 0.88 26.40
CA SER B 237 32.67 -0.19 26.16
C SER B 237 34.04 0.16 26.74
N TRP B 238 34.44 1.43 26.61
CA TRP B 238 35.68 1.88 27.25
C TRP B 238 35.61 1.74 28.76
N VAL B 239 34.49 2.14 29.35
CA VAL B 239 34.32 2.05 30.80
C VAL B 239 34.35 0.60 31.25
N SER B 240 33.92 -0.33 30.39
CA SER B 240 33.93 -1.75 30.75
C SER B 240 35.32 -2.24 31.12
N PHE B 241 36.38 -1.58 30.62
CA PHE B 241 37.73 -1.99 30.96
C PHE B 241 38.05 -1.75 32.43
N TRP B 242 37.52 -0.66 33.02
CA TRP B 242 37.84 -0.33 34.41
C TRP B 242 37.31 -1.39 35.36
N ILE B 243 36.12 -1.92 35.10
CA ILE B 243 35.54 -2.95 35.96
C ILE B 243 36.31 -4.24 35.76
N SER B 244 36.74 -4.84 36.87
CA SER B 244 37.54 -6.05 36.83
C SER B 244 36.65 -7.29 36.94
N LEU B 245 37.28 -8.46 36.86
CA LEU B 245 36.54 -9.72 36.90
C LEU B 245 36.06 -10.07 38.30
N ASP B 246 36.61 -9.42 39.33
CA ASP B 246 36.20 -9.74 40.70
C ASP B 246 34.73 -9.42 40.92
N SER B 247 34.22 -8.35 40.30
CA SER B 247 32.81 -7.98 40.40
C SER B 247 32.10 -8.50 39.15
N VAL B 248 31.84 -9.80 39.14
CA VAL B 248 31.14 -10.45 38.03
C VAL B 248 29.74 -9.88 37.78
N PRO B 249 28.94 -9.50 38.79
CA PRO B 249 27.63 -8.92 38.45
C PRO B 249 27.72 -7.65 37.63
N ALA B 250 28.58 -6.71 38.04
CA ALA B 250 28.70 -5.46 37.30
C ALA B 250 29.22 -5.68 35.89
N ARG B 251 30.22 -6.55 35.74
CA ARG B 251 30.74 -6.85 34.40
C ARG B 251 29.69 -7.48 33.52
N THR B 252 28.94 -8.44 34.07
CA THR B 252 27.88 -9.09 33.29
C THR B 252 26.82 -8.09 32.87
N CYS B 253 26.39 -7.22 33.79
CA CYS B 253 25.37 -6.23 33.47
C CYS B 253 25.86 -5.26 32.40
N ILE B 254 27.08 -4.75 32.54
CA ILE B 254 27.57 -3.77 31.57
C ILE B 254 27.76 -4.41 30.20
N GLY B 255 28.27 -5.65 30.17
CA GLY B 255 28.41 -6.33 28.89
C GLY B 255 27.07 -6.60 28.22
N VAL B 256 26.08 -7.05 29.00
CA VAL B 256 24.76 -7.31 28.45
C VAL B 256 24.16 -6.02 27.91
N THR B 257 24.27 -4.92 28.67
CA THR B 257 23.73 -3.65 28.21
C THR B 257 24.41 -3.19 26.93
N THR B 258 25.73 -3.28 26.86
CA THR B 258 26.44 -2.85 25.67
C THR B 258 26.03 -3.67 24.46
N VAL B 259 26.01 -5.00 24.59
CA VAL B 259 25.69 -5.86 23.45
C VAL B 259 24.25 -5.62 23.00
N LEU B 260 23.31 -5.57 23.95
CA LEU B 260 21.91 -5.38 23.60
C LEU B 260 21.68 -4.02 22.95
N SER B 261 22.31 -2.97 23.49
CA SER B 261 22.15 -1.64 22.91
C SER B 261 22.74 -1.58 21.51
N MET B 262 23.90 -2.20 21.29
CA MET B 262 24.49 -2.17 19.95
C MET B 262 23.63 -2.95 18.96
N THR B 263 23.08 -4.10 19.38
CA THR B 263 22.18 -4.84 18.50
C THR B 263 20.93 -4.03 18.16
N THR B 264 20.34 -3.38 19.17
CA THR B 264 19.15 -2.58 18.92
C THR B 264 19.45 -1.38 18.01
N LEU B 265 20.61 -0.76 18.19
CA LEU B 265 21.00 0.34 17.31
C LEU B 265 21.20 -0.14 15.88
N MET B 266 21.84 -1.30 15.70
CA MET B 266 21.99 -1.85 14.36
C MET B 266 20.64 -2.15 13.72
N ILE B 267 19.71 -2.72 14.51
CA ILE B 267 18.38 -3.02 13.99
C ILE B 267 17.66 -1.74 13.59
N GLY B 268 17.73 -0.70 14.44
CA GLY B 268 17.07 0.55 14.12
C GLY B 268 17.66 1.23 12.90
N SER B 269 18.98 1.13 12.73
CA SER B 269 19.61 1.71 11.55
C SER B 269 19.23 0.94 10.28
N ARG B 270 19.14 -0.38 10.38
CA ARG B 270 18.81 -1.20 9.22
C ARG B 270 17.34 -1.13 8.84
N THR B 271 16.47 -0.75 9.78
CA THR B 271 15.04 -0.66 9.49
C THR B 271 14.61 0.72 9.00
N SER B 272 15.51 1.70 9.00
CA SER B 272 15.17 3.03 8.51
C SER B 272 14.93 3.01 7.01
N LEU B 273 15.79 2.34 6.27
CA LEU B 273 15.67 2.25 4.81
C LEU B 273 15.42 0.81 4.40
N PRO B 274 14.41 0.54 3.58
CA PRO B 274 14.12 -0.83 3.16
C PRO B 274 15.26 -1.43 2.35
N ASN B 275 15.26 -2.75 2.26
CA ASN B 275 16.31 -3.49 1.56
C ASN B 275 16.14 -3.32 0.05
N THR B 276 16.45 -2.11 -0.43
CA THR B 276 16.37 -1.79 -1.84
C THR B 276 17.69 -1.33 -2.45
N ASN B 277 18.51 -0.61 -1.70
CA ASN B 277 19.80 -0.16 -2.20
C ASN B 277 20.81 -1.31 -2.18
N CYS B 278 21.75 -1.27 -3.11
CA CYS B 278 22.81 -2.26 -3.23
C CYS B 278 24.17 -1.58 -3.30
N PHE B 279 24.39 -0.61 -2.42
CA PHE B 279 25.63 0.14 -2.34
C PHE B 279 26.18 0.08 -0.93
N ILE B 280 27.43 0.50 -0.78
CA ILE B 280 28.09 0.56 0.51
C ILE B 280 27.83 1.95 1.08
N LYS B 281 27.03 2.01 2.14
CA LYS B 281 26.62 3.28 2.74
C LYS B 281 27.72 3.82 3.66
N ALA B 282 27.44 4.96 4.29
CA ALA B 282 28.37 5.58 5.22
C ALA B 282 27.98 5.36 6.68
N ILE B 283 26.69 5.46 7.00
CA ILE B 283 26.23 5.18 8.36
C ILE B 283 26.44 3.71 8.69
N ASP B 284 26.26 2.83 7.70
CA ASP B 284 26.50 1.41 7.91
C ASP B 284 27.97 1.14 8.22
N VAL B 285 28.87 1.83 7.52
CA VAL B 285 30.30 1.65 7.77
C VAL B 285 30.66 2.10 9.18
N TYR B 286 30.14 3.26 9.61
CA TYR B 286 30.45 3.76 10.95
C TYR B 286 29.89 2.84 12.03
N LEU B 287 28.65 2.37 11.85
CA LEU B 287 28.08 1.46 12.84
C LEU B 287 28.82 0.12 12.86
N GLY B 288 29.27 -0.37 11.69
CA GLY B 288 30.08 -1.57 11.68
C GLY B 288 31.41 -1.37 12.37
N ILE B 289 32.00 -0.18 12.22
CA ILE B 289 33.24 0.13 12.94
C ILE B 289 33.01 0.11 14.43
N CYS B 290 31.90 0.71 14.89
CA CYS B 290 31.59 0.69 16.32
C CYS B 290 31.37 -0.73 16.83
N PHE B 291 30.62 -1.54 16.06
CA PHE B 291 30.39 -2.92 16.47
C PHE B 291 31.69 -3.72 16.51
N SER B 292 32.57 -3.50 15.53
CA SER B 292 33.86 -4.17 15.52
C SER B 292 34.71 -3.73 16.71
N PHE B 293 34.64 -2.46 17.08
CA PHE B 293 35.37 -1.98 18.25
C PHE B 293 34.85 -2.65 19.52
N VAL B 294 33.54 -2.78 19.66
CA VAL B 294 32.97 -3.43 20.84
C VAL B 294 33.39 -4.90 20.88
N PHE B 295 33.29 -5.58 19.74
CA PHE B 295 33.68 -7.00 19.68
C PHE B 295 35.16 -7.17 19.98
N GLY B 296 36.00 -6.29 19.45
CA GLY B 296 37.43 -6.37 19.74
C GLY B 296 37.74 -6.09 21.20
N ALA B 297 37.00 -5.17 21.82
CA ALA B 297 37.18 -4.91 23.25
C ALA B 297 36.84 -6.15 24.07
N LEU B 298 35.71 -6.80 23.74
CA LEU B 298 35.34 -8.01 24.46
C LEU B 298 36.36 -9.13 24.24
N LEU B 299 36.82 -9.28 23.00
CA LEU B 299 37.81 -10.32 22.70
C LEU B 299 39.13 -10.04 23.41
N GLU B 300 39.55 -8.78 23.47
CA GLU B 300 40.78 -8.43 24.18
C GLU B 300 40.65 -8.67 25.67
N TYR B 301 39.48 -8.36 26.25
CA TYR B 301 39.26 -8.68 27.65
C TYR B 301 39.35 -10.18 27.90
N ALA B 302 38.73 -10.98 27.02
CA ALA B 302 38.81 -12.43 27.17
C ALA B 302 40.24 -12.94 27.04
N VAL B 303 40.99 -12.40 26.08
CA VAL B 303 42.37 -12.84 25.87
C VAL B 303 43.24 -12.44 27.06
N ALA B 304 43.03 -11.24 27.60
CA ALA B 304 43.78 -10.82 28.78
C ALA B 304 43.46 -11.71 29.98
N HIS B 305 42.19 -12.07 30.16
CA HIS B 305 41.83 -12.97 31.24
C HIS B 305 42.48 -14.34 31.06
N TYR B 306 42.49 -14.85 29.82
CA TYR B 306 43.11 -16.14 29.55
C TYR B 306 44.61 -16.10 29.82
N SER B 307 45.27 -15.03 29.39
CA SER B 307 46.71 -14.92 29.58
C SER B 307 47.07 -14.76 31.06
N SER B 308 46.26 -14.01 31.81
CA SER B 308 46.52 -13.84 33.24
C SER B 308 46.37 -15.15 33.99
N LEU B 309 45.36 -15.94 33.64
CA LEU B 309 45.13 -17.23 34.29
C LEU B 309 45.74 -18.37 33.48
N ASN B 317 48.36 -4.60 33.01
CA ASN B 317 49.40 -4.69 31.99
C ASN B 317 48.85 -4.36 30.60
N VAL B 318 48.29 -5.36 29.92
CA VAL B 318 47.72 -5.12 28.60
C VAL B 318 46.51 -4.19 28.69
N ASP B 319 45.65 -4.41 29.68
CA ASP B 319 44.47 -3.56 29.84
C ASP B 319 44.86 -2.13 30.19
N HIS B 320 45.87 -1.96 31.05
CA HIS B 320 46.30 -0.61 31.41
C HIS B 320 46.87 0.13 30.21
N TYR B 321 47.66 -0.56 29.38
CA TYR B 321 48.18 0.05 28.16
C TYR B 321 47.06 0.38 27.18
N SER B 322 46.07 -0.50 27.08
CA SER B 322 44.95 -0.25 26.18
C SER B 322 44.13 0.95 26.64
N LYS B 323 44.00 1.14 27.95
CA LYS B 323 43.23 2.26 28.48
C LYS B 323 43.77 3.60 27.97
N LEU B 324 45.05 3.66 27.63
CA LEU B 324 45.65 4.86 27.06
C LEU B 324 45.76 4.81 25.54
N LEU B 325 45.94 3.62 24.97
CA LEU B 325 46.10 3.50 23.52
C LEU B 325 44.78 3.71 22.79
N PHE B 326 43.69 3.14 23.31
CA PHE B 326 42.41 3.19 22.61
C PHE B 326 41.89 4.60 22.37
N PRO B 327 41.88 5.53 23.34
CA PRO B 327 41.30 6.84 23.05
C PRO B 327 41.97 7.59 21.90
N LEU B 328 43.31 7.63 21.89
CA LEU B 328 44.01 8.40 20.87
C LEU B 328 43.79 7.81 19.48
N ILE B 329 43.96 6.49 19.34
CA ILE B 329 43.80 5.86 18.04
C ILE B 329 42.35 5.95 17.57
N PHE B 330 41.39 5.77 18.49
CA PHE B 330 39.98 5.86 18.11
C PHE B 330 39.63 7.27 17.65
N MET B 331 40.10 8.29 18.37
CA MET B 331 39.83 9.67 17.96
C MET B 331 40.48 9.98 16.63
N LEU B 332 41.72 9.52 16.41
CA LEU B 332 42.38 9.76 15.13
C LEU B 332 41.63 9.09 13.99
N ALA B 333 41.16 7.86 14.20
CA ALA B 333 40.40 7.15 13.17
C ALA B 333 39.08 7.86 12.89
N ASN B 334 38.40 8.35 13.92
CA ASN B 334 37.16 9.08 13.72
C ASN B 334 37.40 10.37 12.94
N VAL B 335 38.49 11.08 13.25
CA VAL B 335 38.81 12.30 12.52
C VAL B 335 39.15 11.98 11.06
N PHE B 336 39.87 10.88 10.83
CA PHE B 336 40.18 10.48 9.46
C PHE B 336 38.91 10.15 8.68
N TYR B 337 37.97 9.43 9.31
CA TYR B 337 36.72 9.11 8.64
C TYR B 337 35.92 10.37 8.34
N TRP B 338 35.86 11.31 9.29
CA TRP B 338 35.14 12.55 9.05
C TRP B 338 35.77 13.35 7.92
N ALA B 339 37.10 13.46 7.92
CA ALA B 339 37.78 14.18 6.85
C ALA B 339 37.57 13.51 5.50
N TYR B 340 37.51 12.18 5.49
CA TYR B 340 37.28 11.45 4.25
C TYR B 340 35.88 11.72 3.72
N TYR B 341 34.87 11.73 4.59
CA TYR B 341 33.49 11.82 4.14
C TYR B 341 32.94 13.23 4.08
N MET B 342 33.68 14.24 4.52
CA MET B 342 33.29 15.64 4.32
C MET B 342 34.03 16.33 3.20
N TYR B 343 35.35 16.13 3.08
CA TYR B 343 36.16 16.91 2.15
C TYR B 343 36.65 16.09 0.97
N PHE B 344 37.35 14.98 1.20
CA PHE B 344 37.90 14.19 0.10
C PHE B 344 38.13 12.75 0.51
N THR C 22 -28.21 34.42 -27.69
CA THR C 22 -27.89 34.04 -26.31
C THR C 22 -26.47 33.50 -26.21
N ALA C 23 -26.18 32.81 -25.11
CA ALA C 23 -24.84 32.26 -24.86
C ALA C 23 -24.74 30.90 -25.53
N GLY C 24 -24.70 30.92 -26.86
CA GLY C 24 -24.53 29.71 -27.64
C GLY C 24 -23.11 29.17 -27.54
N TYR C 25 -22.15 29.94 -28.05
CA TYR C 25 -20.74 29.63 -27.90
C TYR C 25 -20.08 30.47 -26.82
N ASN C 26 -20.87 31.20 -26.02
CA ASN C 26 -20.35 32.06 -24.97
C ASN C 26 -20.12 31.33 -23.66
N LYS C 27 -20.31 30.01 -23.63
CA LYS C 27 -20.02 29.24 -22.42
C LYS C 27 -18.55 29.34 -22.05
N PHE C 28 -17.67 29.63 -23.00
CA PHE C 28 -16.27 29.92 -22.70
C PHE C 28 -16.09 31.32 -22.12
N LEU C 29 -17.06 32.21 -22.32
CA LEU C 29 -16.99 33.57 -21.81
C LEU C 29 -17.63 33.64 -20.43
N ARG C 30 -16.91 34.21 -19.47
CA ARG C 30 -17.45 34.42 -18.14
C ARG C 30 -18.56 35.46 -18.19
N PRO C 31 -19.49 35.43 -17.23
CA PRO C 31 -20.53 36.45 -17.18
C PRO C 31 -19.92 37.86 -17.08
N ASN C 32 -20.54 38.80 -17.79
CA ASN C 32 -20.02 40.16 -17.93
C ASN C 32 -18.58 40.13 -18.45
N PHE C 33 -18.43 39.52 -19.62
CA PHE C 33 -17.11 39.34 -20.24
C PHE C 33 -16.60 40.71 -20.69
N GLY C 34 -15.73 41.30 -19.88
CA GLY C 34 -15.23 42.64 -20.13
C GLY C 34 -15.94 43.66 -19.27
N GLY C 35 -15.31 44.09 -18.19
CA GLY C 35 -15.91 45.03 -17.27
C GLY C 35 -15.87 44.58 -15.83
N GLU C 36 -17.01 44.66 -15.14
CA GLU C 36 -17.05 44.25 -13.75
C GLU C 36 -16.87 42.74 -13.63
N PRO C 37 -16.13 42.27 -12.62
CA PRO C 37 -15.92 40.83 -12.45
C PRO C 37 -17.17 40.15 -11.90
N VAL C 38 -17.11 38.82 -11.85
CA VAL C 38 -18.19 38.01 -11.33
C VAL C 38 -17.98 37.81 -9.84
N GLN C 39 -18.99 38.16 -9.05
CA GLN C 39 -18.94 37.99 -7.59
C GLN C 39 -19.53 36.62 -7.25
N ILE C 40 -18.66 35.68 -6.89
CA ILE C 40 -19.07 34.32 -6.57
C ILE C 40 -19.02 34.15 -5.06
N ALA C 41 -20.16 33.82 -4.47
CA ALA C 41 -20.28 33.56 -3.05
C ALA C 41 -20.07 32.07 -2.80
N LEU C 42 -19.24 31.75 -1.80
CA LEU C 42 -18.85 30.38 -1.53
C LEU C 42 -19.46 29.89 -0.23
N THR C 43 -19.75 28.59 -0.18
CA THR C 43 -20.23 27.91 1.01
C THR C 43 -19.55 26.56 1.09
N LEU C 44 -19.04 26.22 2.27
CA LEU C 44 -18.35 24.96 2.49
C LEU C 44 -19.06 24.12 3.53
N ASP C 45 -19.04 22.81 3.32
CA ASP C 45 -19.67 21.87 4.24
C ASP C 45 -18.79 20.62 4.28
N ILE C 46 -17.89 20.56 5.27
CA ILE C 46 -16.99 19.43 5.42
C ILE C 46 -17.79 18.25 5.96
N ALA C 47 -18.11 17.29 5.09
CA ALA C 47 -18.86 16.13 5.52
C ALA C 47 -18.04 15.27 6.47
N SER C 48 -16.76 15.08 6.17
CA SER C 48 -15.87 14.28 7.00
C SER C 48 -14.43 14.51 6.56
N ILE C 49 -13.55 14.65 7.54
CA ILE C 49 -12.11 14.68 7.29
C ILE C 49 -11.64 13.23 7.35
N SER C 50 -11.40 12.64 6.17
CA SER C 50 -11.17 11.21 6.10
C SER C 50 -9.91 10.79 6.86
N SER C 51 -8.83 11.55 6.70
CA SER C 51 -7.58 11.17 7.35
C SER C 51 -6.70 12.41 7.54
N ILE C 52 -5.77 12.31 8.48
CA ILE C 52 -4.76 13.34 8.72
C ILE C 52 -3.43 12.61 8.84
N SER C 53 -2.64 12.62 7.75
CA SER C 53 -1.38 11.89 7.71
C SER C 53 -0.23 12.84 8.03
N GLU C 54 0.42 12.61 9.17
CA GLU C 54 1.60 13.38 9.53
C GLU C 54 2.83 12.92 8.75
N SER C 55 2.90 11.64 8.38
CA SER C 55 4.04 11.16 7.60
C SER C 55 4.08 11.83 6.23
N ASN C 56 2.93 11.94 5.57
CA ASN C 56 2.83 12.65 4.30
C ASN C 56 2.52 14.12 4.48
N MET C 57 2.19 14.56 5.71
CA MET C 57 1.93 15.96 6.02
C MET C 57 0.78 16.51 5.16
N ASP C 58 -0.37 15.86 5.27
CA ASP C 58 -1.56 16.28 4.54
C ASP C 58 -2.79 15.79 5.26
N TYR C 59 -3.96 16.14 4.71
CA TYR C 59 -5.23 15.67 5.24
C TYR C 59 -6.21 15.47 4.10
N THR C 60 -6.93 14.35 4.14
CA THR C 60 -7.94 14.01 3.15
C THR C 60 -9.32 14.23 3.76
N ALA C 61 -10.14 15.04 3.10
CA ALA C 61 -11.45 15.42 3.60
C ALA C 61 -12.43 15.55 2.45
N THR C 62 -13.70 15.29 2.73
CA THR C 62 -14.77 15.43 1.75
C THR C 62 -15.54 16.71 2.05
N ILE C 63 -15.74 17.53 1.03
CA ILE C 63 -16.38 18.83 1.19
C ILE C 63 -17.53 18.96 0.20
N TYR C 64 -18.54 19.73 0.61
CA TYR C 64 -19.70 20.05 -0.22
C TYR C 64 -19.52 21.50 -0.67
N LEU C 65 -18.83 21.68 -1.79
CA LEU C 65 -18.50 23.00 -2.30
C LEU C 65 -19.74 23.59 -2.98
N ARG C 66 -20.20 24.75 -2.50
CA ARG C 66 -21.34 25.44 -3.09
C ARG C 66 -20.92 26.81 -3.56
N GLN C 67 -21.25 27.14 -4.81
CA GLN C 67 -20.92 28.42 -5.40
C GLN C 67 -22.18 29.07 -5.96
N ARG C 68 -22.30 30.37 -5.75
CA ARG C 68 -23.46 31.14 -6.21
C ARG C 68 -22.96 32.39 -6.93
N TRP C 69 -23.27 32.50 -8.22
CA TRP C 69 -22.96 33.70 -9.00
C TRP C 69 -24.19 34.10 -9.80
N MET C 70 -24.06 35.16 -10.58
CA MET C 70 -25.15 35.70 -11.38
C MET C 70 -24.74 35.67 -12.85
N ASP C 71 -25.51 34.96 -13.67
CA ASP C 71 -25.31 34.90 -15.11
C ASP C 71 -26.45 35.66 -15.78
N GLN C 72 -26.13 36.84 -16.33
CA GLN C 72 -27.16 37.66 -16.94
C GLN C 72 -27.74 37.00 -18.20
N ARG C 73 -26.95 36.19 -18.89
CA ARG C 73 -27.42 35.50 -20.08
C ARG C 73 -28.28 34.29 -19.77
N LEU C 74 -28.32 33.84 -18.51
CA LEU C 74 -29.07 32.66 -18.11
C LEU C 74 -30.35 33.00 -17.37
N VAL C 75 -30.84 34.23 -17.49
CA VAL C 75 -32.05 34.66 -16.81
C VAL C 75 -33.26 34.23 -17.61
N PHE C 76 -34.40 34.10 -16.92
CA PHE C 76 -35.65 33.75 -17.56
C PHE C 76 -36.79 34.43 -16.80
N GLU C 77 -38.00 34.28 -17.33
CA GLU C 77 -39.18 34.87 -16.73
C GLU C 77 -39.86 33.83 -15.84
N GLY C 78 -40.03 34.17 -14.56
CA GLY C 78 -40.65 33.26 -13.63
C GLY C 78 -40.57 33.80 -12.21
N ASN C 79 -40.85 32.92 -11.26
CA ASN C 79 -40.82 33.29 -9.84
C ASN C 79 -40.07 32.26 -9.02
N LYS C 80 -39.99 31.03 -9.50
CA LYS C 80 -39.38 29.94 -8.77
C LYS C 80 -38.09 29.49 -9.46
N SER C 81 -37.28 28.74 -8.70
CA SER C 81 -36.03 28.18 -9.20
C SER C 81 -36.27 26.75 -9.70
N PHE C 82 -35.34 26.27 -10.51
CA PHE C 82 -35.43 24.93 -11.08
C PHE C 82 -34.10 24.22 -10.97
N THR C 83 -34.14 22.97 -10.49
CA THR C 83 -32.95 22.13 -10.38
C THR C 83 -32.77 21.39 -11.70
N LEU C 84 -31.64 21.61 -12.36
CA LEU C 84 -31.37 20.95 -13.63
C LEU C 84 -30.40 19.78 -13.43
N ASP C 85 -30.30 18.94 -14.46
CA ASP C 85 -29.42 17.79 -14.40
C ASP C 85 -27.97 18.22 -14.39
N ALA C 86 -27.12 17.36 -13.82
CA ALA C 86 -25.69 17.63 -13.77
C ALA C 86 -25.07 17.72 -15.15
N ARG C 87 -25.59 16.98 -16.13
CA ARG C 87 -25.08 17.03 -17.49
C ARG C 87 -25.24 18.39 -18.14
N LEU C 88 -26.11 19.26 -17.61
CA LEU C 88 -26.20 20.62 -18.10
C LEU C 88 -24.97 21.46 -17.76
N VAL C 89 -24.17 21.01 -16.79
CA VAL C 89 -22.97 21.76 -16.41
C VAL C 89 -22.02 21.89 -17.60
N GLU C 90 -21.96 20.86 -18.45
CA GLU C 90 -21.12 20.89 -19.63
C GLU C 90 -21.56 21.95 -20.64
N PHE C 91 -22.77 22.49 -20.51
CA PHE C 91 -23.28 23.49 -21.43
C PHE C 91 -23.24 24.91 -20.88
N LEU C 92 -22.99 25.08 -19.59
CA LEU C 92 -22.98 26.39 -18.96
C LEU C 92 -21.56 26.76 -18.54
N TRP C 93 -21.42 27.99 -18.04
CA TRP C 93 -20.16 28.48 -17.51
C TRP C 93 -20.13 28.27 -16.00
N VAL C 94 -19.05 27.67 -15.51
CA VAL C 94 -18.88 27.45 -14.09
C VAL C 94 -17.51 27.98 -13.67
N PRO C 95 -17.36 28.50 -12.46
CA PRO C 95 -16.05 29.01 -12.04
C PRO C 95 -15.01 27.91 -11.95
N ASP C 96 -13.77 28.27 -12.25
CA ASP C 96 -12.65 27.33 -12.20
C ASP C 96 -12.05 27.28 -10.79
N THR C 97 -12.89 27.02 -9.79
CA THR C 97 -12.42 26.92 -8.42
C THR C 97 -11.46 25.74 -8.28
N TYR C 98 -10.45 25.91 -7.44
CA TYR C 98 -9.44 24.89 -7.25
C TYR C 98 -8.82 25.05 -5.88
N ILE C 99 -8.45 23.90 -5.28
CA ILE C 99 -7.77 23.92 -4.00
C ILE C 99 -6.29 24.21 -4.22
N VAL C 100 -5.77 25.21 -3.50
CA VAL C 100 -4.44 25.72 -3.78
C VAL C 100 -3.38 24.65 -3.55
N GLU C 101 -3.49 23.91 -2.45
CA GLU C 101 -2.49 22.92 -2.06
C GLU C 101 -3.05 21.50 -2.15
N SER C 102 -3.81 21.20 -3.19
CA SER C 102 -4.37 19.87 -3.38
C SER C 102 -3.35 18.97 -4.08
N LYS C 103 -3.11 17.79 -3.50
CA LYS C 103 -2.24 16.80 -4.10
C LYS C 103 -3.00 15.82 -4.98
N LYS C 104 -4.22 15.47 -4.58
CA LYS C 104 -5.05 14.55 -5.35
C LYS C 104 -6.50 14.76 -4.94
N SER C 105 -7.35 15.10 -5.90
CA SER C 105 -8.76 15.34 -5.64
C SER C 105 -9.58 14.75 -6.78
N PHE C 106 -10.84 14.45 -6.48
CA PHE C 106 -11.73 13.88 -7.49
C PHE C 106 -13.17 14.20 -7.11
N LEU C 107 -13.95 14.58 -8.11
CA LEU C 107 -15.39 14.71 -7.93
C LEU C 107 -16.02 13.33 -7.88
N HIS C 108 -16.90 13.10 -6.90
CA HIS C 108 -17.46 11.77 -6.70
C HIS C 108 -18.42 11.41 -7.84
N GLU C 109 -18.26 10.21 -8.36
CA GLU C 109 -19.16 9.63 -9.35
C GLU C 109 -19.64 8.29 -8.81
N VAL C 110 -20.71 8.34 -8.00
CA VAL C 110 -21.24 7.16 -7.34
C VAL C 110 -22.24 6.47 -8.26
N THR C 111 -23.31 7.18 -8.63
CA THR C 111 -24.24 6.75 -9.66
C THR C 111 -24.19 7.66 -10.86
N VAL C 112 -24.25 8.97 -10.65
CA VAL C 112 -23.99 9.97 -11.68
C VAL C 112 -22.96 10.95 -11.12
N GLY C 113 -22.62 11.95 -11.93
CA GLY C 113 -21.73 12.99 -11.46
C GLY C 113 -22.38 13.77 -10.32
N ASN C 114 -21.68 13.85 -9.18
CA ASN C 114 -22.21 14.52 -7.99
C ASN C 114 -22.14 16.03 -8.20
N ARG C 115 -23.02 16.52 -9.07
CA ARG C 115 -23.12 17.93 -9.39
C ARG C 115 -24.57 18.38 -9.26
N LEU C 116 -24.79 19.42 -8.46
CA LEU C 116 -26.07 20.10 -8.35
C LEU C 116 -25.99 21.42 -9.08
N ILE C 117 -26.85 21.60 -10.07
CA ILE C 117 -26.99 22.87 -10.77
C ILE C 117 -28.42 23.36 -10.61
N ARG C 118 -28.57 24.61 -10.17
CA ARG C 118 -29.89 25.15 -9.86
C ARG C 118 -29.96 26.55 -10.47
N LEU C 119 -30.90 26.74 -11.39
CA LEU C 119 -31.06 28.02 -12.06
C LEU C 119 -32.20 28.81 -11.41
N PHE C 120 -31.99 30.11 -11.23
CA PHE C 120 -32.95 30.96 -10.56
C PHE C 120 -33.49 32.02 -11.51
N SER C 121 -34.59 32.65 -11.10
CA SER C 121 -35.27 33.61 -11.97
C SER C 121 -34.42 34.86 -12.19
N ASN C 122 -33.77 35.37 -11.15
CA ASN C 122 -33.02 36.62 -11.29
C ASN C 122 -31.63 36.41 -11.87
N GLY C 123 -31.23 35.17 -12.14
CA GLY C 123 -29.92 34.87 -12.68
C GLY C 123 -28.98 34.14 -11.73
N THR C 124 -29.39 33.92 -10.48
CA THR C 124 -28.55 33.21 -9.54
C THR C 124 -28.36 31.76 -9.99
N VAL C 125 -27.14 31.27 -9.89
CA VAL C 125 -26.79 29.90 -10.26
C VAL C 125 -26.17 29.22 -9.05
N LEU C 126 -26.78 28.13 -8.59
CA LEU C 126 -26.26 27.35 -7.49
C LEU C 126 -25.52 26.13 -8.04
N TYR C 127 -24.26 25.97 -7.64
CA TYR C 127 -23.39 24.91 -8.15
C TYR C 127 -22.78 24.19 -6.96
N ALA C 128 -23.20 22.95 -6.73
CA ALA C 128 -22.75 22.17 -5.58
C ALA C 128 -22.02 20.92 -6.06
N LEU C 129 -20.90 20.60 -5.41
CA LEU C 129 -20.07 19.47 -5.76
C LEU C 129 -19.59 18.76 -4.50
N ARG C 130 -19.49 17.43 -4.60
CA ARG C 130 -18.90 16.61 -3.55
C ARG C 130 -17.46 16.32 -3.95
N ILE C 131 -16.50 16.92 -3.24
CA ILE C 131 -15.09 16.82 -3.61
C ILE C 131 -14.33 16.19 -2.45
N THR C 132 -13.69 15.06 -2.70
CA THR C 132 -12.76 14.45 -1.76
C THR C 132 -11.36 14.92 -2.12
N THR C 133 -10.80 15.78 -1.27
CA THR C 133 -9.55 16.45 -1.56
C THR C 133 -8.49 16.07 -0.53
N THR C 134 -7.22 16.19 -0.93
CA THR C 134 -6.07 15.88 -0.10
C THR C 134 -5.19 17.12 -0.06
N VAL C 135 -5.35 17.94 0.96
CA VAL C 135 -4.64 19.21 1.07
C VAL C 135 -3.43 19.02 1.96
N ALA C 136 -2.28 19.52 1.50
CA ALA C 136 -1.03 19.41 2.24
C ALA C 136 -0.85 20.66 3.10
N CYS C 137 -0.91 20.48 4.42
CA CYS C 137 -0.62 21.53 5.38
C CYS C 137 0.64 21.17 6.14
N ASN C 138 1.60 22.09 6.20
CA ASN C 138 2.86 21.81 6.86
C ASN C 138 2.63 21.60 8.36
N MET C 139 3.26 20.57 8.90
CA MET C 139 3.09 20.18 10.30
C MET C 139 4.41 20.31 11.03
N ASP C 140 4.39 20.99 12.18
CA ASP C 140 5.55 21.12 13.05
C ASP C 140 5.34 20.21 14.26
N LEU C 141 6.07 19.11 14.31
CA LEU C 141 5.90 18.09 15.34
C LEU C 141 6.89 18.25 16.49
N SER C 142 7.29 19.49 16.80
CA SER C 142 8.21 19.71 17.91
C SER C 142 7.56 19.33 19.24
N LYS C 143 6.37 19.85 19.50
CA LYS C 143 5.59 19.47 20.68
C LYS C 143 4.58 18.38 20.32
N TYR C 144 5.10 17.26 19.83
CA TYR C 144 4.28 16.24 19.18
C TYR C 144 3.10 15.75 20.02
N PRO C 145 3.26 15.40 21.31
CA PRO C 145 2.06 14.95 22.06
C PRO C 145 0.98 16.03 22.19
N MET C 146 1.36 17.31 22.28
CA MET C 146 0.40 18.39 22.42
C MET C 146 0.45 19.40 21.27
N ASP C 147 0.86 18.97 20.08
CA ASP C 147 0.98 19.88 18.96
C ASP C 147 -0.40 20.34 18.47
N THR C 148 -0.48 21.61 18.08
CA THR C 148 -1.67 22.16 17.45
C THR C 148 -1.28 22.59 16.03
N GLN C 149 -1.91 21.95 15.05
CA GLN C 149 -1.61 22.24 13.65
C GLN C 149 -2.69 23.12 13.05
N THR C 150 -2.30 24.29 12.54
CA THR C 150 -3.23 25.20 11.89
C THR C 150 -3.28 24.87 10.40
N CYS C 151 -4.14 23.93 10.05
CA CYS C 151 -4.23 23.48 8.67
C CYS C 151 -5.29 24.28 7.92
N LYS C 152 -4.98 24.59 6.67
CA LYS C 152 -5.79 25.50 5.86
C LYS C 152 -6.35 24.77 4.64
N LEU C 153 -7.53 25.20 4.23
CA LEU C 153 -8.14 24.78 2.97
C LEU C 153 -8.39 26.06 2.18
N GLN C 154 -7.66 26.24 1.09
CA GLN C 154 -7.72 27.46 0.30
C GLN C 154 -8.33 27.19 -1.06
N LEU C 155 -9.32 28.00 -1.43
CA LEU C 155 -9.99 27.90 -2.72
C LEU C 155 -9.68 29.16 -3.53
N GLU C 156 -9.31 28.97 -4.78
CA GLU C 156 -8.92 30.08 -5.63
C GLU C 156 -9.36 29.79 -7.05
N SER C 157 -9.42 30.84 -7.87
CA SER C 157 -9.70 30.68 -9.28
C SER C 157 -8.38 30.43 -10.01
N TRP C 158 -8.32 29.31 -10.74
CA TRP C 158 -7.07 28.94 -11.40
C TRP C 158 -6.76 29.86 -12.56
N GLY C 159 -7.77 30.25 -13.33
CA GLY C 159 -7.53 31.02 -14.53
C GLY C 159 -7.91 32.48 -14.43
N TYR C 160 -9.03 32.78 -13.79
CA TYR C 160 -9.56 34.14 -13.74
C TYR C 160 -9.01 34.86 -12.52
N ASP C 161 -8.38 36.01 -12.74
CA ASP C 161 -7.77 36.77 -11.68
C ASP C 161 -8.84 37.59 -10.95
N GLY C 162 -8.39 38.50 -10.07
CA GLY C 162 -9.33 39.31 -9.31
C GLY C 162 -10.13 40.28 -10.15
N ASN C 163 -9.66 40.61 -11.35
CA ASN C 163 -10.37 41.48 -12.26
C ASN C 163 -11.43 40.73 -13.08
N ASP C 164 -11.49 39.41 -12.96
CA ASP C 164 -12.49 38.59 -13.66
C ASP C 164 -13.39 37.83 -12.72
N VAL C 165 -12.84 37.24 -11.64
CA VAL C 165 -13.61 36.49 -10.66
C VAL C 165 -13.20 36.96 -9.28
N GLU C 166 -14.18 37.36 -8.47
CA GLU C 166 -13.96 37.75 -7.08
C GLU C 166 -14.66 36.73 -6.19
N PHE C 167 -13.88 35.94 -5.46
CA PHE C 167 -14.43 34.95 -4.56
C PHE C 167 -14.75 35.57 -3.21
N THR C 168 -15.94 35.27 -2.69
CA THR C 168 -16.40 35.84 -1.44
C THR C 168 -17.09 34.74 -0.63
N TRP C 169 -17.07 34.90 0.69
CA TRP C 169 -17.77 33.99 1.59
C TRP C 169 -19.21 34.45 1.74
N LEU C 170 -20.15 33.50 1.64
CA LEU C 170 -21.56 33.86 1.64
C LEU C 170 -22.00 34.44 2.97
N ARG C 171 -21.56 33.84 4.09
CA ARG C 171 -22.03 34.24 5.41
C ARG C 171 -20.88 34.37 6.39
N GLY C 172 -19.70 34.70 5.90
CA GLY C 172 -18.53 34.83 6.79
C GLY C 172 -18.17 33.51 7.43
N ASN C 173 -18.17 33.45 8.76
CA ASN C 173 -17.74 32.21 9.46
C ASN C 173 -18.91 31.22 9.45
N ASP C 174 -20.12 31.69 9.18
CA ASP C 174 -21.31 30.81 9.12
C ASP C 174 -21.27 30.00 7.83
N SER C 175 -20.55 30.48 6.82
CA SER C 175 -20.53 29.79 5.53
C SER C 175 -20.06 28.35 5.68
N VAL C 176 -19.04 28.11 6.50
CA VAL C 176 -18.48 26.77 6.68
C VAL C 176 -19.24 26.06 7.78
N ARG C 177 -19.72 24.86 7.48
CA ARG C 177 -20.49 24.06 8.43
C ARG C 177 -19.89 22.66 8.54
N GLY C 178 -20.09 22.03 9.69
CA GLY C 178 -19.60 20.70 9.96
C GLY C 178 -18.29 20.64 10.71
N LEU C 179 -17.51 21.74 10.71
CA LEU C 179 -16.24 21.74 11.43
C LEU C 179 -16.45 21.81 12.93
N GLU C 180 -17.48 22.51 13.39
CA GLU C 180 -17.72 22.66 14.83
C GLU C 180 -18.05 21.32 15.48
N HIS C 181 -18.86 20.50 14.80
CA HIS C 181 -19.29 19.21 15.35
C HIS C 181 -18.40 18.06 14.94
N LEU C 182 -17.32 18.31 14.19
CA LEU C 182 -16.41 17.25 13.79
C LEU C 182 -15.51 16.86 14.96
N ARG C 183 -15.45 15.57 15.25
CA ARG C 183 -14.55 15.02 16.27
C ARG C 183 -13.78 13.88 15.62
N LEU C 184 -12.51 14.15 15.28
CA LEU C 184 -11.69 13.16 14.61
C LEU C 184 -11.19 12.11 15.62
N ALA C 185 -10.43 11.14 15.13
CA ALA C 185 -9.92 10.09 15.99
C ALA C 185 -8.92 10.64 17.00
N GLN C 186 -7.95 11.41 16.52
CA GLN C 186 -6.88 11.93 17.38
C GLN C 186 -6.93 13.42 17.61
N TYR C 187 -7.53 14.19 16.70
CA TYR C 187 -7.52 15.64 16.77
C TYR C 187 -8.90 16.16 17.18
N THR C 188 -8.99 17.48 17.32
CA THR C 188 -10.24 18.14 17.68
C THR C 188 -10.15 19.60 17.27
N ILE C 189 -11.08 20.04 16.43
CA ILE C 189 -11.10 21.42 15.96
C ILE C 189 -11.74 22.30 17.02
N GLU C 190 -11.02 23.34 17.44
CA GLU C 190 -11.50 24.27 18.45
C GLU C 190 -11.67 25.68 17.93
N ARG C 191 -10.89 26.10 16.92
CA ARG C 191 -10.96 27.44 16.37
C ARG C 191 -10.74 27.36 14.87
N TYR C 192 -11.78 27.66 14.10
CA TYR C 192 -11.71 27.70 12.65
C TYR C 192 -12.31 29.00 12.17
N PHE C 193 -11.72 29.58 11.12
CA PHE C 193 -12.26 30.83 10.59
C PHE C 193 -11.90 30.97 9.12
N THR C 194 -12.66 31.85 8.45
CA THR C 194 -12.56 32.06 7.01
C THR C 194 -12.06 33.47 6.73
N LEU C 195 -11.16 33.59 5.77
CA LEU C 195 -10.56 34.85 5.38
C LEU C 195 -10.59 35.01 3.87
N VAL C 196 -10.62 36.26 3.43
CA VAL C 196 -10.56 36.61 2.01
C VAL C 196 -9.21 37.27 1.79
N THR C 197 -8.23 36.48 1.38
CA THR C 197 -6.89 36.99 1.13
C THR C 197 -6.73 37.35 -0.33
N ARG C 198 -5.68 38.10 -0.64
CA ARG C 198 -5.38 38.51 -2.02
C ARG C 198 -4.02 37.95 -2.39
N SER C 199 -4.01 36.88 -3.17
CA SER C 199 -2.77 36.26 -3.58
C SER C 199 -2.20 37.00 -4.80
N GLN C 200 -0.91 37.31 -4.73
CA GLN C 200 -0.21 38.02 -5.81
C GLN C 200 0.69 37.01 -6.53
N GLN C 201 0.31 36.66 -7.76
CA GLN C 201 1.09 35.75 -8.59
C GLN C 201 1.59 36.50 -9.81
N GLU C 202 2.45 35.83 -10.57
CA GLU C 202 3.00 36.43 -11.79
C GLU C 202 1.91 36.73 -12.81
N THR C 203 0.97 35.80 -12.98
CA THR C 203 -0.10 36.00 -13.95
C THR C 203 -1.01 37.15 -13.55
N GLY C 204 -1.36 37.23 -12.27
CA GLY C 204 -2.24 38.31 -11.82
C GLY C 204 -2.56 38.16 -10.35
N ASN C 205 -3.47 39.01 -9.89
CA ASN C 205 -3.92 39.03 -8.51
C ASN C 205 -5.23 38.28 -8.38
N TYR C 206 -5.32 37.41 -7.38
CA TYR C 206 -6.47 36.53 -7.20
C TYR C 206 -7.06 36.71 -5.82
N THR C 207 -8.38 36.51 -5.72
CA THR C 207 -9.08 36.52 -4.43
C THR C 207 -9.19 35.08 -3.92
N ARG C 208 -8.46 34.78 -2.86
CA ARG C 208 -8.40 33.44 -2.31
C ARG C 208 -9.25 33.36 -1.05
N LEU C 209 -10.02 32.29 -0.91
CA LEU C 209 -10.85 32.06 0.27
C LEU C 209 -10.19 30.98 1.10
N VAL C 210 -9.75 31.34 2.31
CA VAL C 210 -8.96 30.46 3.16
C VAL C 210 -9.78 30.12 4.39
N LEU C 211 -10.12 28.85 4.56
CA LEU C 211 -10.73 28.35 5.79
C LEU C 211 -9.64 27.62 6.56
N GLN C 212 -9.19 28.21 7.66
CA GLN C 212 -8.10 27.64 8.44
C GLN C 212 -8.66 27.17 9.78
N PHE C 213 -8.24 25.98 10.20
CA PHE C 213 -8.72 25.36 11.42
C PHE C 213 -7.54 24.79 12.20
N GLU C 214 -7.63 24.91 13.52
CA GLU C 214 -6.58 24.44 14.42
C GLU C 214 -6.97 23.07 14.96
N LEU C 215 -6.20 22.06 14.58
CA LEU C 215 -6.39 20.69 15.05
C LEU C 215 -5.47 20.45 16.24
N ARG C 216 -6.06 20.13 17.38
CA ARG C 216 -5.32 19.89 18.62
C ARG C 216 -5.48 18.42 19.00
N ARG C 217 -4.36 17.72 19.12
CA ARG C 217 -4.39 16.31 19.48
C ARG C 217 -4.75 16.14 20.95
N ASN C 218 -5.42 15.03 21.26
CA ASN C 218 -5.80 14.73 22.64
C ASN C 218 -4.55 14.54 23.50
N VAL C 219 -4.67 14.96 24.76
CA VAL C 219 -3.51 15.01 25.65
C VAL C 219 -3.48 13.80 26.58
N LEU C 220 -4.65 13.27 26.93
CA LEU C 220 -4.74 12.22 27.94
C LEU C 220 -4.29 10.86 27.44
N TYR C 221 -4.51 10.53 26.17
CA TYR C 221 -4.19 9.20 25.66
C TYR C 221 -2.70 8.91 25.77
N PHE C 222 -1.87 9.81 25.27
CA PHE C 222 -0.42 9.61 25.32
C PHE C 222 0.11 9.62 26.74
N ILE C 223 -0.50 10.40 27.64
CA ILE C 223 -0.07 10.42 29.03
C ILE C 223 -0.36 9.08 29.70
N LEU C 224 -1.59 8.58 29.53
CA LEU C 224 -1.99 7.35 30.21
C LEU C 224 -1.46 6.09 29.54
N GLU C 225 -0.99 6.18 28.30
CA GLU C 225 -0.50 5.00 27.60
C GLU C 225 1.01 4.98 27.37
N THR C 226 1.66 6.14 27.37
CA THR C 226 3.10 6.19 27.18
C THR C 226 3.83 6.82 28.36
N TYR C 227 3.33 7.96 28.86
CA TYR C 227 4.02 8.64 29.95
C TYR C 227 3.88 7.86 31.26
N VAL C 228 2.72 7.26 31.50
CA VAL C 228 2.52 6.48 32.72
C VAL C 228 3.44 5.26 32.78
N PRO C 229 3.59 4.46 31.72
CA PRO C 229 4.58 3.37 31.79
C PRO C 229 6.00 3.86 32.02
N SER C 230 6.37 5.01 31.45
CA SER C 230 7.70 5.56 31.70
C SER C 230 7.86 5.95 33.16
N THR C 231 6.81 6.57 33.75
CA THR C 231 6.86 6.92 35.16
C THR C 231 6.97 5.67 36.03
N PHE C 232 6.26 4.60 35.66
CA PHE C 232 6.37 3.36 36.40
C PHE C 232 7.76 2.75 36.28
N LEU C 233 8.38 2.87 35.10
CA LEU C 233 9.76 2.41 34.93
C LEU C 233 10.71 3.20 35.83
N VAL C 234 10.53 4.52 35.91
CA VAL C 234 11.38 5.34 36.76
C VAL C 234 11.15 4.99 38.23
N VAL C 235 9.90 4.68 38.60
CA VAL C 235 9.61 4.26 39.97
C VAL C 235 10.32 2.95 40.28
N LEU C 236 10.30 2.01 39.33
CA LEU C 236 11.01 0.74 39.54
C LEU C 236 12.51 0.96 39.66
N SER C 237 13.05 1.90 38.86
CA SER C 237 14.46 2.24 38.99
C SER C 237 14.77 2.82 40.36
N TRP C 238 13.87 3.64 40.89
CA TRP C 238 14.03 4.15 42.25
C TRP C 238 14.02 3.01 43.27
N VAL C 239 13.09 2.06 43.10
CA VAL C 239 12.99 0.93 44.02
C VAL C 239 14.26 0.07 43.95
N SER C 240 14.91 0.04 42.79
CA SER C 240 16.14 -0.75 42.64
C SER C 240 17.21 -0.33 43.63
N PHE C 241 17.18 0.92 44.12
CA PHE C 241 18.15 1.36 45.10
C PHE C 241 18.00 0.62 46.43
N TRP C 242 16.77 0.33 46.84
CA TRP C 242 16.55 -0.30 48.14
C TRP C 242 17.16 -1.69 48.20
N ILE C 243 17.06 -2.46 47.12
CA ILE C 243 17.63 -3.79 47.06
C ILE C 243 19.14 -3.69 47.03
N SER C 244 19.80 -4.42 47.93
CA SER C 244 21.25 -4.38 48.05
C SER C 244 21.90 -5.47 47.20
N LEU C 245 23.24 -5.48 47.20
CA LEU C 245 23.97 -6.45 46.40
C LEU C 245 23.97 -7.84 47.02
N ASP C 246 23.59 -7.96 48.29
CA ASP C 246 23.59 -9.28 48.93
C ASP C 246 22.58 -10.22 48.27
N SER C 247 21.45 -9.68 47.81
CA SER C 247 20.44 -10.47 47.11
C SER C 247 20.63 -10.26 45.61
N VAL C 248 21.64 -10.92 45.06
CA VAL C 248 21.96 -10.83 43.63
C VAL C 248 20.80 -11.30 42.74
N PRO C 249 20.02 -12.34 43.08
CA PRO C 249 18.91 -12.69 42.18
C PRO C 249 17.88 -11.58 42.02
N ALA C 250 17.45 -10.97 43.12
CA ALA C 250 16.45 -9.90 43.03
C ALA C 250 16.99 -8.70 42.26
N ARG C 251 18.24 -8.31 42.53
CA ARG C 251 18.84 -7.19 41.81
C ARG C 251 18.95 -7.48 40.32
N THR C 252 19.39 -8.70 39.97
CA THR C 252 19.50 -9.05 38.56
C THR C 252 18.14 -9.02 37.88
N CYS C 253 17.12 -9.59 38.54
CA CYS C 253 15.79 -9.61 37.95
C CYS C 253 15.24 -8.19 37.76
N ILE C 254 15.38 -7.33 38.77
CA ILE C 254 14.80 -6.00 38.66
C ILE C 254 15.55 -5.18 37.62
N GLY C 255 16.88 -5.34 37.53
CA GLY C 255 17.62 -4.63 36.51
C GLY C 255 17.27 -5.10 35.10
N VAL C 256 17.13 -6.41 34.93
CA VAL C 256 16.75 -6.95 33.62
C VAL C 256 15.37 -6.45 33.22
N THR C 257 14.42 -6.48 34.17
CA THR C 257 13.07 -6.01 33.86
C THR C 257 13.07 -4.53 33.49
N THR C 258 13.80 -3.71 34.25
CA THR C 258 13.83 -2.27 33.96
C THR C 258 14.43 -2.01 32.58
N VAL C 259 15.58 -2.64 32.28
CA VAL C 259 16.24 -2.39 31.00
C VAL C 259 15.38 -2.86 29.85
N LEU C 260 14.82 -4.07 29.96
CA LEU C 260 14.01 -4.62 28.88
C LEU C 260 12.75 -3.79 28.67
N SER C 261 12.09 -3.37 29.75
CA SER C 261 10.89 -2.55 29.63
C SER C 261 11.21 -1.20 29.00
N MET C 262 12.32 -0.58 29.38
CA MET C 262 12.66 0.71 28.79
C MET C 262 12.99 0.56 27.31
N THR C 263 13.71 -0.50 26.94
CA THR C 263 13.99 -0.74 25.52
C THR C 263 12.70 -0.97 24.73
N THR C 264 11.79 -1.76 25.28
CA THR C 264 10.53 -2.02 24.58
C THR C 264 9.69 -0.75 24.46
N LEU C 265 9.69 0.08 25.50
CA LEU C 265 8.97 1.36 25.43
C LEU C 265 9.57 2.28 24.37
N MET C 266 10.90 2.34 24.31
CA MET C 266 11.54 3.14 23.28
C MET C 266 11.20 2.63 21.89
N ILE C 267 11.20 1.31 21.71
CA ILE C 267 10.86 0.72 20.41
C ILE C 267 9.41 1.05 20.04
N GLY C 268 8.50 0.92 20.99
CA GLY C 268 7.10 1.21 20.72
C GLY C 268 6.87 2.67 20.41
N SER C 269 7.59 3.57 21.09
CA SER C 269 7.46 4.99 20.79
C SER C 269 8.03 5.32 19.42
N ARG C 270 9.14 4.69 19.05
CA ARG C 270 9.77 4.97 17.76
C ARG C 270 9.03 4.35 16.58
N THR C 271 8.22 3.33 16.82
CA THR C 271 7.47 2.68 15.75
C THR C 271 6.10 3.30 15.52
N SER C 272 5.66 4.21 16.38
CA SER C 272 4.37 4.86 16.19
C SER C 272 4.37 5.73 14.95
N LEU C 273 5.42 6.51 14.76
CA LEU C 273 5.53 7.40 13.61
C LEU C 273 6.69 6.98 12.74
N PRO C 274 6.49 6.82 11.42
CA PRO C 274 7.59 6.39 10.54
C PRO C 274 8.71 7.43 10.50
N ASN C 275 9.87 6.96 10.05
CA ASN C 275 11.06 7.81 9.98
C ASN C 275 10.93 8.82 8.84
N THR C 276 10.05 9.81 9.03
CA THR C 276 9.83 10.85 8.05
C THR C 276 10.10 12.25 8.58
N ASN C 277 9.80 12.53 9.84
CA ASN C 277 10.07 13.83 10.42
C ASN C 277 11.55 14.00 10.73
N CYS C 278 12.02 15.23 10.65
CA CYS C 278 13.40 15.58 10.95
C CYS C 278 13.47 16.72 11.95
N PHE C 279 12.66 16.63 13.00
CA PHE C 279 12.61 17.63 14.05
C PHE C 279 12.83 16.98 15.40
N ILE C 280 13.05 17.80 16.41
CA ILE C 280 13.23 17.35 17.79
C ILE C 280 11.86 17.32 18.43
N LYS C 281 11.36 16.13 18.72
CA LYS C 281 10.01 15.96 19.26
C LYS C 281 10.01 16.21 20.77
N ALA C 282 8.85 16.05 21.38
CA ALA C 282 8.68 16.22 22.82
C ALA C 282 8.60 14.89 23.56
N ILE C 283 7.86 13.92 23.02
CA ILE C 283 7.81 12.59 23.64
C ILE C 283 9.18 11.92 23.58
N ASP C 284 9.92 12.15 22.49
CA ASP C 284 11.26 11.60 22.38
C ASP C 284 12.18 12.19 23.45
N VAL C 285 12.06 13.49 23.71
CA VAL C 285 12.89 14.13 24.73
C VAL C 285 12.58 13.56 26.11
N TYR C 286 11.29 13.40 26.43
CA TYR C 286 10.91 12.86 27.73
C TYR C 286 11.37 11.41 27.89
N LEU C 287 11.21 10.59 26.85
CA LEU C 287 11.67 9.21 26.94
C LEU C 287 13.19 9.13 27.04
N GLY C 288 13.90 10.02 26.34
CA GLY C 288 15.34 10.08 26.48
C GLY C 288 15.76 10.49 27.88
N ILE C 289 15.01 11.41 28.48
CA ILE C 289 15.30 11.81 29.86
C ILE C 289 15.10 10.62 30.80
N CYS C 290 14.03 9.86 30.61
CA CYS C 290 13.80 8.68 31.45
C CYS C 290 14.90 7.64 31.26
N PHE C 291 15.30 7.40 30.01
CA PHE C 291 16.37 6.45 29.74
C PHE C 291 17.69 6.91 30.36
N SER C 292 17.99 8.20 30.27
CA SER C 292 19.20 8.74 30.88
C SER C 292 19.14 8.62 32.39
N PHE C 293 17.96 8.82 32.99
CA PHE C 293 17.82 8.64 34.43
C PHE C 293 18.09 7.19 34.83
N VAL C 294 17.55 6.23 34.07
CA VAL C 294 17.78 4.83 34.38
C VAL C 294 19.26 4.48 34.25
N PHE C 295 19.89 4.95 33.16
CA PHE C 295 21.31 4.68 32.94
C PHE C 295 22.16 5.31 34.04
N GLY C 296 21.82 6.54 34.44
CA GLY C 296 22.56 7.18 35.52
C GLY C 296 22.37 6.48 36.85
N ALA C 297 21.17 5.96 37.10
CA ALA C 297 20.95 5.19 38.33
C ALA C 297 21.81 3.94 38.34
N LEU C 298 21.86 3.22 37.22
CA LEU C 298 22.70 2.02 37.14
C LEU C 298 24.17 2.37 37.30
N LEU C 299 24.62 3.46 36.65
CA LEU C 299 26.01 3.87 36.76
C LEU C 299 26.36 4.30 38.18
N GLU C 300 25.45 4.99 38.85
CA GLU C 300 25.68 5.40 40.23
C GLU C 300 25.74 4.20 41.16
N TYR C 301 24.89 3.20 40.93
CA TYR C 301 24.96 1.98 41.72
C TYR C 301 26.30 1.28 41.52
N ALA C 302 26.76 1.20 40.27
CA ALA C 302 28.05 0.58 40.00
C ALA C 302 29.19 1.35 40.65
N VAL C 303 29.14 2.68 40.59
CA VAL C 303 30.20 3.50 41.17
C VAL C 303 30.19 3.38 42.69
N ALA C 304 29.01 3.33 43.30
CA ALA C 304 28.93 3.15 44.75
C ALA C 304 29.48 1.79 45.16
N HIS C 305 29.17 0.75 44.39
CA HIS C 305 29.72 -0.57 44.68
C HIS C 305 31.24 -0.57 44.56
N TYR C 306 31.77 0.09 43.51
CA TYR C 306 33.21 0.16 43.34
C TYR C 306 33.88 0.91 44.47
N SER C 307 33.28 2.03 44.90
CA SER C 307 33.86 2.82 45.98
C SER C 307 33.81 2.08 47.30
N SER C 308 32.71 1.37 47.56
CA SER C 308 32.60 0.62 48.81
C SER C 308 33.63 -0.51 48.87
N LEU C 309 33.86 -1.19 47.75
CA LEU C 309 34.83 -2.28 47.71
C LEU C 309 36.18 -1.79 47.17
N ASN C 317 25.42 5.47 52.48
CA ASN C 317 26.05 6.77 52.36
C ASN C 317 25.59 7.52 51.12
N VAL C 318 26.24 7.25 49.98
CA VAL C 318 25.84 7.90 48.73
C VAL C 318 24.44 7.47 48.32
N ASP C 319 24.16 6.16 48.43
CA ASP C 319 22.84 5.66 48.05
C ASP C 319 21.75 6.21 48.96
N HIS C 320 22.03 6.31 50.27
CA HIS C 320 21.03 6.85 51.19
C HIS C 320 20.73 8.31 50.89
N TYR C 321 21.77 9.09 50.59
CA TYR C 321 21.56 10.49 50.22
C TYR C 321 20.81 10.60 48.90
N SER C 322 21.11 9.72 47.94
CA SER C 322 20.40 9.74 46.67
C SER C 322 18.94 9.39 46.84
N LYS C 323 18.62 8.49 47.76
CA LYS C 323 17.23 8.08 47.98
C LYS C 323 16.35 9.28 48.34
N LEU C 324 16.94 10.33 48.93
CA LEU C 324 16.20 11.55 49.23
C LEU C 324 16.41 12.64 48.18
N LEU C 325 17.58 12.68 47.54
CA LEU C 325 17.83 13.73 46.56
C LEU C 325 17.07 13.50 45.26
N PHE C 326 17.01 12.26 44.79
CA PHE C 326 16.40 11.96 43.50
C PHE C 326 14.94 12.37 43.40
N PRO C 327 14.06 12.05 44.36
CA PRO C 327 12.64 12.40 44.18
C PRO C 327 12.39 13.89 43.99
N LEU C 328 12.99 14.73 44.83
CA LEU C 328 12.73 16.17 44.75
C LEU C 328 13.22 16.76 43.44
N ILE C 329 14.46 16.45 43.07
CA ILE C 329 15.02 17.00 41.83
C ILE C 329 14.27 16.46 40.62
N PHE C 330 13.92 15.18 40.63
CA PHE C 330 13.19 14.60 39.51
C PHE C 330 11.82 15.25 39.35
N MET C 331 11.11 15.44 40.46
CA MET C 331 9.80 16.08 40.40
C MET C 331 9.91 17.52 39.93
N LEU C 332 10.93 18.25 40.41
CA LEU C 332 11.10 19.63 39.97
C LEU C 332 11.42 19.70 38.49
N ALA C 333 12.26 18.79 37.99
CA ALA C 333 12.57 18.76 36.56
C ALA C 333 11.34 18.42 35.73
N ASN C 334 10.52 17.48 36.20
CA ASN C 334 9.29 17.13 35.50
C ASN C 334 8.33 18.32 35.45
N VAL C 335 8.20 19.05 36.56
CA VAL C 335 7.34 20.23 36.59
C VAL C 335 7.88 21.30 35.66
N PHE C 336 9.20 21.48 35.62
CA PHE C 336 9.79 22.46 34.70
C PHE C 336 9.52 22.09 33.26
N TYR C 337 9.66 20.81 32.91
CA TYR C 337 9.38 20.36 31.55
C TYR C 337 7.91 20.57 31.20
N TRP C 338 7.01 20.25 32.12
CA TRP C 338 5.58 20.45 31.87
C TRP C 338 5.26 21.92 31.67
N ALA C 339 5.80 22.78 32.53
CA ALA C 339 5.56 24.21 32.39
C ALA C 339 6.14 24.75 31.09
N TYR C 340 7.28 24.21 30.67
CA TYR C 340 7.88 24.63 29.40
C TYR C 340 7.00 24.25 28.22
N TYR C 341 6.45 23.03 28.22
CA TYR C 341 5.75 22.52 27.06
C TYR C 341 4.25 22.77 27.07
N MET C 342 3.69 23.32 28.16
CA MET C 342 2.29 23.75 28.17
C MET C 342 2.11 25.26 28.02
N TYR C 343 2.93 26.06 28.70
CA TYR C 343 2.70 27.50 28.77
C TYR C 343 3.73 28.30 27.99
N PHE C 344 5.01 28.14 28.27
CA PHE C 344 6.04 28.91 27.59
C PHE C 344 7.39 28.23 27.61
N THR D 22 -31.43 -0.87 -42.08
CA THR D 22 -30.54 -1.72 -41.29
C THR D 22 -30.56 -1.32 -39.82
N ALA D 23 -29.57 -1.78 -39.06
CA ALA D 23 -29.48 -1.50 -37.64
C ALA D 23 -28.78 -0.15 -37.43
N GLY D 24 -29.49 0.91 -37.80
CA GLY D 24 -28.99 2.25 -37.60
C GLY D 24 -29.02 2.65 -36.14
N TYR D 25 -30.22 2.74 -35.57
CA TYR D 25 -30.40 2.97 -34.14
C TYR D 25 -30.75 1.70 -33.40
N ASN D 26 -30.63 0.54 -34.05
CA ASN D 26 -30.96 -0.74 -33.45
C ASN D 26 -29.80 -1.36 -32.69
N LYS D 27 -28.68 -0.65 -32.57
CA LYS D 27 -27.57 -1.14 -31.76
C LYS D 27 -27.96 -1.32 -30.30
N PHE D 28 -29.00 -0.61 -29.84
CA PHE D 28 -29.55 -0.86 -28.51
C PHE D 28 -30.42 -2.10 -28.48
N LEU D 29 -30.88 -2.57 -29.64
CA LEU D 29 -31.72 -3.76 -29.72
C LEU D 29 -30.85 -4.99 -29.93
N ARG D 30 -31.07 -6.00 -29.09
CA ARG D 30 -30.36 -7.26 -29.25
C ARG D 30 -30.83 -7.96 -30.52
N PRO D 31 -29.99 -8.84 -31.09
CA PRO D 31 -30.41 -9.60 -32.27
C PRO D 31 -31.66 -10.40 -31.98
N ASN D 32 -32.55 -10.45 -32.98
CA ASN D 32 -33.88 -11.06 -32.84
C ASN D 32 -34.62 -10.44 -31.65
N PHE D 33 -34.80 -9.12 -31.72
CA PHE D 33 -35.43 -8.37 -30.65
C PHE D 33 -36.91 -8.73 -30.61
N GLY D 34 -37.26 -9.62 -29.69
CA GLY D 34 -38.62 -10.12 -29.60
C GLY D 34 -38.75 -11.49 -30.23
N GLY D 35 -38.75 -12.54 -29.41
CA GLY D 35 -38.82 -13.89 -29.90
C GLY D 35 -37.74 -14.79 -29.34
N GLU D 36 -37.06 -15.54 -30.21
CA GLU D 36 -36.01 -16.44 -29.74
C GLU D 36 -34.83 -15.64 -29.20
N PRO D 37 -34.22 -16.10 -28.11
CA PRO D 37 -33.06 -15.38 -27.55
C PRO D 37 -31.81 -15.59 -28.39
N VAL D 38 -30.77 -14.85 -28.03
CA VAL D 38 -29.48 -14.94 -28.70
C VAL D 38 -28.63 -16.01 -28.01
N GLN D 39 -28.16 -16.97 -28.79
CA GLN D 39 -27.31 -18.04 -28.28
C GLN D 39 -25.85 -17.59 -28.41
N ILE D 40 -25.23 -17.24 -27.29
CA ILE D 40 -23.85 -16.76 -27.27
C ILE D 40 -22.97 -17.89 -26.75
N ALA D 41 -22.02 -18.32 -27.57
CA ALA D 41 -21.05 -19.33 -27.18
C ALA D 41 -19.82 -18.65 -26.58
N LEU D 42 -19.36 -19.16 -25.45
CA LEU D 42 -18.27 -18.55 -24.69
C LEU D 42 -17.01 -19.40 -24.76
N THR D 43 -15.86 -18.72 -24.73
CA THR D 43 -14.56 -19.36 -24.67
C THR D 43 -13.69 -18.56 -23.72
N LEU D 44 -13.00 -19.26 -22.82
CA LEU D 44 -12.15 -18.61 -21.83
C LEU D 44 -10.71 -19.07 -22.00
N ASP D 45 -9.78 -18.14 -21.75
CA ASP D 45 -8.36 -18.42 -21.86
C ASP D 45 -7.66 -17.63 -20.75
N ILE D 46 -7.43 -18.29 -19.61
CA ILE D 46 -6.78 -17.65 -18.48
C ILE D 46 -5.30 -17.50 -18.79
N ALA D 47 -4.88 -16.28 -19.13
CA ALA D 47 -3.46 -16.06 -19.45
C ALA D 47 -2.60 -16.23 -18.20
N SER D 48 -3.06 -15.72 -17.07
CA SER D 48 -2.32 -15.82 -15.82
C SER D 48 -3.23 -15.42 -14.67
N ILE D 49 -3.15 -16.18 -13.58
CA ILE D 49 -3.81 -15.82 -12.33
C ILE D 49 -2.80 -14.98 -11.55
N SER D 50 -3.01 -13.67 -11.56
CA SER D 50 -2.00 -12.75 -11.04
C SER D 50 -1.74 -12.96 -9.56
N SER D 51 -2.78 -13.14 -8.76
CA SER D 51 -2.60 -13.30 -7.33
C SER D 51 -3.78 -14.05 -6.74
N ILE D 52 -3.56 -14.64 -5.56
CA ILE D 52 -4.60 -15.31 -4.79
C ILE D 52 -4.44 -14.82 -3.35
N SER D 53 -5.27 -13.86 -2.94
CA SER D 53 -5.15 -13.24 -1.63
C SER D 53 -6.14 -13.91 -0.67
N GLU D 54 -5.61 -14.63 0.31
CA GLU D 54 -6.45 -15.21 1.35
C GLU D 54 -6.93 -14.17 2.37
N SER D 55 -6.13 -13.13 2.61
CA SER D 55 -6.54 -12.08 3.53
C SER D 55 -7.78 -11.35 3.02
N ASN D 56 -7.79 -11.01 1.73
CA ASN D 56 -8.96 -10.41 1.10
C ASN D 56 -9.92 -11.45 0.54
N MET D 57 -9.53 -12.72 0.51
CA MET D 57 -10.38 -13.82 0.05
C MET D 57 -10.84 -13.59 -1.40
N ASP D 58 -9.88 -13.44 -2.30
CA ASP D 58 -10.16 -13.23 -3.70
C ASP D 58 -8.98 -13.68 -4.54
N TYR D 59 -9.12 -13.58 -5.86
CA TYR D 59 -8.04 -13.90 -6.78
C TYR D 59 -8.13 -12.97 -7.98
N THR D 60 -6.96 -12.45 -8.38
CA THR D 60 -6.84 -11.59 -9.55
C THR D 60 -6.22 -12.38 -10.69
N ALA D 61 -6.91 -12.40 -11.82
CA ALA D 61 -6.49 -13.19 -12.98
C ALA D 61 -6.84 -12.46 -14.26
N THR D 62 -6.03 -12.68 -15.30
CA THR D 62 -6.27 -12.10 -16.62
C THR D 62 -6.85 -13.17 -17.54
N ILE D 63 -7.95 -12.85 -18.20
CA ILE D 63 -8.67 -13.80 -19.04
C ILE D 63 -8.86 -13.21 -20.42
N TYR D 64 -8.92 -14.11 -21.41
CA TYR D 64 -9.18 -13.77 -22.81
C TYR D 64 -10.61 -14.23 -23.09
N LEU D 65 -11.56 -13.33 -22.83
CA LEU D 65 -12.98 -13.64 -22.97
C LEU D 65 -13.34 -13.59 -24.45
N ARG D 66 -13.86 -14.68 -24.99
CA ARG D 66 -14.29 -14.76 -26.38
C ARG D 66 -15.77 -15.11 -26.43
N GLN D 67 -16.54 -14.32 -27.18
CA GLN D 67 -17.97 -14.55 -27.34
C GLN D 67 -18.32 -14.62 -28.81
N ARG D 68 -19.20 -15.56 -29.16
CA ARG D 68 -19.64 -15.76 -30.54
C ARG D 68 -21.15 -15.84 -30.56
N TRP D 69 -21.79 -14.90 -31.26
CA TRP D 69 -23.23 -14.92 -31.47
C TRP D 69 -23.52 -14.65 -32.94
N MET D 70 -24.80 -14.62 -33.29
CA MET D 70 -25.25 -14.41 -34.66
C MET D 70 -26.12 -13.17 -34.71
N ASP D 71 -25.70 -12.19 -35.52
CA ASP D 71 -26.45 -10.96 -35.74
C ASP D 71 -26.99 -10.99 -37.17
N GLN D 72 -28.30 -11.19 -37.30
CA GLN D 72 -28.91 -11.29 -38.62
C GLN D 72 -28.83 -9.98 -39.38
N ARG D 73 -28.81 -8.84 -38.67
CA ARG D 73 -28.70 -7.54 -39.31
C ARG D 73 -27.30 -7.20 -39.76
N LEU D 74 -26.29 -7.96 -39.32
CA LEU D 74 -24.90 -7.70 -39.63
C LEU D 74 -24.33 -8.66 -40.69
N VAL D 75 -25.20 -9.32 -41.43
CA VAL D 75 -24.76 -10.27 -42.45
C VAL D 75 -24.40 -9.52 -43.72
N PHE D 76 -23.55 -10.14 -44.54
CA PHE D 76 -23.16 -9.59 -45.82
C PHE D 76 -22.91 -10.72 -46.80
N GLU D 77 -22.64 -10.36 -48.05
CA GLU D 77 -22.38 -11.33 -49.10
C GLU D 77 -20.88 -11.54 -49.24
N GLY D 78 -20.44 -12.79 -49.09
CA GLY D 78 -19.03 -13.09 -49.18
C GLY D 78 -18.76 -14.53 -48.81
N ASN D 79 -17.49 -14.84 -48.59
CA ASN D 79 -17.07 -16.18 -48.23
C ASN D 79 -16.11 -16.17 -47.05
N LYS D 80 -15.41 -15.06 -46.85
CA LYS D 80 -14.39 -14.94 -45.82
C LYS D 80 -14.84 -13.99 -44.72
N SER D 81 -14.16 -14.06 -43.59
CA SER D 81 -14.40 -13.19 -42.45
C SER D 81 -13.45 -11.99 -42.51
N PHE D 82 -13.81 -10.95 -41.76
CA PHE D 82 -13.02 -9.72 -41.73
C PHE D 82 -12.86 -9.23 -40.30
N THR D 83 -11.63 -8.91 -39.92
CA THR D 83 -11.32 -8.37 -38.60
C THR D 83 -11.47 -6.85 -38.66
N LEU D 84 -12.37 -6.30 -37.85
CA LEU D 84 -12.59 -4.87 -37.83
C LEU D 84 -11.92 -4.24 -36.62
N ASP D 85 -11.81 -2.91 -36.66
CA ASP D 85 -11.19 -2.19 -35.56
C ASP D 85 -12.02 -2.27 -34.29
N ALA D 86 -11.35 -2.13 -33.15
CA ALA D 86 -12.04 -2.16 -31.87
C ALA D 86 -13.04 -1.01 -31.73
N ARG D 87 -12.76 0.14 -32.35
CA ARG D 87 -13.67 1.28 -32.28
C ARG D 87 -15.02 1.00 -32.92
N LEU D 88 -15.12 -0.03 -33.76
CA LEU D 88 -16.41 -0.44 -34.30
C LEU D 88 -17.33 -1.05 -33.25
N VAL D 89 -16.77 -1.47 -32.10
CA VAL D 89 -17.59 -2.06 -31.04
C VAL D 89 -18.63 -1.05 -30.54
N GLU D 90 -18.26 0.23 -30.51
CA GLU D 90 -19.19 1.27 -30.10
C GLU D 90 -20.37 1.42 -31.04
N PHE D 91 -20.31 0.86 -32.25
CA PHE D 91 -21.39 0.97 -33.21
C PHE D 91 -22.23 -0.28 -33.33
N LEU D 92 -21.80 -1.40 -32.75
CA LEU D 92 -22.52 -2.67 -32.85
C LEU D 92 -23.10 -3.05 -31.48
N TRP D 93 -23.86 -4.14 -31.48
CA TRP D 93 -24.42 -4.68 -30.26
C TRP D 93 -23.51 -5.79 -29.74
N VAL D 94 -23.16 -5.71 -28.45
CA VAL D 94 -22.32 -6.72 -27.82
C VAL D 94 -23.01 -7.19 -26.54
N PRO D 95 -22.86 -8.45 -26.15
CA PRO D 95 -23.52 -8.92 -24.93
C PRO D 95 -22.96 -8.23 -23.70
N ASP D 96 -23.83 -8.04 -22.71
CA ASP D 96 -23.45 -7.41 -21.45
C ASP D 96 -22.93 -8.44 -20.46
N THR D 97 -21.91 -9.20 -20.88
CA THR D 97 -21.30 -10.20 -20.01
C THR D 97 -20.63 -9.52 -18.82
N TYR D 98 -20.69 -10.18 -17.67
CA TYR D 98 -20.15 -9.60 -16.45
C TYR D 98 -19.80 -10.74 -15.49
N ILE D 99 -18.72 -10.52 -14.73
CA ILE D 99 -18.32 -11.48 -13.71
C ILE D 99 -19.18 -11.28 -12.47
N VAL D 100 -19.78 -12.38 -12.00
CA VAL D 100 -20.80 -12.29 -10.95
C VAL D 100 -20.21 -11.72 -9.66
N GLU D 101 -19.03 -12.20 -9.28
CA GLU D 101 -18.40 -11.83 -8.01
C GLU D 101 -17.13 -11.02 -8.24
N SER D 102 -17.16 -10.08 -9.19
CA SER D 102 -16.02 -9.24 -9.46
C SER D 102 -16.02 -8.03 -8.53
N LYS D 103 -14.89 -7.79 -7.88
CA LYS D 103 -14.71 -6.62 -7.03
C LYS D 103 -14.12 -5.44 -7.79
N LYS D 104 -13.21 -5.71 -8.72
CA LYS D 104 -12.59 -4.67 -9.52
C LYS D 104 -12.03 -5.29 -10.78
N SER D 105 -12.50 -4.82 -11.93
CA SER D 105 -12.06 -5.34 -13.22
C SER D 105 -11.88 -4.18 -14.19
N PHE D 106 -11.06 -4.40 -15.21
CA PHE D 106 -10.80 -3.37 -16.20
C PHE D 106 -10.35 -4.03 -17.50
N LEU D 107 -10.89 -3.54 -18.62
CA LEU D 107 -10.40 -3.94 -19.92
C LEU D 107 -9.05 -3.26 -20.18
N HIS D 108 -8.08 -4.03 -20.65
CA HIS D 108 -6.73 -3.49 -20.83
C HIS D 108 -6.70 -2.49 -21.97
N GLU D 109 -6.06 -1.35 -21.71
CA GLU D 109 -5.79 -0.32 -22.72
C GLU D 109 -4.29 -0.05 -22.71
N VAL D 110 -3.55 -0.86 -23.46
CA VAL D 110 -2.09 -0.79 -23.50
C VAL D 110 -1.67 0.23 -24.56
N THR D 111 -2.05 -0.01 -25.80
CA THR D 111 -1.89 0.96 -26.88
C THR D 111 -3.25 1.41 -27.41
N VAL D 112 -4.15 0.49 -27.69
CA VAL D 112 -5.55 0.77 -27.97
C VAL D 112 -6.40 -0.11 -27.07
N GLY D 113 -7.71 0.00 -27.21
CA GLY D 113 -8.61 -0.87 -26.48
C GLY D 113 -8.42 -2.31 -26.91
N ASN D 114 -8.14 -3.19 -25.94
CA ASN D 114 -7.88 -4.61 -26.23
C ASN D 114 -9.20 -5.31 -26.56
N ARG D 115 -9.73 -4.98 -27.74
CA ARG D 115 -10.96 -5.55 -28.25
C ARG D 115 -10.74 -6.09 -29.65
N LEU D 116 -11.07 -7.36 -29.85
CA LEU D 116 -11.10 -8.00 -31.15
C LEU D 116 -12.55 -8.16 -31.59
N ILE D 117 -12.89 -7.57 -32.73
CA ILE D 117 -14.20 -7.75 -33.34
C ILE D 117 -13.99 -8.34 -34.73
N ARG D 118 -14.70 -9.43 -35.01
CA ARG D 118 -14.51 -10.16 -36.27
C ARG D 118 -15.89 -10.48 -36.83
N LEU D 119 -16.18 -9.96 -38.02
CA LEU D 119 -17.48 -10.17 -38.65
C LEU D 119 -17.36 -11.29 -39.69
N PHE D 120 -18.37 -12.15 -39.73
CA PHE D 120 -18.37 -13.31 -40.61
C PHE D 120 -19.50 -13.22 -41.63
N SER D 121 -19.40 -14.05 -42.66
CA SER D 121 -20.36 -13.98 -43.77
C SER D 121 -21.75 -14.41 -43.32
N ASN D 122 -21.85 -15.46 -42.52
CA ASN D 122 -23.16 -15.97 -42.15
C ASN D 122 -23.78 -15.22 -40.97
N GLY D 123 -23.08 -14.23 -40.41
CA GLY D 123 -23.58 -13.47 -39.29
C GLY D 123 -22.86 -13.71 -37.98
N THR D 124 -21.90 -14.64 -37.93
CA THR D 124 -21.16 -14.88 -36.71
C THR D 124 -20.32 -13.67 -36.36
N VAL D 125 -20.30 -13.31 -35.08
CA VAL D 125 -19.53 -12.19 -34.56
C VAL D 125 -18.61 -12.70 -33.47
N LEU D 126 -17.31 -12.51 -33.66
CA LEU D 126 -16.30 -12.90 -32.68
C LEU D 126 -15.89 -11.66 -31.89
N TYR D 127 -16.01 -11.73 -30.56
CA TYR D 127 -15.73 -10.61 -29.68
C TYR D 127 -14.77 -11.08 -28.59
N ALA D 128 -13.53 -10.61 -28.63
CA ALA D 128 -12.49 -11.02 -27.70
C ALA D 128 -12.01 -9.83 -26.89
N LEU D 129 -11.83 -10.03 -25.59
CA LEU D 129 -11.40 -9.00 -24.67
C LEU D 129 -10.37 -9.54 -23.70
N ARG D 130 -9.41 -8.69 -23.33
CA ARG D 130 -8.44 -9.00 -22.29
C ARG D 130 -8.92 -8.33 -21.00
N ILE D 131 -9.37 -9.13 -20.04
CA ILE D 131 -9.97 -8.61 -18.82
C ILE D 131 -9.16 -9.09 -17.64
N THR D 132 -8.62 -8.15 -16.86
CA THR D 132 -7.98 -8.45 -15.59
C THR D 132 -9.03 -8.27 -14.50
N THR D 133 -9.47 -9.38 -13.91
CA THR D 133 -10.58 -9.38 -12.98
C THR D 133 -10.14 -9.85 -11.61
N THR D 134 -10.88 -9.45 -10.58
CA THR D 134 -10.61 -9.81 -9.19
C THR D 134 -11.88 -10.44 -8.63
N VAL D 135 -11.95 -11.76 -8.68
CA VAL D 135 -13.15 -12.49 -8.26
C VAL D 135 -12.97 -12.96 -6.82
N ALA D 136 -13.99 -12.72 -6.00
CA ALA D 136 -13.98 -13.11 -4.59
C ALA D 136 -14.58 -14.50 -4.45
N CYS D 137 -13.75 -15.47 -4.07
CA CYS D 137 -14.20 -16.82 -3.75
C CYS D 137 -13.96 -17.08 -2.27
N ASN D 138 -15.00 -17.52 -1.56
CA ASN D 138 -14.89 -17.76 -0.13
C ASN D 138 -13.88 -18.87 0.14
N MET D 139 -13.01 -18.64 1.12
CA MET D 139 -11.94 -19.56 1.45
C MET D 139 -12.14 -20.07 2.88
N ASP D 140 -12.08 -21.39 3.05
CA ASP D 140 -12.15 -22.02 4.36
C ASP D 140 -10.74 -22.51 4.72
N LEU D 141 -10.11 -21.82 5.66
CA LEU D 141 -8.73 -22.10 6.03
C LEU D 141 -8.62 -23.00 7.26
N SER D 142 -9.57 -23.90 7.45
CA SER D 142 -9.50 -24.82 8.59
C SER D 142 -8.31 -25.77 8.47
N LYS D 143 -8.16 -26.40 7.32
CA LYS D 143 -7.00 -27.24 7.03
C LYS D 143 -5.97 -26.44 6.22
N TYR D 144 -5.51 -25.35 6.82
CA TYR D 144 -4.74 -24.33 6.09
C TYR D 144 -3.52 -24.88 5.35
N PRO D 145 -2.65 -25.70 5.96
CA PRO D 145 -1.51 -26.20 5.17
C PRO D 145 -1.90 -27.05 3.98
N MET D 146 -2.99 -27.81 4.07
CA MET D 146 -3.44 -28.66 2.96
C MET D 146 -4.84 -28.30 2.46
N ASP D 147 -5.24 -27.04 2.58
CA ASP D 147 -6.59 -26.65 2.15
C ASP D 147 -6.70 -26.69 0.63
N THR D 148 -7.86 -27.11 0.15
CA THR D 148 -8.21 -27.08 -1.27
C THR D 148 -9.39 -26.12 -1.43
N GLN D 149 -9.17 -25.04 -2.15
CA GLN D 149 -10.21 -24.03 -2.36
C GLN D 149 -10.84 -24.20 -3.74
N THR D 150 -12.14 -24.39 -3.78
CA THR D 150 -12.87 -24.52 -5.05
C THR D 150 -13.35 -23.13 -5.46
N CYS D 151 -12.48 -22.41 -6.16
CA CYS D 151 -12.80 -21.05 -6.56
C CYS D 151 -13.43 -21.03 -7.94
N LYS D 152 -14.42 -20.15 -8.09
CA LYS D 152 -15.26 -20.12 -9.28
C LYS D 152 -15.11 -18.78 -10.01
N LEU D 153 -15.24 -18.84 -11.33
CA LEU D 153 -15.34 -17.65 -12.18
C LEU D 153 -16.66 -17.79 -12.93
N GLN D 154 -17.61 -16.92 -12.61
CA GLN D 154 -18.95 -17.00 -13.17
C GLN D 154 -19.22 -15.80 -14.08
N LEU D 155 -19.69 -16.09 -15.29
CA LEU D 155 -20.04 -15.08 -16.27
C LEU D 155 -21.54 -15.11 -16.50
N GLU D 156 -22.15 -13.93 -16.49
CA GLU D 156 -23.60 -13.84 -16.63
C GLU D 156 -23.94 -12.58 -17.41
N SER D 157 -25.15 -12.54 -17.93
CA SER D 157 -25.66 -11.33 -18.58
C SER D 157 -26.28 -10.44 -17.52
N TRP D 158 -25.80 -9.20 -17.43
CA TRP D 158 -26.27 -8.30 -16.38
C TRP D 158 -27.70 -7.85 -16.65
N GLY D 159 -28.04 -7.58 -17.90
CA GLY D 159 -29.35 -7.02 -18.20
C GLY D 159 -30.32 -7.99 -18.84
N TYR D 160 -29.82 -8.82 -19.77
CA TYR D 160 -30.68 -9.70 -20.54
C TYR D 160 -30.82 -11.04 -19.83
N ASP D 161 -32.06 -11.44 -19.56
CA ASP D 161 -32.34 -12.68 -18.85
C ASP D 161 -32.24 -13.86 -19.80
N GLY D 162 -32.66 -15.05 -19.33
CA GLY D 162 -32.59 -16.24 -20.15
C GLY D 162 -33.50 -16.21 -21.37
N ASN D 163 -34.53 -15.37 -21.34
CA ASN D 163 -35.42 -15.22 -22.49
C ASN D 163 -34.88 -14.26 -23.54
N ASP D 164 -33.75 -13.60 -23.28
CA ASP D 164 -33.13 -12.69 -24.22
C ASP D 164 -31.71 -13.12 -24.61
N VAL D 165 -30.92 -13.58 -23.66
CA VAL D 165 -29.55 -14.03 -23.91
C VAL D 165 -29.36 -15.38 -23.22
N GLU D 166 -28.92 -16.38 -23.98
CA GLU D 166 -28.61 -17.70 -23.45
C GLU D 166 -27.10 -17.92 -23.61
N PHE D 167 -26.39 -17.96 -22.48
CA PHE D 167 -24.96 -18.18 -22.51
C PHE D 167 -24.64 -19.68 -22.54
N THR D 168 -23.73 -20.07 -23.43
CA THR D 168 -23.37 -21.46 -23.61
C THR D 168 -21.87 -21.57 -23.77
N TRP D 169 -21.33 -22.73 -23.38
CA TRP D 169 -19.92 -23.02 -23.56
C TRP D 169 -19.69 -23.58 -24.96
N LEU D 170 -18.67 -23.07 -25.65
CA LEU D 170 -18.45 -23.44 -27.04
C LEU D 170 -18.08 -24.92 -27.18
N ARG D 171 -17.20 -25.41 -26.31
CA ARG D 171 -16.68 -26.78 -26.44
C ARG D 171 -16.68 -27.50 -25.11
N GLY D 172 -17.65 -27.18 -24.24
CA GLY D 172 -17.74 -27.87 -22.94
C GLY D 172 -16.53 -27.54 -22.08
N ASN D 173 -15.77 -28.54 -21.67
CA ASN D 173 -14.61 -28.29 -20.78
C ASN D 173 -13.39 -27.98 -21.62
N ASP D 174 -13.51 -28.08 -22.95
CA ASP D 174 -12.40 -27.74 -23.87
C ASP D 174 -12.40 -26.24 -24.10
N SER D 175 -13.52 -25.57 -23.80
CA SER D 175 -13.63 -24.13 -24.02
C SER D 175 -12.60 -23.36 -23.22
N VAL D 176 -12.35 -23.76 -21.98
CA VAL D 176 -11.40 -23.06 -21.12
C VAL D 176 -10.02 -23.65 -21.33
N ARG D 177 -9.04 -22.77 -21.60
CA ARG D 177 -7.67 -23.17 -21.84
C ARG D 177 -6.73 -22.37 -20.95
N GLY D 178 -5.58 -22.97 -20.66
CA GLY D 178 -4.56 -22.35 -19.82
C GLY D 178 -4.60 -22.78 -18.37
N LEU D 179 -5.73 -23.32 -17.90
CA LEU D 179 -5.82 -23.74 -16.50
C LEU D 179 -5.03 -25.02 -16.25
N GLU D 180 -4.98 -25.92 -17.24
CA GLU D 180 -4.29 -27.19 -17.06
C GLU D 180 -2.79 -26.98 -16.87
N HIS D 181 -2.21 -26.08 -17.65
CA HIS D 181 -0.77 -25.83 -17.61
C HIS D 181 -0.38 -24.72 -16.63
N LEU D 182 -1.33 -24.14 -15.92
CA LEU D 182 -1.01 -23.09 -14.96
C LEU D 182 -0.45 -23.70 -13.69
N ARG D 183 0.70 -23.18 -13.26
CA ARG D 183 1.34 -23.58 -12.00
C ARG D 183 1.63 -22.30 -11.21
N LEU D 184 0.81 -22.03 -10.21
CA LEU D 184 0.96 -20.82 -9.41
C LEU D 184 2.12 -20.98 -8.43
N ALA D 185 2.37 -19.93 -7.66
CA ALA D 185 3.46 -19.95 -6.69
C ALA D 185 3.18 -20.96 -5.58
N GLN D 186 1.99 -20.90 -4.98
CA GLN D 186 1.65 -21.75 -3.86
C GLN D 186 0.59 -22.81 -4.17
N TYR D 187 -0.25 -22.59 -5.17
CA TYR D 187 -1.36 -23.48 -5.46
C TYR D 187 -1.08 -24.29 -6.73
N THR D 188 -2.01 -25.16 -7.06
CA THR D 188 -1.91 -25.99 -8.26
C THR D 188 -3.30 -26.48 -8.63
N ILE D 189 -3.75 -26.17 -9.84
CA ILE D 189 -5.06 -26.59 -10.30
C ILE D 189 -5.00 -28.03 -10.77
N GLU D 190 -5.86 -28.88 -10.21
CA GLU D 190 -5.91 -30.29 -10.55
C GLU D 190 -7.23 -30.71 -11.19
N ARG D 191 -8.34 -30.04 -10.85
CA ARG D 191 -9.65 -30.37 -11.38
C ARG D 191 -10.43 -29.08 -11.61
N TYR D 192 -10.68 -28.76 -12.87
CA TYR D 192 -11.48 -27.60 -13.25
C TYR D 192 -12.54 -28.03 -14.25
N PHE D 193 -13.73 -27.46 -14.13
CA PHE D 193 -14.79 -27.80 -15.06
C PHE D 193 -15.78 -26.66 -15.21
N THR D 194 -16.54 -26.70 -16.30
CA THR D 194 -17.47 -25.65 -16.69
C THR D 194 -18.89 -26.18 -16.62
N LEU D 195 -19.80 -25.36 -16.09
CA LEU D 195 -21.20 -25.70 -15.94
C LEU D 195 -22.07 -24.57 -16.44
N VAL D 196 -23.27 -24.93 -16.89
CA VAL D 196 -24.29 -23.99 -17.34
C VAL D 196 -25.40 -24.02 -16.29
N THR D 197 -25.32 -23.11 -15.32
CA THR D 197 -26.31 -23.04 -14.26
C THR D 197 -27.41 -22.04 -14.63
N ARG D 198 -28.53 -22.10 -13.92
CA ARG D 198 -29.65 -21.19 -14.15
C ARG D 198 -29.88 -20.40 -12.86
N SER D 199 -29.42 -19.15 -12.86
CA SER D 199 -29.59 -18.29 -11.68
C SER D 199 -30.98 -17.68 -11.68
N GLN D 200 -31.65 -17.74 -10.53
CA GLN D 200 -32.99 -17.20 -10.36
C GLN D 200 -32.88 -15.93 -9.52
N GLN D 201 -33.09 -14.78 -10.15
CA GLN D 201 -33.08 -13.50 -9.49
C GLN D 201 -34.47 -12.87 -9.54
N GLU D 202 -34.62 -11.76 -8.82
CA GLU D 202 -35.90 -11.06 -8.81
C GLU D 202 -36.27 -10.55 -10.18
N THR D 203 -35.29 -9.98 -10.91
CA THR D 203 -35.57 -9.45 -12.23
C THR D 203 -35.96 -10.55 -13.22
N GLY D 204 -35.25 -11.67 -13.19
CA GLY D 204 -35.56 -12.76 -14.10
C GLY D 204 -34.59 -13.90 -13.93
N ASN D 205 -34.71 -14.88 -14.82
CA ASN D 205 -33.86 -16.06 -14.83
C ASN D 205 -32.74 -15.88 -15.85
N TYR D 206 -31.52 -16.21 -15.44
CA TYR D 206 -30.33 -15.99 -16.25
C TYR D 206 -29.56 -17.29 -16.44
N THR D 207 -28.89 -17.40 -17.58
CA THR D 207 -28.01 -18.54 -17.85
C THR D 207 -26.58 -18.14 -17.48
N ARG D 208 -26.06 -18.73 -16.42
CA ARG D 208 -24.74 -18.40 -15.91
C ARG D 208 -23.75 -19.48 -16.30
N LEU D 209 -22.56 -19.07 -16.74
CA LEU D 209 -21.49 -19.99 -17.10
C LEU D 209 -20.44 -19.97 -16.01
N VAL D 210 -20.28 -21.09 -15.31
CA VAL D 210 -19.43 -21.17 -14.13
C VAL D 210 -18.24 -22.08 -14.45
N LEU D 211 -17.04 -21.52 -14.44
CA LEU D 211 -15.81 -22.31 -14.53
C LEU D 211 -15.23 -22.38 -13.12
N GLN D 212 -15.30 -23.56 -12.50
CA GLN D 212 -14.83 -23.72 -11.14
C GLN D 212 -13.59 -24.61 -11.15
N PHE D 213 -12.58 -24.20 -10.38
CA PHE D 213 -11.31 -24.90 -10.32
C PHE D 213 -10.87 -25.06 -8.88
N GLU D 214 -10.27 -26.20 -8.58
CA GLU D 214 -9.81 -26.53 -7.23
C GLU D 214 -8.33 -26.23 -7.13
N LEU D 215 -7.99 -25.24 -6.30
CA LEU D 215 -6.61 -24.85 -6.04
C LEU D 215 -6.13 -25.57 -4.78
N ARG D 216 -5.10 -26.39 -4.91
CA ARG D 216 -4.54 -27.15 -3.81
C ARG D 216 -3.14 -26.64 -3.51
N ARG D 217 -2.92 -26.19 -2.28
CA ARG D 217 -1.61 -25.68 -1.89
C ARG D 217 -0.61 -26.81 -1.75
N ASN D 218 0.65 -26.50 -2.04
CA ASN D 218 1.72 -27.49 -1.91
C ASN D 218 1.88 -27.93 -0.45
N VAL D 219 2.23 -29.20 -0.27
CA VAL D 219 2.23 -29.81 1.05
C VAL D 219 3.64 -29.86 1.62
N LEU D 220 4.65 -29.98 0.76
CA LEU D 220 6.01 -30.20 1.21
C LEU D 220 6.69 -28.96 1.79
N TYR D 221 6.37 -27.77 1.27
CA TYR D 221 7.05 -26.56 1.71
C TYR D 221 6.81 -26.30 3.19
N PHE D 222 5.55 -26.32 3.62
CA PHE D 222 5.22 -26.06 5.02
C PHE D 222 5.75 -27.15 5.94
N ILE D 223 5.82 -28.39 5.47
CA ILE D 223 6.35 -29.48 6.28
C ILE D 223 7.85 -29.29 6.50
N LEU D 224 8.59 -29.02 5.42
CA LEU D 224 10.03 -28.91 5.52
C LEU D 224 10.50 -27.58 6.11
N GLU D 225 9.64 -26.56 6.14
CA GLU D 225 10.04 -25.26 6.64
C GLU D 225 9.42 -24.88 7.98
N THR D 226 8.27 -25.46 8.34
CA THR D 226 7.62 -25.16 9.61
C THR D 226 7.47 -26.39 10.49
N TYR D 227 7.01 -27.51 9.93
CA TYR D 227 6.79 -28.71 10.74
C TYR D 227 8.11 -29.33 11.17
N VAL D 228 9.11 -29.32 10.29
CA VAL D 228 10.42 -29.89 10.66
C VAL D 228 11.09 -29.12 11.79
N PRO D 229 11.13 -27.78 11.79
CA PRO D 229 11.67 -27.09 12.98
C PRO D 229 10.90 -27.38 14.26
N SER D 230 9.58 -27.54 14.17
CA SER D 230 8.81 -27.90 15.36
C SER D 230 9.19 -29.29 15.85
N THR D 231 9.36 -30.23 14.93
CA THR D 231 9.79 -31.57 15.31
C THR D 231 11.17 -31.54 15.95
N PHE D 232 12.07 -30.72 15.41
CA PHE D 232 13.40 -30.58 16.01
C PHE D 232 13.32 -29.97 17.41
N LEU D 233 12.41 -29.02 17.60
CA LEU D 233 12.20 -28.44 18.93
C LEU D 233 11.70 -29.50 19.92
N VAL D 234 10.76 -30.35 19.46
CA VAL D 234 10.26 -31.41 20.33
C VAL D 234 11.36 -32.43 20.64
N VAL D 235 12.22 -32.70 19.66
CA VAL D 235 13.36 -33.60 19.89
C VAL D 235 14.30 -33.01 20.93
N LEU D 236 14.57 -31.71 20.83
CA LEU D 236 15.42 -31.05 21.83
C LEU D 236 14.77 -31.09 23.21
N SER D 237 13.45 -30.92 23.27
CA SER D 237 12.74 -31.05 24.54
C SER D 237 12.88 -32.45 25.12
N TRP D 238 12.82 -33.47 24.25
CA TRP D 238 13.05 -34.84 24.70
C TRP D 238 14.47 -35.01 25.24
N VAL D 239 15.45 -34.44 24.54
CA VAL D 239 16.84 -34.54 24.98
C VAL D 239 17.04 -33.85 26.32
N SER D 240 16.24 -32.81 26.59
CA SER D 240 16.36 -32.07 27.85
C SER D 240 16.17 -32.99 29.06
N PHE D 241 15.44 -34.10 28.90
CA PHE D 241 15.25 -35.03 29.99
C PHE D 241 16.55 -35.71 30.41
N TRP D 242 17.43 -36.02 29.46
CA TRP D 242 18.65 -36.73 29.78
C TRP D 242 19.57 -35.90 30.67
N ILE D 243 19.65 -34.60 30.42
CA ILE D 243 20.49 -33.72 31.23
C ILE D 243 19.85 -33.57 32.61
N SER D 244 20.65 -33.80 33.65
CA SER D 244 20.17 -33.73 35.02
C SER D 244 20.38 -32.35 35.61
N LEU D 245 19.91 -32.18 36.85
CA LEU D 245 20.00 -30.88 37.52
C LEU D 245 21.42 -30.57 38.00
N ASP D 246 22.29 -31.59 38.06
CA ASP D 246 23.66 -31.35 38.54
C ASP D 246 24.41 -30.40 37.62
N SER D 247 24.15 -30.47 36.32
CA SER D 247 24.77 -29.57 35.34
C SER D 247 23.77 -28.47 35.02
N VAL D 248 23.67 -27.51 35.94
CA VAL D 248 22.76 -26.38 35.79
C VAL D 248 23.09 -25.52 34.54
N PRO D 249 24.35 -25.29 34.16
CA PRO D 249 24.56 -24.49 32.93
C PRO D 249 23.95 -25.12 31.69
N ALA D 250 24.18 -26.43 31.48
CA ALA D 250 23.65 -27.09 30.29
C ALA D 250 22.13 -27.09 30.29
N ARG D 251 21.52 -27.38 31.44
CA ARG D 251 20.06 -27.37 31.55
C ARG D 251 19.50 -25.99 31.26
N THR D 252 20.11 -24.95 31.83
CA THR D 252 19.65 -23.59 31.60
C THR D 252 19.77 -23.22 30.13
N CYS D 253 20.89 -23.55 29.50
CA CYS D 253 21.07 -23.22 28.09
C CYS D 253 20.07 -23.95 27.21
N ILE D 254 19.85 -25.25 27.45
CA ILE D 254 18.95 -26.00 26.59
C ILE D 254 17.51 -25.53 26.79
N GLY D 255 17.12 -25.22 28.03
CA GLY D 255 15.79 -24.70 28.27
C GLY D 255 15.57 -23.35 27.61
N VAL D 256 16.56 -22.45 27.73
CA VAL D 256 16.45 -21.14 27.11
C VAL D 256 16.34 -21.28 25.59
N THR D 257 17.18 -22.14 24.99
CA THR D 257 17.13 -22.33 23.55
C THR D 257 15.77 -22.87 23.12
N THR D 258 15.26 -23.87 23.84
CA THR D 258 13.97 -24.46 23.47
C THR D 258 12.86 -23.42 23.55
N VAL D 259 12.79 -22.68 24.66
CA VAL D 259 11.71 -21.72 24.85
C VAL D 259 11.80 -20.61 23.81
N LEU D 260 13.01 -20.07 23.59
CA LEU D 260 13.18 -18.98 22.63
C LEU D 260 12.86 -19.44 21.21
N SER D 261 13.30 -20.65 20.84
CA SER D 261 13.02 -21.16 19.50
C SER D 261 11.53 -21.39 19.30
N MET D 262 10.84 -21.92 20.32
CA MET D 262 9.41 -22.14 20.18
C MET D 262 8.66 -20.82 20.07
N THR D 263 9.06 -19.81 20.86
CA THR D 263 8.42 -18.50 20.75
C THR D 263 8.66 -17.89 19.37
N THR D 264 9.89 -17.99 18.85
CA THR D 264 10.17 -17.44 17.54
C THR D 264 9.40 -18.16 16.45
N LEU D 265 9.28 -19.49 16.57
CA LEU D 265 8.50 -20.24 15.59
C LEU D 265 7.02 -19.85 15.64
N MET D 266 6.48 -19.67 16.83
CA MET D 266 5.09 -19.22 16.96
C MET D 266 4.91 -17.84 16.33
N ILE D 267 5.86 -16.94 16.57
CA ILE D 267 5.78 -15.60 16.00
C ILE D 267 5.84 -15.66 14.48
N GLY D 268 6.76 -16.47 13.94
CA GLY D 268 6.88 -16.58 12.49
C GLY D 268 5.64 -17.21 11.86
N SER D 269 5.03 -18.18 12.53
CA SER D 269 3.80 -18.77 12.01
C SER D 269 2.64 -17.79 12.06
N ARG D 270 2.57 -16.98 13.12
CA ARG D 270 1.47 -16.04 13.26
C ARG D 270 1.63 -14.80 12.36
N THR D 271 2.84 -14.51 11.91
CA THR D 271 3.06 -13.36 11.03
C THR D 271 2.96 -13.70 9.55
N SER D 272 2.81 -14.98 9.21
CA SER D 272 2.67 -15.36 7.81
C SER D 272 1.35 -14.86 7.23
N LEU D 273 0.26 -15.02 7.98
CA LEU D 273 -1.06 -14.59 7.54
C LEU D 273 -1.58 -13.50 8.46
N PRO D 274 -2.04 -12.37 7.91
CA PRO D 274 -2.54 -11.28 8.76
C PRO D 274 -3.77 -11.70 9.56
N ASN D 275 -4.04 -10.93 10.61
CA ASN D 275 -5.16 -11.22 11.50
C ASN D 275 -6.49 -10.88 10.81
N THR D 276 -6.86 -11.72 9.85
CA THR D 276 -8.10 -11.55 9.10
C THR D 276 -9.02 -12.75 9.21
N ASN D 277 -8.50 -13.97 9.25
CA ASN D 277 -9.33 -15.15 9.37
C ASN D 277 -9.82 -15.31 10.82
N CYS D 278 -11.00 -15.92 10.95
CA CYS D 278 -11.61 -16.18 12.25
C CYS D 278 -12.03 -17.64 12.35
N PHE D 279 -11.14 -18.53 11.95
CA PHE D 279 -11.37 -19.97 11.98
C PHE D 279 -10.24 -20.65 12.73
N ILE D 280 -10.46 -21.92 13.06
CA ILE D 280 -9.47 -22.75 13.74
C ILE D 280 -8.64 -23.43 12.65
N LYS D 281 -7.37 -23.02 12.54
CA LYS D 281 -6.50 -23.53 11.50
C LYS D 281 -5.94 -24.90 11.89
N ALA D 282 -5.08 -25.44 11.02
CA ALA D 282 -4.42 -26.73 11.26
C ALA D 282 -2.98 -26.57 11.70
N ILE D 283 -2.23 -25.66 11.07
CA ILE D 283 -0.86 -25.41 11.50
C ILE D 283 -0.84 -24.80 12.90
N ASP D 284 -1.83 -23.96 13.21
CA ASP D 284 -1.93 -23.40 14.55
C ASP D 284 -2.17 -24.49 15.59
N VAL D 285 -3.02 -25.47 15.26
CA VAL D 285 -3.30 -26.56 16.20
C VAL D 285 -2.03 -27.39 16.44
N TYR D 286 -1.29 -27.70 15.38
CA TYR D 286 -0.08 -28.49 15.53
C TYR D 286 0.98 -27.73 16.34
N LEU D 287 1.15 -26.45 16.06
CA LEU D 287 2.13 -25.66 16.82
C LEU D 287 1.70 -25.51 18.27
N GLY D 288 0.40 -25.37 18.53
CA GLY D 288 -0.07 -25.34 19.91
C GLY D 288 0.16 -26.65 20.62
N ILE D 289 0.00 -27.77 19.90
CA ILE D 289 0.29 -29.07 20.48
C ILE D 289 1.77 -29.18 20.85
N CYS D 290 2.65 -28.71 19.96
CA CYS D 290 4.08 -28.74 20.26
C CYS D 290 4.42 -27.85 21.45
N PHE D 291 3.84 -26.65 21.50
CA PHE D 291 4.08 -25.76 22.63
C PHE D 291 3.56 -26.36 23.94
N SER D 292 2.39 -27.00 23.90
CA SER D 292 1.85 -27.65 25.08
C SER D 292 2.74 -28.82 25.51
N PHE D 293 3.30 -29.56 24.55
CA PHE D 293 4.22 -30.64 24.89
C PHE D 293 5.47 -30.10 25.57
N VAL D 294 6.02 -28.99 25.06
CA VAL D 294 7.20 -28.40 25.68
C VAL D 294 6.89 -27.92 27.10
N PHE D 295 5.75 -27.22 27.25
CA PHE D 295 5.36 -26.73 28.56
C PHE D 295 5.11 -27.88 29.54
N GLY D 296 4.47 -28.95 29.07
CA GLY D 296 4.26 -30.10 29.93
C GLY D 296 5.55 -30.80 30.32
N ALA D 297 6.51 -30.85 29.39
CA ALA D 297 7.81 -31.42 29.71
C ALA D 297 8.50 -30.60 30.80
N LEU D 298 8.48 -29.28 30.67
CA LEU D 298 9.09 -28.43 31.69
C LEU D 298 8.38 -28.58 33.04
N LEU D 299 7.04 -28.62 33.01
CA LEU D 299 6.28 -28.77 34.24
C LEU D 299 6.54 -30.12 34.90
N GLU D 300 6.65 -31.17 34.10
CA GLU D 300 6.95 -32.50 34.64
C GLU D 300 8.35 -32.56 35.23
N TYR D 301 9.32 -31.90 34.59
CA TYR D 301 10.66 -31.83 35.16
C TYR D 301 10.63 -31.10 36.51
N ALA D 302 9.90 -29.98 36.58
CA ALA D 302 9.80 -29.25 37.83
C ALA D 302 9.12 -30.08 38.91
N VAL D 303 8.05 -30.80 38.55
CA VAL D 303 7.33 -31.61 39.52
C VAL D 303 8.20 -32.77 40.01
N ALA D 304 8.97 -33.39 39.10
CA ALA D 304 9.87 -34.46 39.50
C ALA D 304 10.96 -33.94 40.43
N HIS D 305 11.50 -32.76 40.14
CA HIS D 305 12.49 -32.17 41.03
C HIS D 305 11.90 -31.88 42.41
N TYR D 306 10.67 -31.35 42.44
CA TYR D 306 10.02 -31.07 43.72
C TYR D 306 9.76 -32.34 44.51
N SER D 307 9.30 -33.40 43.83
CA SER D 307 9.03 -34.66 44.51
C SER D 307 10.30 -35.32 45.03
N SER D 308 11.38 -35.25 44.24
CA SER D 308 12.65 -35.84 44.67
C SER D 308 13.20 -35.12 45.90
N LEU D 309 13.09 -33.80 45.93
CA LEU D 309 13.58 -33.00 47.06
C LEU D 309 12.45 -32.69 48.04
N ASN D 317 13.20 -42.48 38.02
CA ASN D 317 11.89 -43.05 38.29
C ASN D 317 10.84 -42.54 37.32
N VAL D 318 10.24 -41.39 37.65
CA VAL D 318 9.23 -40.80 36.77
C VAL D 318 9.87 -40.38 35.44
N ASP D 319 11.04 -39.76 35.50
CA ASP D 319 11.72 -39.32 34.27
C ASP D 319 12.12 -40.51 33.41
N HIS D 320 12.60 -41.58 34.03
CA HIS D 320 13.00 -42.76 33.27
C HIS D 320 11.81 -43.41 32.58
N TYR D 321 10.66 -43.48 33.28
CA TYR D 321 9.45 -44.01 32.65
C TYR D 321 8.97 -43.11 31.53
N SER D 322 9.06 -41.79 31.72
CA SER D 322 8.65 -40.85 30.69
C SER D 322 9.53 -40.96 29.45
N LYS D 323 10.82 -41.23 29.64
CA LYS D 323 11.73 -41.35 28.50
C LYS D 323 11.29 -42.43 27.54
N LEU D 324 10.55 -43.44 28.02
CA LEU D 324 10.00 -44.48 27.16
C LEU D 324 8.54 -44.23 26.80
N LEU D 325 7.77 -43.59 27.67
CA LEU D 325 6.35 -43.37 27.40
C LEU D 325 6.14 -42.29 26.34
N PHE D 326 6.91 -41.20 26.42
CA PHE D 326 6.69 -40.06 25.54
C PHE D 326 6.85 -40.39 24.06
N PRO D 327 7.89 -41.09 23.61
CA PRO D 327 8.02 -41.32 22.15
C PRO D 327 6.84 -42.05 21.54
N LEU D 328 6.38 -43.15 22.15
CA LEU D 328 5.31 -43.94 21.56
C LEU D 328 4.01 -43.15 21.50
N ILE D 329 3.62 -42.53 22.61
CA ILE D 329 2.37 -41.78 22.64
C ILE D 329 2.43 -40.58 21.71
N PHE D 330 3.58 -39.89 21.67
CA PHE D 330 3.71 -38.73 20.78
C PHE D 330 3.61 -39.15 19.32
N MET D 331 4.27 -40.25 18.94
CA MET D 331 4.20 -40.73 17.57
C MET D 331 2.78 -41.17 17.22
N LEU D 332 2.10 -41.85 18.13
CA LEU D 332 0.72 -42.27 17.87
C LEU D 332 -0.18 -41.06 17.70
N ALA D 333 -0.02 -40.03 18.53
CA ALA D 333 -0.83 -38.82 18.40
C ALA D 333 -0.55 -38.11 17.09
N ASN D 334 0.72 -38.04 16.68
CA ASN D 334 1.06 -37.43 15.40
C ASN D 334 0.44 -38.19 14.23
N VAL D 335 0.48 -39.52 14.29
CA VAL D 335 -0.13 -40.33 13.24
C VAL D 335 -1.64 -40.12 13.22
N PHE D 336 -2.26 -40.04 14.39
CA PHE D 336 -3.71 -39.79 14.44
C PHE D 336 -4.05 -38.43 13.84
N TYR D 337 -3.27 -37.40 14.16
CA TYR D 337 -3.51 -36.08 13.59
C TYR D 337 -3.35 -36.10 12.08
N TRP D 338 -2.30 -36.76 11.59
CA TRP D 338 -2.09 -36.85 10.14
C TRP D 338 -3.24 -37.57 9.46
N ALA D 339 -3.66 -38.70 10.03
CA ALA D 339 -4.77 -39.45 9.44
C ALA D 339 -6.06 -38.63 9.47
N TYR D 340 -6.25 -37.83 10.53
CA TYR D 340 -7.44 -36.99 10.62
C TYR D 340 -7.43 -35.92 9.53
N TYR D 341 -6.28 -35.29 9.29
CA TYR D 341 -6.22 -34.14 8.41
C TYR D 341 -5.87 -34.48 6.96
N MET D 342 -5.56 -35.74 6.65
CA MET D 342 -5.41 -36.17 5.26
C MET D 342 -6.60 -36.93 4.71
N TYR D 343 -7.18 -37.84 5.49
CA TYR D 343 -8.19 -38.76 4.99
C TYR D 343 -9.59 -38.46 5.52
N PHE D 344 -9.77 -38.44 6.84
CA PHE D 344 -11.09 -38.21 7.41
C PHE D 344 -11.00 -37.67 8.83
N THR E 22 -41.79 15.10 -27.98
CA THR E 22 -41.39 14.20 -26.90
C THR E 22 -40.23 14.80 -26.09
N ALA E 23 -39.57 13.95 -25.30
CA ALA E 23 -38.46 14.38 -24.45
C ALA E 23 -37.18 14.37 -25.27
N GLY E 24 -37.09 15.30 -26.22
CA GLY E 24 -35.89 15.44 -27.03
C GLY E 24 -34.75 16.03 -26.23
N TYR E 25 -34.91 17.28 -25.79
CA TYR E 25 -33.96 17.92 -24.89
C TYR E 25 -34.45 17.94 -23.45
N ASN E 26 -35.51 17.20 -23.16
CA ASN E 26 -36.09 17.15 -21.82
C ASN E 26 -35.44 16.10 -20.93
N LYS E 27 -34.39 15.44 -21.40
CA LYS E 27 -33.67 14.49 -20.56
C LYS E 27 -33.06 15.17 -19.34
N PHE E 28 -32.81 16.48 -19.42
CA PHE E 28 -32.40 17.24 -18.24
C PHE E 28 -33.57 17.53 -17.30
N LEU E 29 -34.80 17.42 -17.80
CA LEU E 29 -35.99 17.67 -16.99
C LEU E 29 -36.46 16.37 -16.36
N ARG E 30 -36.68 16.39 -15.05
CA ARG E 30 -37.21 15.24 -14.35
C ARG E 30 -38.66 15.01 -14.78
N PRO E 31 -39.16 13.77 -14.65
CA PRO E 31 -40.56 13.51 -14.96
C PRO E 31 -41.48 14.37 -14.12
N ASN E 32 -42.55 14.86 -14.75
CA ASN E 32 -43.47 15.81 -14.13
C ASN E 32 -42.70 17.04 -13.64
N PHE E 33 -42.01 17.69 -14.57
CA PHE E 33 -41.18 18.85 -14.26
C PHE E 33 -42.08 20.01 -13.87
N GLY E 34 -42.23 20.23 -12.57
CA GLY E 34 -43.13 21.24 -12.07
C GLY E 34 -44.44 20.64 -11.58
N GLY E 35 -44.57 20.46 -10.28
CA GLY E 35 -45.75 19.85 -9.71
C GLY E 35 -45.43 18.71 -8.76
N GLU E 36 -46.12 17.58 -8.93
CA GLU E 36 -45.89 16.44 -8.06
C GLU E 36 -44.49 15.86 -8.29
N PRO E 37 -43.80 15.45 -7.24
CA PRO E 37 -42.45 14.88 -7.40
C PRO E 37 -42.51 13.46 -7.96
N VAL E 38 -41.33 12.95 -8.27
CA VAL E 38 -41.18 11.59 -8.80
C VAL E 38 -41.01 10.63 -7.64
N GLN E 39 -41.86 9.61 -7.58
CA GLN E 39 -41.79 8.59 -6.54
C GLN E 39 -40.92 7.45 -7.04
N ILE E 40 -39.70 7.37 -6.52
CA ILE E 40 -38.74 6.35 -6.92
C ILE E 40 -38.69 5.28 -5.84
N ALA E 41 -39.00 4.04 -6.21
CA ALA E 41 -38.93 2.90 -5.32
C ALA E 41 -37.55 2.26 -5.44
N LEU E 42 -36.94 1.98 -4.29
CA LEU E 42 -35.57 1.48 -4.23
C LEU E 42 -35.54 0.02 -3.81
N THR E 43 -34.55 -0.71 -4.32
CA THR E 43 -34.28 -2.08 -3.95
C THR E 43 -32.78 -2.27 -3.85
N LEU E 44 -32.32 -2.90 -2.78
CA LEU E 44 -30.90 -3.11 -2.56
C LEU E 44 -30.60 -4.60 -2.48
N ASP E 45 -29.42 -4.97 -2.99
CA ASP E 45 -28.98 -6.36 -2.98
C ASP E 45 -27.47 -6.35 -2.76
N ILE E 46 -27.06 -6.49 -1.50
CA ILE E 46 -25.65 -6.49 -1.17
C ILE E 46 -25.04 -7.83 -1.60
N ALA E 47 -24.31 -7.81 -2.71
CA ALA E 47 -23.68 -9.04 -3.19
C ALA E 47 -22.61 -9.52 -2.23
N SER E 48 -21.79 -8.60 -1.71
CA SER E 48 -20.72 -8.94 -0.79
C SER E 48 -20.19 -7.66 -0.16
N ILE E 49 -19.95 -7.72 1.14
CA ILE E 49 -19.26 -6.66 1.86
C ILE E 49 -17.77 -6.99 1.78
N SER E 50 -17.06 -6.30 0.90
CA SER E 50 -15.69 -6.67 0.57
C SER E 50 -14.77 -6.57 1.78
N SER E 51 -14.88 -5.50 2.56
CA SER E 51 -13.99 -5.32 3.69
C SER E 51 -14.65 -4.42 4.73
N ILE E 52 -14.17 -4.52 5.97
CA ILE E 52 -14.60 -3.65 7.07
C ILE E 52 -13.32 -3.21 7.77
N SER E 53 -12.87 -1.99 7.47
CA SER E 53 -11.62 -1.47 8.00
C SER E 53 -11.90 -0.60 9.22
N GLU E 54 -11.47 -1.07 10.40
CA GLU E 54 -11.58 -0.27 11.61
C GLU E 54 -10.53 0.82 11.68
N SER E 55 -9.36 0.61 11.08
CA SER E 55 -8.33 1.64 11.07
C SER E 55 -8.79 2.86 10.29
N ASN E 56 -9.39 2.65 9.12
CA ASN E 56 -9.98 3.73 8.34
C ASN E 56 -11.42 4.01 8.70
N MET E 57 -12.04 3.15 9.52
CA MET E 57 -13.41 3.34 9.98
C MET E 57 -14.39 3.44 8.81
N ASP E 58 -14.40 2.40 8.00
CA ASP E 58 -15.28 2.34 6.84
C ASP E 58 -15.53 0.88 6.46
N TYR E 59 -16.35 0.68 5.43
CA TYR E 59 -16.61 -0.65 4.90
C TYR E 59 -16.83 -0.55 3.40
N THR E 60 -16.21 -1.47 2.68
CA THR E 60 -16.34 -1.56 1.22
C THR E 60 -17.25 -2.74 0.89
N ALA E 61 -18.30 -2.47 0.12
CA ALA E 61 -19.31 -3.46 -0.22
C ALA E 61 -19.82 -3.22 -1.62
N THR E 62 -20.23 -4.30 -2.29
CA THR E 62 -20.81 -4.24 -3.62
C THR E 62 -22.32 -4.41 -3.51
N ILE E 63 -23.06 -3.50 -4.15
CA ILE E 63 -24.51 -3.48 -4.05
C ILE E 63 -25.11 -3.47 -5.44
N TYR E 64 -26.31 -4.05 -5.56
CA TYR E 64 -27.10 -4.08 -6.78
C TYR E 64 -28.24 -3.08 -6.58
N LEU E 65 -27.97 -1.82 -6.93
CA LEU E 65 -28.94 -0.75 -6.71
C LEU E 65 -29.99 -0.81 -7.80
N ARG E 66 -31.26 -0.94 -7.41
CA ARG E 66 -32.38 -0.98 -8.34
C ARG E 66 -33.34 0.15 -8.03
N GLN E 67 -33.68 0.92 -9.06
CA GLN E 67 -34.60 2.04 -8.91
C GLN E 67 -35.74 1.90 -9.92
N ARG E 68 -36.95 2.23 -9.46
CA ARG E 68 -38.15 2.14 -10.30
C ARG E 68 -38.94 3.43 -10.15
N TRP E 69 -39.11 4.16 -11.26
CA TRP E 69 -39.92 5.35 -11.29
C TRP E 69 -40.82 5.30 -12.52
N MET E 70 -41.62 6.35 -12.70
CA MET E 70 -42.57 6.43 -13.81
C MET E 70 -42.24 7.67 -14.64
N ASP E 71 -41.95 7.46 -15.91
CA ASP E 71 -41.68 8.54 -16.86
C ASP E 71 -42.86 8.60 -17.84
N GLN E 72 -43.68 9.64 -17.70
CA GLN E 72 -44.86 9.75 -18.56
C GLN E 72 -44.48 9.98 -20.01
N ARG E 73 -43.34 10.62 -20.27
CA ARG E 73 -42.88 10.86 -21.63
C ARG E 73 -42.28 9.62 -22.28
N LEU E 74 -41.99 8.57 -21.52
CA LEU E 74 -41.36 7.37 -22.03
C LEU E 74 -42.34 6.21 -22.18
N VAL E 75 -43.63 6.49 -22.22
CA VAL E 75 -44.65 5.46 -22.33
C VAL E 75 -44.80 5.07 -23.81
N PHE E 76 -45.30 3.86 -24.04
CA PHE E 76 -45.56 3.37 -25.39
C PHE E 76 -46.76 2.44 -25.34
N GLU E 77 -47.19 2.00 -26.52
CA GLU E 77 -48.32 1.09 -26.64
C GLU E 77 -47.82 -0.35 -26.71
N GLY E 78 -48.28 -1.18 -25.79
CA GLY E 78 -47.86 -2.57 -25.75
C GLY E 78 -48.39 -3.26 -24.51
N ASN E 79 -47.83 -4.43 -24.24
CA ASN E 79 -48.24 -5.22 -23.09
C ASN E 79 -47.04 -5.73 -22.30
N LYS E 80 -45.89 -5.85 -22.97
CA LYS E 80 -44.69 -6.41 -22.37
C LYS E 80 -43.63 -5.33 -22.20
N SER E 81 -42.63 -5.65 -21.36
CA SER E 81 -41.50 -4.76 -21.12
C SER E 81 -40.35 -5.13 -22.04
N PHE E 82 -39.41 -4.21 -22.19
CA PHE E 82 -38.25 -4.41 -23.06
C PHE E 82 -36.99 -3.96 -22.35
N THR E 83 -35.96 -4.81 -22.38
CA THR E 83 -34.66 -4.49 -21.81
C THR E 83 -33.83 -3.79 -22.88
N LEU E 84 -33.41 -2.55 -22.60
CA LEU E 84 -32.62 -1.79 -23.55
C LEU E 84 -31.15 -1.80 -23.14
N ASP E 85 -30.30 -1.37 -24.07
CA ASP E 85 -28.86 -1.33 -23.82
C ASP E 85 -28.53 -0.27 -22.77
N ALA E 86 -27.41 -0.48 -22.09
CA ALA E 86 -26.95 0.47 -21.08
C ALA E 86 -26.63 1.83 -21.68
N ARG E 87 -26.17 1.86 -22.94
CA ARG E 87 -25.86 3.13 -23.60
C ARG E 87 -27.09 4.02 -23.78
N LEU E 88 -28.29 3.48 -23.69
CA LEU E 88 -29.50 4.29 -23.70
C LEU E 88 -29.64 5.14 -22.46
N VAL E 89 -28.94 4.81 -21.37
CA VAL E 89 -29.02 5.59 -20.15
C VAL E 89 -28.58 7.03 -20.39
N GLU E 90 -27.60 7.23 -21.26
CA GLU E 90 -27.13 8.58 -21.60
C GLU E 90 -28.19 9.40 -22.31
N PHE E 91 -29.27 8.79 -22.81
CA PHE E 91 -30.32 9.51 -23.51
C PHE E 91 -31.57 9.72 -22.67
N LEU E 92 -31.69 9.07 -21.52
CA LEU E 92 -32.87 9.17 -20.68
C LEU E 92 -32.53 9.90 -19.39
N TRP E 93 -33.57 10.14 -18.58
CA TRP E 93 -33.41 10.76 -17.27
C TRP E 93 -33.34 9.67 -16.21
N VAL E 94 -32.32 9.76 -15.36
CA VAL E 94 -32.14 8.80 -14.27
C VAL E 94 -31.96 9.58 -12.98
N PRO E 95 -32.43 9.06 -11.85
CA PRO E 95 -32.26 9.79 -10.58
C PRO E 95 -30.80 9.91 -10.20
N ASP E 96 -30.49 11.03 -9.55
CA ASP E 96 -29.13 11.30 -9.07
C ASP E 96 -28.89 10.71 -7.69
N THR E 97 -29.15 9.41 -7.56
CA THR E 97 -28.93 8.73 -6.29
C THR E 97 -27.44 8.74 -5.93
N TYR E 98 -27.16 8.86 -4.64
CA TYR E 98 -25.79 8.95 -4.17
C TYR E 98 -25.71 8.46 -2.74
N ILE E 99 -24.59 7.82 -2.40
CA ILE E 99 -24.36 7.37 -1.05
C ILE E 99 -23.88 8.55 -0.21
N VAL E 100 -24.54 8.78 0.93
CA VAL E 100 -24.32 10.00 1.70
C VAL E 100 -22.88 10.06 2.20
N GLU E 101 -22.37 8.95 2.73
CA GLU E 101 -21.05 8.90 3.34
C GLU E 101 -20.08 8.04 2.54
N SER E 102 -20.12 8.18 1.22
CA SER E 102 -19.22 7.43 0.35
C SER E 102 -17.89 8.16 0.22
N LYS E 103 -16.80 7.44 0.44
CA LYS E 103 -15.46 8.00 0.26
C LYS E 103 -14.92 7.73 -1.14
N LYS E 104 -15.23 6.57 -1.71
CA LYS E 104 -14.79 6.21 -3.04
C LYS E 104 -15.71 5.11 -3.58
N SER E 105 -16.36 5.39 -4.71
CA SER E 105 -17.26 4.44 -5.32
C SER E 105 -17.08 4.47 -6.83
N PHE E 106 -17.45 3.37 -7.49
CA PHE E 106 -17.32 3.28 -8.93
C PHE E 106 -18.32 2.27 -9.46
N LEU E 107 -18.97 2.62 -10.56
CA LEU E 107 -19.80 1.66 -11.28
C LEU E 107 -18.90 0.68 -12.04
N HIS E 108 -19.20 -0.60 -11.93
CA HIS E 108 -18.35 -1.62 -12.52
C HIS E 108 -18.41 -1.59 -14.03
N GLU E 109 -17.25 -1.62 -14.67
CA GLU E 109 -17.12 -1.73 -16.12
C GLU E 109 -16.23 -2.94 -16.40
N VAL E 110 -16.85 -4.11 -16.46
CA VAL E 110 -16.13 -5.36 -16.65
C VAL E 110 -15.96 -5.63 -18.14
N THR E 111 -17.07 -5.75 -18.86
CA THR E 111 -17.07 -5.81 -20.32
C THR E 111 -17.75 -4.58 -20.91
N VAL E 112 -18.94 -4.24 -20.41
CA VAL E 112 -19.61 -2.98 -20.71
C VAL E 112 -19.99 -2.33 -19.39
N GLY E 113 -20.65 -1.17 -19.48
CA GLY E 113 -21.15 -0.53 -18.28
C GLY E 113 -22.23 -1.39 -17.62
N ASN E 114 -22.03 -1.70 -16.35
CA ASN E 114 -22.96 -2.57 -15.62
C ASN E 114 -24.23 -1.78 -15.28
N ARG E 115 -25.01 -1.52 -16.33
CA ARG E 115 -26.27 -0.80 -16.21
C ARG E 115 -27.37 -1.61 -16.88
N LEU E 116 -28.43 -1.86 -16.13
CA LEU E 116 -29.66 -2.46 -16.65
C LEU E 116 -30.73 -1.38 -16.76
N ILE E 117 -31.24 -1.17 -17.96
CA ILE E 117 -32.35 -0.26 -18.19
C ILE E 117 -33.49 -1.06 -18.81
N ARG E 118 -34.67 -0.95 -18.24
CA ARG E 118 -35.82 -1.75 -18.66
C ARG E 118 -37.03 -0.82 -18.75
N LEU E 119 -37.59 -0.70 -19.95
CA LEU E 119 -38.73 0.17 -20.17
C LEU E 119 -40.02 -0.66 -20.18
N PHE E 120 -41.05 -0.12 -19.55
CA PHE E 120 -42.32 -0.83 -19.40
C PHE E 120 -43.44 -0.09 -20.12
N SER E 121 -44.55 -0.79 -20.32
CA SER E 121 -45.66 -0.24 -21.10
C SER E 121 -46.31 0.94 -20.38
N ASN E 122 -46.50 0.84 -19.07
CA ASN E 122 -47.22 1.90 -18.36
C ASN E 122 -46.31 3.06 -17.97
N GLY E 123 -45.02 2.99 -18.28
CA GLY E 123 -44.09 4.05 -17.95
C GLY E 123 -43.06 3.68 -16.88
N THR E 124 -43.16 2.50 -16.29
CA THR E 124 -42.19 2.09 -15.28
C THR E 124 -40.81 1.92 -15.91
N VAL E 125 -39.79 2.41 -15.22
CA VAL E 125 -38.41 2.33 -15.68
C VAL E 125 -37.61 1.62 -14.60
N LEU E 126 -36.98 0.49 -14.96
CA LEU E 126 -36.12 -0.25 -14.05
C LEU E 126 -34.67 0.09 -14.35
N TYR E 127 -33.95 0.53 -13.32
CA TYR E 127 -32.56 0.98 -13.46
C TYR E 127 -31.72 0.25 -12.42
N ALA E 128 -30.86 -0.66 -12.87
CA ALA E 128 -30.04 -1.46 -11.99
C ALA E 128 -28.57 -1.19 -12.23
N LEU E 129 -27.79 -1.07 -11.16
CA LEU E 129 -26.37 -0.78 -11.23
C LEU E 129 -25.60 -1.62 -10.22
N ARG E 130 -24.40 -2.02 -10.61
CA ARG E 130 -23.47 -2.71 -9.70
C ARG E 130 -22.49 -1.66 -9.19
N ILE E 131 -22.60 -1.31 -7.92
CA ILE E 131 -21.80 -0.24 -7.33
C ILE E 131 -20.96 -0.81 -6.19
N THR E 132 -19.64 -0.70 -6.31
CA THR E 132 -18.72 -1.03 -5.22
C THR E 132 -18.43 0.28 -4.49
N THR E 133 -18.96 0.39 -3.27
CA THR E 133 -18.91 1.63 -2.51
C THR E 133 -18.13 1.43 -1.22
N THR E 134 -17.60 2.53 -0.69
CA THR E 134 -16.82 2.55 0.54
C THR E 134 -17.47 3.56 1.48
N VAL E 135 -18.34 3.10 2.35
CA VAL E 135 -19.10 3.97 3.24
C VAL E 135 -18.40 4.03 4.59
N ALA E 136 -18.24 5.25 5.11
CA ALA E 136 -17.60 5.48 6.39
C ALA E 136 -18.66 5.50 7.49
N CYS E 137 -18.62 4.49 8.36
CA CYS E 137 -19.47 4.46 9.55
C CYS E 137 -18.58 4.55 10.78
N ASN E 138 -18.92 5.48 11.67
CA ASN E 138 -18.12 5.69 12.87
C ASN E 138 -18.15 4.46 13.76
N MET E 139 -16.98 4.05 14.26
CA MET E 139 -16.83 2.85 15.05
C MET E 139 -16.34 3.21 16.45
N ASP E 140 -17.03 2.69 17.46
CA ASP E 140 -16.64 2.87 18.86
C ASP E 140 -16.05 1.55 19.34
N LEU E 141 -14.72 1.52 19.52
CA LEU E 141 -14.00 0.32 19.87
C LEU E 141 -13.74 0.21 21.38
N SER E 142 -14.63 0.74 22.20
CA SER E 142 -14.45 0.64 23.65
C SER E 142 -14.55 -0.81 24.11
N LYS E 143 -15.60 -1.52 23.71
CA LYS E 143 -15.72 -2.95 23.98
C LYS E 143 -15.26 -3.76 22.78
N TYR E 144 -13.98 -3.56 22.42
CA TYR E 144 -13.45 -4.05 21.14
C TYR E 144 -13.66 -5.53 20.88
N PRO E 145 -13.38 -6.44 21.82
CA PRO E 145 -13.62 -7.87 21.51
C PRO E 145 -15.09 -8.19 21.25
N MET E 146 -16.02 -7.50 21.91
CA MET E 146 -17.45 -7.76 21.72
C MET E 146 -18.21 -6.53 21.21
N ASP E 147 -17.55 -5.65 20.46
CA ASP E 147 -18.22 -4.45 19.99
C ASP E 147 -19.25 -4.78 18.91
N THR E 148 -20.36 -4.06 18.93
CA THR E 148 -21.39 -4.14 17.90
C THR E 148 -21.46 -2.77 17.22
N GLN E 149 -21.15 -2.74 15.93
CA GLN E 149 -21.15 -1.50 15.18
C GLN E 149 -22.41 -1.40 14.33
N THR E 150 -23.18 -0.34 14.52
CA THR E 150 -24.40 -0.11 13.75
C THR E 150 -24.02 0.75 12.54
N CYS E 151 -23.61 0.08 11.47
CA CYS E 151 -23.16 0.77 10.28
C CYS E 151 -24.32 0.95 9.31
N LYS E 152 -24.35 2.12 8.67
CA LYS E 152 -25.47 2.52 7.84
C LYS E 152 -25.02 2.72 6.39
N LEU E 153 -25.94 2.45 5.48
CA LEU E 153 -25.79 2.76 4.06
C LEU E 153 -26.98 3.65 3.71
N GLN E 154 -26.69 4.91 3.41
CA GLN E 154 -27.72 5.90 3.15
C GLN E 154 -27.69 6.35 1.70
N LEU E 155 -28.85 6.32 1.05
CA LEU E 155 -29.01 6.73 -0.34
C LEU E 155 -29.88 7.97 -0.37
N GLU E 156 -29.44 8.98 -1.12
CA GLU E 156 -30.17 10.25 -1.17
C GLU E 156 -30.03 10.83 -2.58
N SER E 157 -30.91 11.76 -2.90
CA SER E 157 -30.81 12.49 -4.16
C SER E 157 -29.90 13.68 -3.95
N TRP E 158 -28.84 13.77 -4.76
CA TRP E 158 -27.85 14.84 -4.57
C TRP E 158 -28.41 16.20 -4.97
N GLY E 159 -29.20 16.24 -6.04
CA GLY E 159 -29.67 17.52 -6.55
C GLY E 159 -31.14 17.81 -6.29
N TYR E 160 -31.99 16.80 -6.43
CA TYR E 160 -33.43 16.99 -6.33
C TYR E 160 -33.87 16.78 -4.89
N ASP E 161 -34.55 17.78 -4.34
CA ASP E 161 -34.99 17.75 -2.95
C ASP E 161 -36.28 16.93 -2.84
N GLY E 162 -36.91 16.95 -1.67
CA GLY E 162 -38.14 16.20 -1.46
C GLY E 162 -39.30 16.66 -2.29
N ASN E 163 -39.27 17.90 -2.77
CA ASN E 163 -40.32 18.42 -3.65
C ASN E 163 -40.12 18.03 -5.10
N ASP E 164 -39.01 17.38 -5.44
CA ASP E 164 -38.74 16.92 -6.79
C ASP E 164 -38.57 15.41 -6.89
N VAL E 165 -37.88 14.79 -5.93
CA VAL E 165 -37.66 13.35 -5.92
C VAL E 165 -37.98 12.85 -4.51
N GLU E 166 -38.86 11.86 -4.42
CA GLU E 166 -39.19 11.20 -3.15
C GLU E 166 -38.71 9.76 -3.23
N PHE E 167 -37.70 9.44 -2.43
CA PHE E 167 -37.17 8.09 -2.41
C PHE E 167 -37.97 7.23 -1.44
N THR E 168 -38.32 6.02 -1.88
CA THR E 168 -39.12 5.11 -1.09
C THR E 168 -38.57 3.69 -1.24
N TRP E 169 -38.79 2.88 -0.22
CA TRP E 169 -38.41 1.47 -0.25
C TRP E 169 -39.52 0.67 -0.91
N LEU E 170 -39.15 -0.22 -1.83
CA LEU E 170 -40.15 -0.95 -2.61
C LEU E 170 -40.97 -1.89 -1.73
N ARG E 171 -40.31 -2.62 -0.82
CA ARG E 171 -40.98 -3.64 -0.04
C ARG E 171 -40.60 -3.56 1.44
N GLY E 172 -40.27 -2.36 1.92
CA GLY E 172 -39.91 -2.22 3.33
C GLY E 172 -38.63 -2.98 3.64
N ASN E 173 -38.65 -3.86 4.63
CA ASN E 173 -37.41 -4.55 5.04
C ASN E 173 -37.10 -5.67 4.05
N ASP E 174 -38.11 -6.08 3.27
CA ASP E 174 -37.92 -7.07 2.18
C ASP E 174 -36.96 -6.49 1.14
N SER E 175 -37.08 -5.20 0.84
CA SER E 175 -36.38 -4.59 -0.29
C SER E 175 -34.91 -4.97 -0.31
N VAL E 176 -34.26 -5.00 0.85
CA VAL E 176 -32.83 -5.31 0.94
C VAL E 176 -32.67 -6.82 1.08
N ARG E 177 -31.83 -7.40 0.22
CA ARG E 177 -31.58 -8.83 0.21
C ARG E 177 -30.09 -9.09 0.25
N GLY E 178 -29.72 -10.25 0.79
CA GLY E 178 -28.34 -10.67 0.90
C GLY E 178 -27.70 -10.39 2.24
N LEU E 179 -28.27 -9.49 3.04
CA LEU E 179 -27.71 -9.18 4.36
C LEU E 179 -27.97 -10.30 5.35
N GLU E 180 -29.12 -10.97 5.24
CA GLU E 180 -29.47 -12.03 6.19
C GLU E 180 -28.52 -13.22 6.07
N HIS E 181 -28.15 -13.58 4.85
CA HIS E 181 -27.29 -14.73 4.61
C HIS E 181 -25.81 -14.37 4.53
N LEU E 182 -25.46 -13.10 4.72
CA LEU E 182 -24.06 -12.70 4.68
C LEU E 182 -23.36 -13.08 5.98
N ARG E 183 -22.23 -13.77 5.86
CA ARG E 183 -21.38 -14.13 7.00
C ARG E 183 -19.97 -13.67 6.69
N LEU E 184 -19.56 -12.55 7.29
CA LEU E 184 -18.24 -11.99 7.03
C LEU E 184 -17.18 -12.79 7.77
N ALA E 185 -15.92 -12.38 7.60
CA ALA E 185 -14.82 -13.07 8.25
C ALA E 185 -14.88 -12.92 9.77
N GLN E 186 -15.04 -11.68 10.24
CA GLN E 186 -15.02 -11.41 11.67
C GLN E 186 -16.37 -10.99 12.24
N TYR E 187 -17.26 -10.44 11.43
CA TYR E 187 -18.54 -9.89 11.90
C TYR E 187 -19.68 -10.81 11.50
N THR E 188 -20.89 -10.43 11.93
CA THR E 188 -22.09 -11.19 11.61
C THR E 188 -23.29 -10.27 11.78
N ILE E 189 -24.06 -10.09 10.72
CA ILE E 189 -25.24 -9.23 10.75
C ILE E 189 -26.40 -9.99 11.39
N GLU E 190 -26.97 -9.41 12.44
CA GLU E 190 -28.09 -10.01 13.15
C GLU E 190 -29.37 -9.20 13.07
N ARG E 191 -29.27 -7.88 12.94
CA ARG E 191 -30.44 -7.01 12.87
C ARG E 191 -30.16 -5.88 11.90
N TYR E 192 -30.87 -5.88 10.77
CA TYR E 192 -30.76 -4.83 9.77
C TYR E 192 -32.16 -4.35 9.41
N PHE E 193 -32.30 -3.06 9.19
CA PHE E 193 -33.61 -2.53 8.82
C PHE E 193 -33.45 -1.24 8.01
N THR E 194 -34.53 -0.91 7.31
CA THR E 194 -34.57 0.22 6.38
C THR E 194 -35.53 1.28 6.89
N LEU E 195 -35.13 2.54 6.78
CA LEU E 195 -35.91 3.68 7.23
C LEU E 195 -35.94 4.75 6.15
N VAL E 196 -37.02 5.53 6.17
CA VAL E 196 -37.19 6.66 5.27
C VAL E 196 -37.10 7.91 6.13
N THR E 197 -35.89 8.48 6.22
CA THR E 197 -35.66 9.68 7.01
C THR E 197 -35.80 10.92 6.14
N ARG E 198 -35.92 12.08 6.79
CA ARG E 198 -36.03 13.35 6.07
C ARG E 198 -34.85 14.22 6.49
N SER E 199 -33.86 14.32 5.61
CA SER E 199 -32.68 15.13 5.90
C SER E 199 -32.95 16.59 5.59
N GLN E 200 -32.60 17.47 6.51
CA GLN E 200 -32.80 18.90 6.36
C GLN E 200 -31.44 19.54 6.11
N GLN E 201 -31.23 20.00 4.88
CA GLN E 201 -30.01 20.68 4.49
C GLN E 201 -30.32 22.12 4.12
N GLU E 202 -29.25 22.90 3.90
CA GLU E 202 -29.43 24.30 3.54
C GLU E 202 -30.14 24.44 2.20
N THR E 203 -29.78 23.61 1.23
CA THR E 203 -30.41 23.69 -0.09
C THR E 203 -31.89 23.33 -0.02
N GLY E 204 -32.22 22.27 0.70
CA GLY E 204 -33.61 21.86 0.81
C GLY E 204 -33.76 20.60 1.63
N ASN E 205 -34.98 20.07 1.65
CA ASN E 205 -35.30 18.87 2.40
C ASN E 205 -35.29 17.68 1.45
N TYR E 206 -34.66 16.58 1.88
CA TYR E 206 -34.47 15.41 1.05
C TYR E 206 -35.01 14.17 1.75
N THR E 207 -35.48 13.21 0.94
CA THR E 207 -35.93 11.92 1.45
C THR E 207 -34.78 10.93 1.34
N ARG E 208 -34.22 10.54 2.49
CA ARG E 208 -33.07 9.66 2.54
C ARG E 208 -33.52 8.25 2.91
N LEU E 209 -32.96 7.25 2.22
CA LEU E 209 -33.25 5.85 2.51
C LEU E 209 -32.04 5.25 3.22
N VAL E 210 -32.23 4.86 4.48
CA VAL E 210 -31.14 4.40 5.33
C VAL E 210 -31.33 2.93 5.62
N LEU E 211 -30.41 2.10 5.17
CA LEU E 211 -30.36 0.69 5.55
C LEU E 211 -29.25 0.55 6.58
N GLN E 212 -29.62 0.31 7.84
CA GLN E 212 -28.65 0.21 8.91
C GLN E 212 -28.61 -1.22 9.42
N PHE E 213 -27.40 -1.73 9.63
CA PHE E 213 -27.18 -3.11 10.05
C PHE E 213 -26.17 -3.14 11.18
N GLU E 214 -26.41 -4.04 12.13
CA GLU E 214 -25.55 -4.19 13.30
C GLU E 214 -24.58 -5.34 13.07
N LEU E 215 -23.30 -5.02 12.96
CA LEU E 215 -22.24 -6.00 12.79
C LEU E 215 -21.66 -6.34 14.17
N ARG E 216 -21.77 -7.61 14.55
CA ARG E 216 -21.27 -8.09 15.84
C ARG E 216 -20.10 -9.04 15.60
N ARG E 217 -18.95 -8.71 16.17
CA ARG E 217 -17.77 -9.54 16.02
C ARG E 217 -17.90 -10.83 16.82
N ASN E 218 -17.29 -11.90 16.30
CA ASN E 218 -17.32 -13.18 16.99
C ASN E 218 -16.61 -13.08 18.34
N VAL E 219 -17.10 -13.84 19.31
CA VAL E 219 -16.65 -13.72 20.69
C VAL E 219 -15.65 -14.80 21.05
N LEU E 220 -15.79 -15.98 20.42
CA LEU E 220 -14.99 -17.14 20.80
C LEU E 220 -13.54 -17.07 20.32
N TYR E 221 -13.28 -16.47 19.16
CA TYR E 221 -11.93 -16.47 18.61
C TYR E 221 -10.96 -15.75 19.52
N PHE E 222 -11.30 -14.52 19.94
CA PHE E 222 -10.43 -13.74 20.81
C PHE E 222 -10.28 -14.38 22.19
N ILE E 223 -11.31 -15.07 22.68
CA ILE E 223 -11.22 -15.73 23.98
C ILE E 223 -10.26 -16.91 23.89
N LEU E 224 -10.40 -17.74 22.87
CA LEU E 224 -9.58 -18.94 22.77
C LEU E 224 -8.17 -18.66 22.24
N GLU E 225 -7.94 -17.50 21.65
CA GLU E 225 -6.62 -17.19 21.09
C GLU E 225 -5.85 -16.12 21.86
N THR E 226 -6.53 -15.25 22.60
CA THR E 226 -5.86 -14.21 23.37
C THR E 226 -6.15 -14.32 24.86
N TYR E 227 -7.41 -14.50 25.24
CA TYR E 227 -7.75 -14.56 26.66
C TYR E 227 -7.23 -15.84 27.32
N VAL E 228 -7.30 -16.97 26.59
CA VAL E 228 -6.79 -18.23 27.14
C VAL E 228 -5.29 -18.19 27.40
N PRO E 229 -4.45 -17.70 26.48
CA PRO E 229 -3.02 -17.57 26.84
C PRO E 229 -2.76 -16.65 28.03
N SER E 230 -3.55 -15.58 28.16
CA SER E 230 -3.39 -14.72 29.34
C SER E 230 -3.77 -15.45 30.62
N THR E 231 -4.84 -16.24 30.58
CA THR E 231 -5.23 -17.04 31.74
C THR E 231 -4.15 -18.06 32.08
N PHE E 232 -3.54 -18.67 31.06
CA PHE E 232 -2.46 -19.62 31.31
C PHE E 232 -1.24 -18.91 31.92
N LEU E 233 -0.96 -17.69 31.47
CA LEU E 233 0.12 -16.91 32.07
C LEU E 233 -0.17 -16.62 33.54
N VAL E 234 -1.41 -16.24 33.85
CA VAL E 234 -1.76 -15.98 35.25
C VAL E 234 -1.67 -17.26 36.08
N VAL E 235 -2.05 -18.40 35.49
CA VAL E 235 -1.92 -19.67 36.19
C VAL E 235 -0.45 -19.98 36.48
N LEU E 236 0.43 -19.74 35.50
CA LEU E 236 1.86 -19.94 35.72
C LEU E 236 2.38 -19.00 36.80
N SER E 237 1.90 -17.76 36.83
CA SER E 237 2.28 -16.84 37.89
C SER E 237 1.83 -17.34 39.25
N TRP E 238 0.63 -17.93 39.32
CA TRP E 238 0.18 -18.55 40.56
C TRP E 238 1.09 -19.71 40.97
N VAL E 239 1.47 -20.55 40.00
CA VAL E 239 2.35 -21.68 40.28
C VAL E 239 3.71 -21.21 40.77
N SER E 240 4.14 -20.03 40.32
CA SER E 240 5.44 -19.49 40.74
C SER E 240 5.53 -19.33 42.25
N PHE E 241 4.39 -19.19 42.94
CA PHE E 241 4.42 -19.07 44.39
C PHE E 241 4.89 -20.36 45.06
N TRP E 242 4.51 -21.52 44.51
CA TRP E 242 4.86 -22.79 45.14
C TRP E 242 6.36 -23.01 45.16
N ILE E 243 7.05 -22.64 44.09
CA ILE E 243 8.50 -22.80 44.01
C ILE E 243 9.15 -21.80 44.97
N SER E 244 10.04 -22.29 45.82
CA SER E 244 10.70 -21.47 46.81
C SER E 244 12.03 -20.93 46.27
N LEU E 245 12.69 -20.12 47.10
CA LEU E 245 13.96 -19.51 46.71
C LEU E 245 15.12 -20.48 46.74
N ASP E 246 14.95 -21.64 47.41
CA ASP E 246 16.05 -22.60 47.50
C ASP E 246 16.42 -23.14 46.12
N SER E 247 15.44 -23.31 45.24
CA SER E 247 15.68 -23.78 43.88
C SER E 247 15.69 -22.55 42.96
N VAL E 248 16.80 -21.82 42.99
CA VAL E 248 16.97 -20.63 42.16
C VAL E 248 16.88 -20.93 40.67
N PRO E 249 17.38 -22.05 40.13
CA PRO E 249 17.21 -22.27 38.68
C PRO E 249 15.75 -22.33 38.25
N ALA E 250 14.93 -23.10 38.96
CA ALA E 250 13.52 -23.23 38.58
C ALA E 250 12.79 -21.90 38.70
N ARG E 251 13.05 -21.15 39.78
CA ARG E 251 12.42 -19.84 39.95
C ARG E 251 12.83 -18.88 38.84
N THR E 252 14.13 -18.86 38.51
CA THR E 252 14.60 -17.98 37.44
C THR E 252 13.96 -18.34 36.11
N CYS E 253 13.90 -19.65 35.80
CA CYS E 253 13.30 -20.07 34.54
C CYS E 253 11.83 -19.71 34.47
N ILE E 254 11.07 -19.97 35.55
CA ILE E 254 9.64 -19.71 35.50
C ILE E 254 9.37 -18.22 35.42
N GLY E 255 10.15 -17.41 36.15
CA GLY E 255 9.98 -15.97 36.05
C GLY E 255 10.31 -15.43 34.68
N VAL E 256 11.40 -15.91 34.08
CA VAL E 256 11.77 -15.47 32.74
C VAL E 256 10.69 -15.85 31.74
N THR E 257 10.19 -17.09 31.83
CA THR E 257 9.14 -17.53 30.91
C THR E 257 7.88 -16.68 31.06
N THR E 258 7.46 -16.42 32.31
CA THR E 258 6.26 -15.62 32.53
C THR E 258 6.42 -14.21 31.96
N VAL E 259 7.54 -13.55 32.27
CA VAL E 259 7.74 -12.17 31.83
C VAL E 259 7.82 -12.11 30.31
N LEU E 260 8.60 -13.02 29.70
CA LEU E 260 8.74 -13.01 28.25
C LEU E 260 7.42 -13.31 27.56
N SER E 261 6.66 -14.27 28.07
CA SER E 261 5.38 -14.60 27.46
C SER E 261 4.39 -13.44 27.59
N MET E 262 4.37 -12.77 28.73
CA MET E 262 3.46 -11.64 28.89
C MET E 262 3.86 -10.48 27.97
N THR E 263 5.16 -10.22 27.82
CA THR E 263 5.60 -9.18 26.90
C THR E 263 5.23 -9.53 25.46
N THR E 264 5.43 -10.79 25.06
CA THR E 264 5.09 -11.19 23.70
C THR E 264 3.59 -11.11 23.46
N LEU E 265 2.78 -11.49 24.46
CA LEU E 265 1.33 -11.37 24.33
C LEU E 265 0.90 -9.92 24.20
N MET E 266 1.51 -9.03 24.99
CA MET E 266 1.20 -7.60 24.86
C MET E 266 1.57 -7.08 23.49
N ILE E 267 2.74 -7.48 22.98
CA ILE E 267 3.17 -7.05 21.65
C ILE E 267 2.20 -7.56 20.58
N GLY E 268 1.80 -8.83 20.67
CA GLY E 268 0.89 -9.38 19.69
C GLY E 268 -0.48 -8.72 19.74
N SER E 269 -0.96 -8.38 20.94
CA SER E 269 -2.24 -7.68 21.05
C SER E 269 -2.15 -6.27 20.50
N ARG E 270 -1.02 -5.58 20.73
CA ARG E 270 -0.87 -4.21 20.26
C ARG E 270 -0.60 -4.11 18.77
N THR E 271 -0.13 -5.19 18.14
CA THR E 271 0.15 -5.18 16.71
C THR E 271 -1.05 -5.63 15.87
N SER E 272 -2.12 -6.10 16.50
CA SER E 272 -3.29 -6.52 15.74
C SER E 272 -3.98 -5.33 15.08
N LEU E 273 -4.12 -4.23 15.82
CA LEU E 273 -4.76 -3.02 15.30
C LEU E 273 -3.76 -1.89 15.26
N PRO E 274 -3.63 -1.19 14.13
CA PRO E 274 -2.65 -0.09 14.04
C PRO E 274 -3.01 1.04 15.01
N ASN E 275 -2.00 1.88 15.27
CA ASN E 275 -2.16 3.00 16.19
C ASN E 275 -3.02 4.10 15.56
N THR E 276 -4.31 3.82 15.45
CA THR E 276 -5.27 4.77 14.89
C THR E 276 -6.39 5.14 15.85
N ASN E 277 -6.85 4.21 16.67
CA ASN E 277 -7.91 4.51 17.63
C ASN E 277 -7.34 5.27 18.82
N CYS E 278 -8.19 6.11 19.42
CA CYS E 278 -7.84 6.91 20.59
C CYS E 278 -8.87 6.73 21.69
N PHE E 279 -9.25 5.48 21.93
CA PHE E 279 -10.23 5.14 22.95
C PHE E 279 -9.64 4.08 23.88
N ILE E 280 -10.33 3.87 25.01
CA ILE E 280 -9.94 2.86 25.98
C ILE E 280 -10.65 1.57 25.60
N LYS E 281 -9.87 0.58 25.15
CA LYS E 281 -10.42 -0.67 24.67
C LYS E 281 -10.74 -1.59 25.84
N ALA E 282 -11.21 -2.79 25.52
CA ALA E 282 -11.54 -3.81 26.52
C ALA E 282 -10.49 -4.89 26.63
N ILE E 283 -9.96 -5.36 25.50
CA ILE E 283 -8.88 -6.36 25.54
C ILE E 283 -7.63 -5.74 26.14
N ASP E 284 -7.38 -4.45 25.88
CA ASP E 284 -6.24 -3.77 26.47
C ASP E 284 -6.38 -3.70 27.99
N VAL E 285 -7.59 -3.43 28.47
CA VAL E 285 -7.81 -3.36 29.92
C VAL E 285 -7.57 -4.71 30.57
N TYR E 286 -8.07 -5.79 29.96
CA TYR E 286 -7.89 -7.13 30.52
C TYR E 286 -6.42 -7.53 30.51
N LEU E 287 -5.71 -7.25 29.42
CA LEU E 287 -4.28 -7.58 29.37
C LEU E 287 -3.49 -6.74 30.35
N GLY E 288 -3.85 -5.47 30.54
CA GLY E 288 -3.21 -4.67 31.55
C GLY E 288 -3.47 -5.19 32.95
N ILE E 289 -4.67 -5.69 33.20
CA ILE E 289 -4.98 -6.29 34.50
C ILE E 289 -4.11 -7.52 34.72
N CYS E 290 -3.96 -8.36 33.69
CA CYS E 290 -3.11 -9.54 33.83
C CYS E 290 -1.65 -9.16 34.07
N PHE E 291 -1.15 -8.16 33.34
CA PHE E 291 0.22 -7.70 33.53
C PHE E 291 0.42 -7.13 34.92
N SER E 292 -0.57 -6.36 35.42
CA SER E 292 -0.48 -5.81 36.76
C SER E 292 -0.52 -6.93 37.80
N PHE E 293 -1.30 -7.97 37.57
CA PHE E 293 -1.31 -9.11 38.48
C PHE E 293 0.04 -9.80 38.52
N VAL E 294 0.66 -9.99 37.37
CA VAL E 294 1.98 -10.64 37.33
C VAL E 294 3.01 -9.77 38.05
N PHE E 295 2.99 -8.46 37.77
CA PHE E 295 3.93 -7.55 38.42
C PHE E 295 3.72 -7.51 39.93
N GLY E 296 2.46 -7.50 40.37
CA GLY E 296 2.18 -7.53 41.79
C GLY E 296 2.60 -8.83 42.45
N ALA E 297 2.45 -9.94 41.74
CA ALA E 297 2.93 -11.22 42.27
C ALA E 297 4.44 -11.20 42.45
N LEU E 298 5.17 -10.70 41.45
CA LEU E 298 6.63 -10.62 41.58
C LEU E 298 7.02 -9.67 42.71
N LEU E 299 6.35 -8.52 42.82
CA LEU E 299 6.66 -7.56 43.88
C LEU E 299 6.37 -8.15 45.25
N GLU E 300 5.26 -8.89 45.38
CA GLU E 300 4.93 -9.51 46.66
C GLU E 300 5.94 -10.60 47.02
N TYR E 301 6.39 -11.36 46.04
CA TYR E 301 7.44 -12.35 46.31
C TYR E 301 8.71 -11.66 46.79
N ALA E 302 9.10 -10.56 46.14
CA ALA E 302 10.29 -9.83 46.56
C ALA E 302 10.13 -9.27 47.98
N VAL E 303 8.95 -8.72 48.28
CA VAL E 303 8.71 -8.14 49.59
C VAL E 303 8.71 -9.22 50.67
N ALA E 304 8.13 -10.38 50.37
CA ALA E 304 8.14 -11.48 51.32
C ALA E 304 9.57 -11.97 51.57
N HIS E 305 10.38 -12.06 50.52
CA HIS E 305 11.78 -12.45 50.69
C HIS E 305 12.53 -11.43 51.53
N TYR E 306 12.29 -10.14 51.29
CA TYR E 306 12.95 -9.10 52.08
C TYR E 306 12.53 -9.15 53.55
N SER E 307 11.24 -9.36 53.80
CA SER E 307 10.75 -9.42 55.18
C SER E 307 11.28 -10.65 55.90
N SER E 308 11.34 -11.79 55.21
CA SER E 308 11.86 -13.01 55.83
C SER E 308 13.33 -12.86 56.19
N LEU E 309 14.11 -12.24 55.32
CA LEU E 309 15.54 -12.04 55.58
C LEU E 309 15.80 -10.66 56.16
N ASN E 317 3.86 -17.97 55.47
CA ASN E 317 3.04 -16.97 56.15
C ASN E 317 2.26 -16.11 55.17
N VAL E 318 2.89 -15.05 54.65
CA VAL E 318 2.22 -14.18 53.69
C VAL E 318 1.95 -14.94 52.40
N ASP E 319 2.93 -15.71 51.93
CA ASP E 319 2.76 -16.47 50.69
C ASP E 319 1.67 -17.54 50.83
N HIS E 320 1.63 -18.22 51.98
CA HIS E 320 0.61 -19.24 52.21
C HIS E 320 -0.79 -18.63 52.22
N TYR E 321 -0.94 -17.47 52.87
CA TYR E 321 -2.23 -16.79 52.87
C TYR E 321 -2.61 -16.32 51.46
N SER E 322 -1.62 -15.83 50.71
CA SER E 322 -1.89 -15.39 49.34
C SER E 322 -2.32 -16.55 48.46
N LYS E 323 -1.74 -17.73 48.68
CA LYS E 323 -2.09 -18.90 47.86
C LYS E 323 -3.58 -19.21 47.93
N LEU E 324 -4.25 -18.82 49.01
CA LEU E 324 -5.70 -18.98 49.13
C LEU E 324 -6.47 -17.71 48.81
N LEU E 325 -5.89 -16.54 49.07
CA LEU E 325 -6.61 -15.30 48.82
C LEU E 325 -6.69 -14.97 47.33
N PHE E 326 -5.60 -15.20 46.60
CA PHE E 326 -5.55 -14.80 45.19
C PHE E 326 -6.61 -15.48 44.32
N PRO E 327 -6.83 -16.80 44.40
CA PRO E 327 -7.82 -17.41 43.48
C PRO E 327 -9.22 -16.84 43.62
N LEU E 328 -9.72 -16.69 44.84
CA LEU E 328 -11.09 -16.24 45.03
C LEU E 328 -11.27 -14.80 44.55
N ILE E 329 -10.37 -13.91 44.96
CA ILE E 329 -10.48 -12.51 44.56
C ILE E 329 -10.31 -12.36 43.06
N PHE E 330 -9.35 -13.09 42.48
CA PHE E 330 -9.13 -13.01 41.04
C PHE E 330 -10.35 -13.49 40.27
N MET E 331 -10.95 -14.61 40.70
CA MET E 331 -12.14 -15.11 40.02
C MET E 331 -13.31 -14.14 40.17
N LEU E 332 -13.48 -13.56 41.35
CA LEU E 332 -14.56 -12.59 41.54
C LEU E 332 -14.35 -11.36 40.67
N ALA E 333 -13.12 -10.88 40.55
CA ALA E 333 -12.84 -9.72 39.70
C ALA E 333 -13.08 -10.05 38.23
N ASN E 334 -12.70 -11.26 37.80
CA ASN E 334 -12.96 -11.67 36.43
C ASN E 334 -14.45 -11.75 36.14
N VAL E 335 -15.22 -12.30 37.08
CA VAL E 335 -16.67 -12.37 36.91
C VAL E 335 -17.27 -10.98 36.86
N PHE E 336 -16.78 -10.07 37.71
CA PHE E 336 -17.28 -8.70 37.69
C PHE E 336 -16.98 -8.03 36.35
N TYR E 337 -15.77 -8.22 35.82
CA TYR E 337 -15.43 -7.64 34.53
C TYR E 337 -16.30 -8.22 33.42
N TRP E 338 -16.53 -9.53 33.44
CA TRP E 338 -17.38 -10.15 32.43
C TRP E 338 -18.80 -9.63 32.51
N ALA E 339 -19.35 -9.53 33.73
CA ALA E 339 -20.71 -9.02 33.88
C ALA E 339 -20.79 -7.56 33.44
N TYR E 340 -19.74 -6.78 33.68
CA TYR E 340 -19.73 -5.40 33.25
C TYR E 340 -19.73 -5.28 31.73
N TYR E 341 -18.94 -6.11 31.05
CA TYR E 341 -18.77 -5.96 29.62
C TYR E 341 -19.71 -6.81 28.77
N MET E 342 -20.54 -7.65 29.38
CA MET E 342 -21.60 -8.34 28.64
C MET E 342 -22.98 -7.76 28.86
N TYR E 343 -23.34 -7.38 30.09
CA TYR E 343 -24.70 -7.00 30.41
C TYR E 343 -24.85 -5.52 30.70
N PHE E 344 -24.10 -4.98 31.66
CA PHE E 344 -24.23 -3.57 32.02
C PHE E 344 -22.96 -3.03 32.68
C1 NAG F . 9.81 6.79 -47.36
C2 NAG F . 10.79 5.63 -47.49
C3 NAG F . 11.46 5.38 -46.15
C4 NAG F . 12.09 6.65 -45.60
C5 NAG F . 11.10 7.81 -45.62
C6 NAG F . 11.73 9.14 -45.30
C7 NAG F . 10.22 4.01 -49.23
C8 NAG F . 9.47 2.75 -49.56
N2 NAG F . 10.12 4.43 -47.97
O3 NAG F . 12.46 4.38 -46.30
O4 NAG F . 12.51 6.43 -44.26
O5 NAG F . 10.50 7.96 -46.92
O6 NAG F . 11.57 10.07 -46.36
O7 NAG F . 10.88 4.61 -50.08
C1 NAG F . 13.94 6.51 -44.16
C2 NAG F . 14.29 6.62 -42.67
C3 NAG F . 15.81 6.66 -42.50
C4 NAG F . 16.46 5.47 -43.18
C5 NAG F . 16.02 5.38 -44.64
C6 NAG F . 16.52 4.15 -45.34
C7 NAG F . 12.88 7.69 -40.99
C8 NAG F . 12.32 8.98 -40.48
N2 NAG F . 13.67 7.78 -42.06
O3 NAG F . 16.12 6.68 -41.11
O4 NAG F . 17.87 5.58 -43.12
O5 NAG F . 14.59 5.36 -44.73
O6 NAG F . 15.47 3.45 -45.98
O7 NAG F . 12.62 6.60 -40.46
C1 BMA F . 18.40 4.74 -42.07
C2 BMA F . 19.95 4.76 -42.16
C3 BMA F . 20.58 4.09 -40.93
C4 BMA F . 19.96 4.63 -39.61
C5 BMA F . 18.44 4.44 -39.69
C6 BMA F . 17.72 4.92 -38.44
O2 BMA F . 20.44 6.08 -42.21
O3 BMA F . 22.00 4.26 -40.91
O4 BMA F . 20.46 3.92 -38.49
O5 BMA F . 17.96 5.20 -40.80
O6 BMA F . 17.92 6.33 -38.34
C1 MAN F . 21.45 4.74 -37.82
C2 MAN F . 22.40 3.78 -37.04
C3 MAN F . 21.71 3.24 -35.78
C4 MAN F . 21.13 4.38 -34.95
C5 MAN F . 20.14 5.17 -35.80
C6 MAN F . 19.53 6.35 -35.06
O2 MAN F . 23.56 4.46 -36.57
O3 MAN F . 22.60 2.44 -35.00
O4 MAN F . 20.46 3.86 -33.81
O5 MAN F . 20.84 5.70 -36.96
O6 MAN F . 20.58 7.11 -34.48
C1 NAG G . 2.16 40.63 -26.83
C2 NAG G . 3.66 40.85 -26.67
C3 NAG G . 4.14 40.27 -25.34
C4 NAG G . 3.31 40.83 -24.19
C5 NAG G . 1.80 40.70 -24.47
C6 NAG G . 0.95 41.41 -23.44
C7 NAG G . 4.90 41.00 -28.78
C8 NAG G . 5.63 40.23 -29.84
N2 NAG G . 4.40 40.27 -27.78
O3 NAG G . 5.51 40.59 -25.15
O4 NAG G . 3.62 40.11 -23.00
O5 NAG G . 1.47 41.25 -25.75
O6 NAG G . 0.15 42.40 -24.06
O7 NAG G . 4.76 42.21 -28.84
C1 NAG G . 4.26 40.97 -22.05
C2 NAG G . 4.25 40.25 -20.70
C3 NAG G . 4.95 41.09 -19.64
C4 NAG G . 6.36 41.46 -20.10
C5 NAG G . 6.30 42.13 -21.48
C6 NAG G . 7.67 42.40 -22.06
C7 NAG G . 2.52 38.68 -19.98
C8 NAG G . 1.09 38.51 -19.56
N2 NAG G . 2.91 39.91 -20.28
O3 NAG G . 5.01 40.37 -18.42
O4 NAG G . 6.96 42.36 -19.17
O5 NAG G . 5.61 41.28 -22.41
O6 NAG G . 7.79 41.88 -23.37
O7 NAG G . 3.29 37.72 -20.06
C1 BMA G . 7.88 41.64 -18.31
C2 BMA G . 8.65 42.68 -17.46
C3 BMA G . 9.46 41.98 -16.35
C4 BMA G . 8.60 40.93 -15.60
C5 BMA G . 8.01 39.95 -16.61
C6 BMA G . 7.15 38.88 -15.98
O2 BMA G . 7.74 43.56 -16.81
O3 BMA G . 10.01 42.92 -15.44
O4 BMA G . 9.39 40.22 -14.65
O5 BMA G . 7.18 40.71 -17.50
O6 BMA G . 6.03 39.50 -15.37
C1 MAN G . 9.13 40.73 -13.32
C2 MAN G . 10.38 40.41 -12.45
C3 MAN G . 10.44 38.92 -12.09
C4 MAN G . 9.10 38.47 -11.49
C5 MAN G . 7.98 38.75 -12.49
C6 MAN G . 6.61 38.34 -11.96
O2 MAN G . 10.34 41.10 -11.20
O3 MAN G . 11.50 38.63 -11.21
O4 MAN G . 9.15 37.08 -11.20
O5 MAN G . 7.94 40.16 -12.78
O6 MAN G . 6.44 38.92 -10.68
C1 NAG H . -32.52 35.70 -6.58
C2 NAG H . -32.02 36.59 -5.47
C3 NAG H . -31.37 35.74 -4.38
C4 NAG H . -32.33 34.66 -3.91
C5 NAG H . -32.90 33.87 -5.09
C6 NAG H . -34.01 32.93 -4.67
C7 NAG H . -31.42 38.86 -6.18
C8 NAG H . -30.33 39.75 -6.71
N2 NAG H . -31.08 37.58 -5.98
O3 NAG H . -31.00 36.58 -3.29
O4 NAG H . -31.62 33.75 -3.06
O5 NAG H . -33.47 34.77 -6.06
O6 NAG H . -35.23 33.24 -5.34
O7 NAG H . -32.54 39.28 -5.96
C1 NAG H . -32.13 33.82 -1.72
C2 NAG H . -31.58 32.61 -0.96
C3 NAG H . -32.06 32.64 0.49
C4 NAG H . -31.67 33.97 1.14
C5 NAG H . -32.20 35.13 0.31
C6 NAG H . -31.74 36.48 0.82
C7 NAG H . -31.08 30.44 -2.00
C8 NAG H . -31.65 29.21 -2.63
N2 NAG H . -31.96 31.37 -1.60
O3 NAG H . -31.48 31.56 1.19
O4 NAG H . -32.23 34.05 2.46
O5 NAG H . -31.73 35.02 -1.05
O6 NAG H . -31.14 37.25 -0.21
O7 NAG H . -29.88 30.60 -1.83
C1 BMA H . -31.22 33.74 3.45
C2 BMA H . -31.81 34.01 4.84
C3 BMA H . -30.88 33.48 5.95
C4 BMA H . -30.43 32.03 5.65
C5 BMA H . -29.79 31.99 4.26
C6 BMA H . -29.29 30.62 3.87
O2 BMA H . -33.06 33.36 5.01
O3 BMA H . -31.50 33.55 7.22
O4 BMA H . -29.48 31.59 6.62
O5 BMA H . -30.78 32.38 3.32
O6 BMA H . -30.41 29.75 3.79
C1 MAN H . -30.13 30.72 7.56
C2 MAN H . -29.30 30.77 8.89
C3 MAN H . -28.00 29.98 8.75
C4 MAN H . -28.28 28.57 8.22
C5 MAN H . -29.00 28.67 6.88
C6 MAN H . -29.33 27.31 6.28
O2 MAN H . -30.02 30.14 9.97
O3 MAN H . -27.29 29.91 9.98
O4 MAN H . -27.06 27.86 8.05
O5 MAN H . -30.24 29.39 7.05
O6 MAN H . -30.01 26.55 7.27
C1 NAG I . -20.24 -19.19 -40.08
C2 NAG I . -20.55 -20.55 -39.47
C3 NAG I . -19.56 -20.86 -38.36
C4 NAG I . -18.13 -20.75 -38.87
C5 NAG I . -17.91 -19.41 -39.58
C6 NAG I . -16.56 -19.33 -40.27
C7 NAG I . -22.91 -21.20 -39.63
C8 NAG I . -24.26 -21.16 -38.97
N2 NAG I . -21.91 -20.60 -38.98
O3 NAG I . -19.79 -22.19 -37.88
O4 NAG I . -17.23 -20.82 -37.76
O5 NAG I . -18.90 -19.20 -40.59
O6 NAG I . -16.71 -19.13 -41.68
O7 NAG I . -22.73 -21.77 -40.71
C1 NAG I . -16.42 -22.01 -37.84
C2 NAG I . -15.28 -21.86 -36.84
C3 NAG I . -14.41 -23.11 -36.86
C4 NAG I . -15.25 -24.35 -36.60
C5 NAG I . -16.41 -24.41 -37.59
C6 NAG I . -17.37 -25.55 -37.31
C7 NAG I . -14.27 -19.72 -36.20
C8 NAG I . -13.42 -18.57 -36.65
N2 NAG I . -14.49 -20.68 -37.11
O3 NAG I . -13.39 -22.99 -35.87
O4 NAG I . -14.45 -25.53 -36.74
O5 NAG I . -17.17 -23.20 -37.53
O6 NAG I . -18.71 -25.09 -37.24
O7 NAG I . -14.74 -19.78 -35.07
C1 BMA I . -14.07 -26.03 -35.44
C2 BMA I . -13.37 -27.39 -35.63
C3 BMA I . -12.71 -27.86 -34.33
C4 BMA I . -11.89 -26.74 -33.67
C5 BMA I . -12.79 -25.51 -33.48
C6 BMA I . -12.07 -24.33 -32.83
O2 BMA I . -12.33 -27.29 -36.60
O3 BMA I . -11.91 -29.02 -34.53
O4 BMA I . -11.39 -27.15 -32.40
O5 BMA I . -13.23 -25.09 -34.78
O6 BMA I . -11.03 -23.91 -33.71
C1 MAN I . -9.98 -27.49 -32.53
C2 MAN I . -9.63 -28.49 -31.38
C3 MAN I . -9.54 -27.76 -30.04
C4 MAN I . -8.61 -26.56 -30.15
C5 MAN I . -9.12 -25.62 -31.23
C6 MAN I . -8.23 -24.40 -31.42
O2 MAN I . -8.36 -29.10 -31.58
O3 MAN I . -9.12 -28.63 -28.99
O4 MAN I . -8.56 -25.87 -28.91
O5 MAN I . -9.16 -26.33 -32.49
O6 MAN I . -6.89 -24.85 -31.59
C1 NAG J . -46.52 -1.37 -14.87
C2 NAG J . -47.13 -1.45 -13.48
C3 NAG J . -46.15 -2.13 -12.53
C4 NAG J . -45.71 -3.47 -13.08
C5 NAG J . -45.23 -3.35 -14.53
C6 NAG J . -44.98 -4.69 -15.18
C7 NAG J . -48.76 0.32 -12.98
C8 NAG J . -48.96 1.70 -12.44
N2 NAG J . -47.49 -0.13 -12.99
O3 NAG J . -46.78 -2.30 -11.26
O4 NAG J . -44.64 -3.97 -12.30
O5 NAG J . -46.21 -2.67 -15.33
O6 NAG J . -45.79 -4.86 -16.34
O7 NAG J . -49.69 -0.35 -13.40
C1 NAG J . -45.04 -5.18 -11.60
C2 NAG J . -43.78 -5.84 -11.05
C3 NAG J . -44.15 -7.10 -10.29
C4 NAG J . -45.16 -6.78 -9.19
C5 NAG J . -46.36 -6.06 -9.79
C6 NAG J . -47.35 -5.59 -8.74
C7 NAG J . -41.58 -5.71 -12.12
C8 NAG J . -40.74 -6.12 -13.29
N2 NAG J . -42.84 -6.15 -12.12
O3 NAG J . -42.96 -7.66 -9.72
O4 NAG J . -45.59 -7.98 -8.55
O5 NAG J . -45.94 -4.89 -10.51
O6 NAG J . -47.66 -4.22 -8.90
O7 NAG J . -41.13 -5.00 -11.22
C1 BMA J . -44.90 -8.15 -7.28
C2 BMA J . -45.54 -9.36 -6.55
C3 BMA J . -44.69 -9.75 -5.33
C4 BMA J . -43.19 -9.85 -5.68
C5 BMA J . -42.74 -8.52 -6.31
C6 BMA J . -41.27 -8.51 -6.69
O2 BMA J . -45.58 -10.49 -7.40
O3 BMA J . -45.15 -10.96 -4.75
O4 BMA J . -42.42 -10.10 -4.50
O5 BMA J . -43.51 -8.34 -7.51
O6 BMA J . -41.07 -9.50 -7.68
C1 MAN J . -42.04 -11.50 -4.47
C2 MAN J . -41.77 -11.87 -2.98
C3 MAN J . -40.44 -11.28 -2.51
C4 MAN J . -39.32 -11.67 -3.46
C5 MAN J . -39.65 -11.15 -4.86
C6 MAN J . -38.60 -11.50 -5.90
O2 MAN J . -41.66 -13.28 -2.80
O3 MAN J . -40.12 -11.71 -1.19
O4 MAN J . -38.09 -11.08 -3.04
O5 MAN J . -40.89 -11.74 -5.29
O6 MAN J . -38.34 -12.90 -5.81
C1 NAG K . 19.84 -11.04 -32.45
C2 NAG K . 19.94 -11.69 -33.84
C3 NAG K . 19.51 -13.15 -33.74
C4 NAG K . 20.35 -13.87 -32.70
C5 NAG K . 20.23 -13.15 -31.37
C6 NAG K . 21.13 -13.73 -30.30
C7 NAG K . 19.68 -10.28 -35.80
C8 NAG K . 18.79 -10.00 -36.98
N2 NAG K . 19.14 -10.99 -34.81
O3 NAG K . 19.64 -13.77 -35.02
O4 NAG K . 19.85 -15.20 -32.55
O5 NAG K . 20.61 -11.77 -31.51
O6 NAG K . 22.49 -13.53 -30.65
O7 NAG K . 20.84 -9.88 -35.75
N ABU L . 10.92 12.51 -26.68
CD ABU L . 10.82 12.10 -28.07
CB ABU L . 11.29 10.65 -28.20
CG ABU L . 11.03 10.18 -29.64
C ABU L . 10.67 8.70 -29.64
O ABU L . 11.51 7.83 -29.28
OXT ABU L . 9.52 8.34 -30.02
C1 NAG M . 21.35 29.77 -14.89
C2 NAG M . 22.08 30.49 -16.01
C3 NAG M . 23.23 29.64 -16.51
C4 NAG M . 24.16 29.31 -15.36
C5 NAG M . 23.36 28.61 -14.26
C6 NAG M . 24.19 28.36 -13.02
C7 NAG M . 20.90 32.13 -17.37
C8 NAG M . 20.36 32.40 -18.74
N2 NAG M . 21.21 30.86 -17.12
O3 NAG M . 23.92 30.31 -17.55
O4 NAG M . 25.18 28.42 -15.81
O5 NAG M . 22.28 29.46 -13.85
O6 NAG M . 24.58 29.58 -12.41
O7 NAG M . 21.07 33.02 -16.54
N ABU N . -3.73 30.11 -9.17
CD ABU N . -3.33 30.86 -10.34
CB ABU N . -1.83 30.67 -10.58
CG ABU N . -1.45 31.32 -11.91
C ABU N . -0.33 30.53 -12.57
O ABU N . 0.82 30.46 -12.03
OXT ABU N . -0.54 29.94 -13.67
C1 NAG O . -14.53 35.03 11.20
C2 NAG O . -14.57 36.53 10.90
C3 NAG O . -13.15 37.09 10.99
C4 NAG O . -12.53 36.78 12.35
C5 NAG O . -12.67 35.30 12.67
C6 NAG O . -12.29 34.96 14.09
C7 NAG O . -16.38 37.36 9.52
C8 NAG O . -16.56 38.38 8.45
N2 NAG O . -15.18 36.81 9.62
O3 NAG O . -13.19 38.48 10.74
O4 NAG O . -11.14 37.11 12.31
O5 NAG O . -14.05 34.89 12.52
O6 NAG O . -12.56 33.60 14.40
O7 NAG O . -17.29 37.04 10.28
N ABU P . -27.40 15.85 -0.55
CD ABU P . -27.76 17.20 -0.95
CB ABU P . -26.86 18.20 -0.25
CG ABU P . -27.13 19.59 -0.80
C ABU P . -25.85 20.42 -0.81
O ABU P . -25.28 20.73 0.26
OXT ABU P . -25.36 20.80 -1.91
N ABU Q . -3.32 -12.21 -29.10
CD ABU Q . -4.46 -12.71 -29.85
CB ABU Q . -5.22 -13.75 -29.02
CG ABU Q . -6.50 -14.12 -29.76
C ABU Q . -7.61 -14.43 -28.75
O ABU Q . -7.51 -15.40 -27.97
OXT ABU Q . -8.63 -13.69 -28.72
C1 NAG R . -16.45 -31.41 -17.28
C2 NAG R . -17.79 -31.98 -17.74
C3 NAG R . -18.67 -32.24 -16.53
C4 NAG R . -17.95 -33.10 -15.50
C5 NAG R . -16.60 -32.48 -15.16
C6 NAG R . -15.76 -33.32 -14.25
C7 NAG R . -18.55 -31.37 -19.97
C8 NAG R . -19.91 -31.28 -20.57
N2 NAG R . -18.46 -31.09 -18.67
O3 NAG R . -19.88 -32.86 -16.96
O4 NAG R . -18.73 -33.15 -14.32
O5 NAG R . -15.83 -32.32 -16.37
O6 NAG R . -14.61 -32.61 -13.78
O7 NAG R . -17.56 -31.68 -20.64
N ABU S . -27.23 -10.36 -12.88
CD ABU S . -28.55 -9.78 -13.02
CB ABU S . -29.06 -9.31 -11.66
CG ABU S . -30.37 -8.55 -11.85
C ABU S . -30.47 -7.42 -10.82
O ABU S . -30.55 -7.68 -9.59
OXT ABU S . -30.50 -6.23 -11.22
C1 NAG T . -38.37 -2.38 8.84
C2 NAG T . -39.76 -1.75 9.03
C3 NAG T . -39.70 -0.72 10.15
C4 NAG T . -39.23 -1.38 11.43
C5 NAG T . -37.87 -2.03 11.17
C6 NAG T . -37.36 -2.82 12.35
C7 NAG T . -41.32 -1.66 7.17
C8 NAG T . -42.02 -0.74 6.22
N2 NAG T . -40.28 -1.15 7.82
O3 NAG T . -40.98 -0.13 10.32
O4 NAG T . -39.08 -0.40 12.45
O5 NAG T . -37.97 -2.95 10.08
O6 NAG T . -38.21 -3.93 12.61
O7 NAG T . -41.67 -2.83 7.34
#